data_1HFX
# 
_entry.id   1HFX 
# 
_audit_conform.dict_name       mmcif_pdbx.dic 
_audit_conform.dict_version    5.399 
_audit_conform.dict_location   http://mmcif.pdb.org/dictionaries/ascii/mmcif_pdbx.dic 
# 
loop_
_database_2.database_id 
_database_2.database_code 
_database_2.pdbx_database_accession 
_database_2.pdbx_DOI 
PDB   1HFX         pdb_00001hfx 10.2210/pdb1hfx/pdb 
WWPDB D_1000173834 ?            ?                   
# 
loop_
_pdbx_audit_revision_history.ordinal 
_pdbx_audit_revision_history.data_content_type 
_pdbx_audit_revision_history.major_revision 
_pdbx_audit_revision_history.minor_revision 
_pdbx_audit_revision_history.revision_date 
1 'Structure model' 1 0 1997-07-07 
2 'Structure model' 1 1 2008-03-24 
3 'Structure model' 1 2 2011-07-13 
4 'Structure model' 1 3 2024-04-03 
5 'Structure model' 1 4 2024-11-20 
# 
_pdbx_audit_revision_details.ordinal             1 
_pdbx_audit_revision_details.revision_ordinal    1 
_pdbx_audit_revision_details.data_content_type   'Structure model' 
_pdbx_audit_revision_details.provider            repository 
_pdbx_audit_revision_details.type                'Initial release' 
_pdbx_audit_revision_details.description         ? 
_pdbx_audit_revision_details.details             ? 
# 
loop_
_pdbx_audit_revision_group.ordinal 
_pdbx_audit_revision_group.revision_ordinal 
_pdbx_audit_revision_group.data_content_type 
_pdbx_audit_revision_group.group 
1 2 'Structure model' 'Version format compliance' 
2 3 'Structure model' 'Version format compliance' 
3 4 'Structure model' 'Data collection'           
4 4 'Structure model' 'Database references'       
5 4 'Structure model' 'Derived calculations'      
6 4 'Structure model' Other                       
7 4 'Structure model' 'Refinement description'    
8 5 'Structure model' 'Structure summary'         
# 
loop_
_pdbx_audit_revision_category.ordinal 
_pdbx_audit_revision_category.revision_ordinal 
_pdbx_audit_revision_category.data_content_type 
_pdbx_audit_revision_category.category 
1  4 'Structure model' chem_comp_atom                
2  4 'Structure model' chem_comp_bond                
3  4 'Structure model' database_2                    
4  4 'Structure model' pdbx_database_status          
5  4 'Structure model' pdbx_initial_refinement_model 
6  4 'Structure model' pdbx_struct_conn_angle        
7  4 'Structure model' struct_conn                   
8  4 'Structure model' struct_site                   
9  5 'Structure model' pdbx_entry_details            
10 5 'Structure model' pdbx_modification_feature     
# 
loop_
_pdbx_audit_revision_item.ordinal 
_pdbx_audit_revision_item.revision_ordinal 
_pdbx_audit_revision_item.data_content_type 
_pdbx_audit_revision_item.item 
1  4 'Structure model' '_database_2.pdbx_DOI'                        
2  4 'Structure model' '_database_2.pdbx_database_accession'         
3  4 'Structure model' '_pdbx_database_status.process_site'          
4  4 'Structure model' '_pdbx_struct_conn_angle.ptnr1_auth_seq_id'   
5  4 'Structure model' '_pdbx_struct_conn_angle.ptnr1_label_atom_id' 
6  4 'Structure model' '_pdbx_struct_conn_angle.ptnr1_label_seq_id'  
7  4 'Structure model' '_pdbx_struct_conn_angle.ptnr3_auth_seq_id'   
8  4 'Structure model' '_pdbx_struct_conn_angle.ptnr3_label_atom_id' 
9  4 'Structure model' '_pdbx_struct_conn_angle.ptnr3_label_seq_id'  
10 4 'Structure model' '_pdbx_struct_conn_angle.value'               
11 4 'Structure model' '_struct_conn.pdbx_dist_value'                
12 4 'Structure model' '_struct_conn.ptnr1_auth_comp_id'             
13 4 'Structure model' '_struct_conn.ptnr1_auth_seq_id'              
14 4 'Structure model' '_struct_conn.ptnr1_label_asym_id'            
15 4 'Structure model' '_struct_conn.ptnr1_label_atom_id'            
16 4 'Structure model' '_struct_conn.ptnr1_label_comp_id'            
17 4 'Structure model' '_struct_conn.ptnr1_label_seq_id'             
18 4 'Structure model' '_struct_conn.ptnr2_auth_comp_id'             
19 4 'Structure model' '_struct_conn.ptnr2_auth_seq_id'              
20 4 'Structure model' '_struct_conn.ptnr2_label_asym_id'            
21 4 'Structure model' '_struct_conn.ptnr2_label_atom_id'            
22 4 'Structure model' '_struct_conn.ptnr2_label_comp_id'            
23 4 'Structure model' '_struct_conn.ptnr2_label_seq_id'             
24 4 'Structure model' '_struct_site.pdbx_auth_asym_id'              
25 4 'Structure model' '_struct_site.pdbx_auth_comp_id'              
26 4 'Structure model' '_struct_site.pdbx_auth_seq_id'               
# 
_pdbx_database_status.status_code                     REL 
_pdbx_database_status.entry_id                        1HFX 
_pdbx_database_status.recvd_initial_deposition_date   1996-06-13 
_pdbx_database_status.deposit_site                    ? 
_pdbx_database_status.process_site                    BNL 
_pdbx_database_status.SG_entry                        . 
_pdbx_database_status.pdb_format_compatible           Y 
_pdbx_database_status.status_code_mr                  ? 
_pdbx_database_status.status_code_sf                  ? 
_pdbx_database_status.status_code_cs                  ? 
_pdbx_database_status.status_code_nmr_data            ? 
_pdbx_database_status.methods_development_category    ? 
# 
loop_
_audit_author.name 
_audit_author.pdbx_ordinal 
'Pike, A.C.W.'  1 
'Brew, K.'      2 
'Acharya, K.R.' 3 
# 
loop_
_citation.id 
_citation.title 
_citation.journal_abbrev 
_citation.journal_volume 
_citation.page_first 
_citation.page_last 
_citation.year 
_citation.journal_id_ASTM 
_citation.country 
_citation.journal_id_ISSN 
_citation.journal_id_CSD 
_citation.book_publisher 
_citation.pdbx_database_id_PubMed 
_citation.pdbx_database_id_DOI 
primary 
;Crystal structures of guinea-pig, goat and bovine alpha-lactalbumin highlight the enhanced conformational flexibility of regions that are significant for its action in lactose synthase.
;
Structure   4   691 703 1996 STRUE6 UK 0969-2126 2005 ? 8805552 '10.1016/S0969-2126(96)00075-5' 
1       'Crystal Structure of Human Alpha-Lactalbumin at 1.7 A Resolution' J.Mol.Biol. 221 571 ?   1991 JMOBAK UK 0022-2836 0070 ? 
?       ?                               
2       'Refined Structure of Baboon Alpha-Lactalbumin at 1.7 A Resolution. Comparison with C-Type Lysozyme' J.Mol.Biol. 208 99  ? 
1989 JMOBAK UK 0022-2836 0070 ? ?       ?                               
# 
loop_
_citation_author.citation_id 
_citation_author.name 
_citation_author.ordinal 
_citation_author.identifier_ORCID 
primary 'Pike, A.C.'     1  ? 
primary 'Brew, K.'       2  ? 
primary 'Acharya, K.R.'  3  ? 
1       'Acharya, K.R.'  4  ? 
1       'Ren, J.S.'      5  ? 
1       'Stuart, D.I.'   6  ? 
1       'Phillips, D.C.' 7  ? 
1       'Fenna, R.E.'    8  ? 
2       'Acharya, K.R.'  9  ? 
2       'Stuart, D.I.'   10 ? 
2       'Walker, N.P.'   11 ? 
2       'Lewis, M.'      12 ? 
2       'Phillips, D.C.' 13 ? 
# 
loop_
_entity.id 
_entity.type 
_entity.src_method 
_entity.pdbx_description 
_entity.formula_weight 
_entity.pdbx_number_of_molecules 
_entity.pdbx_ec 
_entity.pdbx_mutation 
_entity.pdbx_fragment 
_entity.details 
1 polymer     nat ALPHA-LACTALBUMIN 14240.159 1  2.4.1.22 ? ? ? 
2 non-polymer syn 'CALCIUM ION'     40.078    1  ?        ? ? ? 
3 water       nat water             18.015    73 ?        ? ? ? 
# 
_entity_poly.entity_id                      1 
_entity_poly.type                           'polypeptide(L)' 
_entity_poly.nstd_linkage                   no 
_entity_poly.nstd_monomer                   no 
_entity_poly.pdbx_seq_one_letter_code       
;KQLTKCALSHELNDLAGYRDITLPEWLCIIFHISGYDTQAIVKNSDHKEYGLFQINDKDFCESSTTVQSRNICDISCDKL
LDDDLTDDIMCVKKILDIKGIDYWLAHKPLCSDKLEQWYCEAQ
;
_entity_poly.pdbx_seq_one_letter_code_can   
;KQLTKCALSHELNDLAGYRDITLPEWLCIIFHISGYDTQAIVKNSDHKEYGLFQINDKDFCESSTTVQSRNICDISCDKL
LDDDLTDDIMCVKKILDIKGIDYWLAHKPLCSDKLEQWYCEAQ
;
_entity_poly.pdbx_strand_id                 A 
_entity_poly.pdbx_target_identifier         ? 
# 
loop_
_pdbx_entity_nonpoly.entity_id 
_pdbx_entity_nonpoly.name 
_pdbx_entity_nonpoly.comp_id 
2 'CALCIUM ION' CA  
3 water         HOH 
# 
loop_
_entity_poly_seq.entity_id 
_entity_poly_seq.num 
_entity_poly_seq.mon_id 
_entity_poly_seq.hetero 
1 1   LYS n 
1 2   GLN n 
1 3   LEU n 
1 4   THR n 
1 5   LYS n 
1 6   CYS n 
1 7   ALA n 
1 8   LEU n 
1 9   SER n 
1 10  HIS n 
1 11  GLU n 
1 12  LEU n 
1 13  ASN n 
1 14  ASP n 
1 15  LEU n 
1 16  ALA n 
1 17  GLY n 
1 18  TYR n 
1 19  ARG n 
1 20  ASP n 
1 21  ILE n 
1 22  THR n 
1 23  LEU n 
1 24  PRO n 
1 25  GLU n 
1 26  TRP n 
1 27  LEU n 
1 28  CYS n 
1 29  ILE n 
1 30  ILE n 
1 31  PHE n 
1 32  HIS n 
1 33  ILE n 
1 34  SER n 
1 35  GLY n 
1 36  TYR n 
1 37  ASP n 
1 38  THR n 
1 39  GLN n 
1 40  ALA n 
1 41  ILE n 
1 42  VAL n 
1 43  LYS n 
1 44  ASN n 
1 45  SER n 
1 46  ASP n 
1 47  HIS n 
1 48  LYS n 
1 49  GLU n 
1 50  TYR n 
1 51  GLY n 
1 52  LEU n 
1 53  PHE n 
1 54  GLN n 
1 55  ILE n 
1 56  ASN n 
1 57  ASP n 
1 58  LYS n 
1 59  ASP n 
1 60  PHE n 
1 61  CYS n 
1 62  GLU n 
1 63  SER n 
1 64  SER n 
1 65  THR n 
1 66  THR n 
1 67  VAL n 
1 68  GLN n 
1 69  SER n 
1 70  ARG n 
1 71  ASN n 
1 72  ILE n 
1 73  CYS n 
1 74  ASP n 
1 75  ILE n 
1 76  SER n 
1 77  CYS n 
1 78  ASP n 
1 79  LYS n 
1 80  LEU n 
1 81  LEU n 
1 82  ASP n 
1 83  ASP n 
1 84  ASP n 
1 85  LEU n 
1 86  THR n 
1 87  ASP n 
1 88  ASP n 
1 89  ILE n 
1 90  MET n 
1 91  CYS n 
1 92  VAL n 
1 93  LYS n 
1 94  LYS n 
1 95  ILE n 
1 96  LEU n 
1 97  ASP n 
1 98  ILE n 
1 99  LYS n 
1 100 GLY n 
1 101 ILE n 
1 102 ASP n 
1 103 TYR n 
1 104 TRP n 
1 105 LEU n 
1 106 ALA n 
1 107 HIS n 
1 108 LYS n 
1 109 PRO n 
1 110 LEU n 
1 111 CYS n 
1 112 SER n 
1 113 ASP n 
1 114 LYS n 
1 115 LEU n 
1 116 GLU n 
1 117 GLN n 
1 118 TRP n 
1 119 TYR n 
1 120 CYS n 
1 121 GLU n 
1 122 ALA n 
1 123 GLN n 
# 
_entity_src_nat.entity_id                  1 
_entity_src_nat.pdbx_src_id                1 
_entity_src_nat.pdbx_alt_source_flag       sample 
_entity_src_nat.pdbx_beg_seq_num           ? 
_entity_src_nat.pdbx_end_seq_num           ? 
_entity_src_nat.common_name                'domestic guinea pig' 
_entity_src_nat.pdbx_organism_scientific   'Cavia porcellus' 
_entity_src_nat.pdbx_ncbi_taxonomy_id      10141 
_entity_src_nat.genus                      Cavia 
_entity_src_nat.species                    ? 
_entity_src_nat.strain                     ? 
_entity_src_nat.tissue                     ? 
_entity_src_nat.tissue_fraction            ? 
_entity_src_nat.pdbx_secretion             MILK 
_entity_src_nat.pdbx_fragment              ? 
_entity_src_nat.pdbx_variant               ? 
_entity_src_nat.pdbx_cell_line             ? 
_entity_src_nat.pdbx_atcc                  ? 
_entity_src_nat.pdbx_cellular_location     ? 
_entity_src_nat.pdbx_organ                 ? 
_entity_src_nat.pdbx_organelle             ? 
_entity_src_nat.pdbx_cell                  ? 
_entity_src_nat.pdbx_plasmid_name          ? 
_entity_src_nat.pdbx_plasmid_details       ? 
_entity_src_nat.details                    ? 
# 
loop_
_chem_comp.id 
_chem_comp.type 
_chem_comp.mon_nstd_flag 
_chem_comp.name 
_chem_comp.pdbx_synonyms 
_chem_comp.formula 
_chem_comp.formula_weight 
ALA 'L-peptide linking' y ALANINE         ? 'C3 H7 N O2'     89.093  
ARG 'L-peptide linking' y ARGININE        ? 'C6 H15 N4 O2 1' 175.209 
ASN 'L-peptide linking' y ASPARAGINE      ? 'C4 H8 N2 O3'    132.118 
ASP 'L-peptide linking' y 'ASPARTIC ACID' ? 'C4 H7 N O4'     133.103 
CA  non-polymer         . 'CALCIUM ION'   ? 'Ca 2'           40.078  
CYS 'L-peptide linking' y CYSTEINE        ? 'C3 H7 N O2 S'   121.158 
GLN 'L-peptide linking' y GLUTAMINE       ? 'C5 H10 N2 O3'   146.144 
GLU 'L-peptide linking' y 'GLUTAMIC ACID' ? 'C5 H9 N O4'     147.129 
GLY 'peptide linking'   y GLYCINE         ? 'C2 H5 N O2'     75.067  
HIS 'L-peptide linking' y HISTIDINE       ? 'C6 H10 N3 O2 1' 156.162 
HOH non-polymer         . WATER           ? 'H2 O'           18.015  
ILE 'L-peptide linking' y ISOLEUCINE      ? 'C6 H13 N O2'    131.173 
LEU 'L-peptide linking' y LEUCINE         ? 'C6 H13 N O2'    131.173 
LYS 'L-peptide linking' y LYSINE          ? 'C6 H15 N2 O2 1' 147.195 
MET 'L-peptide linking' y METHIONINE      ? 'C5 H11 N O2 S'  149.211 
PHE 'L-peptide linking' y PHENYLALANINE   ? 'C9 H11 N O2'    165.189 
PRO 'L-peptide linking' y PROLINE         ? 'C5 H9 N O2'     115.130 
SER 'L-peptide linking' y SERINE          ? 'C3 H7 N O3'     105.093 
THR 'L-peptide linking' y THREONINE       ? 'C4 H9 N O3'     119.119 
TRP 'L-peptide linking' y TRYPTOPHAN      ? 'C11 H12 N2 O2'  204.225 
TYR 'L-peptide linking' y TYROSINE        ? 'C9 H11 N O3'    181.189 
VAL 'L-peptide linking' y VALINE          ? 'C5 H11 N O2'    117.146 
# 
loop_
_pdbx_poly_seq_scheme.asym_id 
_pdbx_poly_seq_scheme.entity_id 
_pdbx_poly_seq_scheme.seq_id 
_pdbx_poly_seq_scheme.mon_id 
_pdbx_poly_seq_scheme.ndb_seq_num 
_pdbx_poly_seq_scheme.pdb_seq_num 
_pdbx_poly_seq_scheme.auth_seq_num 
_pdbx_poly_seq_scheme.pdb_mon_id 
_pdbx_poly_seq_scheme.auth_mon_id 
_pdbx_poly_seq_scheme.pdb_strand_id 
_pdbx_poly_seq_scheme.pdb_ins_code 
_pdbx_poly_seq_scheme.hetero 
A 1 1   LYS 1   1   1   LYS LYS A . n 
A 1 2   GLN 2   2   2   GLN GLN A . n 
A 1 3   LEU 3   3   3   LEU LEU A . n 
A 1 4   THR 4   4   4   THR THR A . n 
A 1 5   LYS 5   5   5   LYS LYS A . n 
A 1 6   CYS 6   6   6   CYS CYS A . n 
A 1 7   ALA 7   7   7   ALA ALA A . n 
A 1 8   LEU 8   8   8   LEU LEU A . n 
A 1 9   SER 9   9   9   SER SER A . n 
A 1 10  HIS 10  10  10  HIS HIS A . n 
A 1 11  GLU 11  11  11  GLU GLU A . n 
A 1 12  LEU 12  12  12  LEU LEU A . n 
A 1 13  ASN 13  13  13  ASN ASN A . n 
A 1 14  ASP 14  14  14  ASP ASP A . n 
A 1 15  LEU 15  15  15  LEU LEU A . n 
A 1 16  ALA 16  16  16  ALA ALA A . n 
A 1 17  GLY 17  17  17  GLY GLY A . n 
A 1 18  TYR 18  18  18  TYR TYR A . n 
A 1 19  ARG 19  19  19  ARG ARG A . n 
A 1 20  ASP 20  20  20  ASP ASP A . n 
A 1 21  ILE 21  21  21  ILE ILE A . n 
A 1 22  THR 22  22  22  THR THR A . n 
A 1 23  LEU 23  23  23  LEU LEU A . n 
A 1 24  PRO 24  24  24  PRO PRO A . n 
A 1 25  GLU 25  25  25  GLU GLU A . n 
A 1 26  TRP 26  26  26  TRP TRP A . n 
A 1 27  LEU 27  27  27  LEU LEU A . n 
A 1 28  CYS 28  28  28  CYS CYS A . n 
A 1 29  ILE 29  29  29  ILE ILE A . n 
A 1 30  ILE 30  30  30  ILE ILE A . n 
A 1 31  PHE 31  31  31  PHE PHE A . n 
A 1 32  HIS 32  32  32  HIS HIS A . n 
A 1 33  ILE 33  33  33  ILE ILE A . n 
A 1 34  SER 34  34  34  SER SER A . n 
A 1 35  GLY 35  35  35  GLY GLY A . n 
A 1 36  TYR 36  36  36  TYR TYR A . n 
A 1 37  ASP 37  37  37  ASP ASP A . n 
A 1 38  THR 38  38  38  THR THR A . n 
A 1 39  GLN 39  39  39  GLN GLN A . n 
A 1 40  ALA 40  40  40  ALA ALA A . n 
A 1 41  ILE 41  41  41  ILE ILE A . n 
A 1 42  VAL 42  42  42  VAL VAL A . n 
A 1 43  LYS 43  43  43  LYS LYS A . n 
A 1 44  ASN 44  44  44  ASN ASN A . n 
A 1 45  SER 45  45  45  SER SER A . n 
A 1 46  ASP 46  46  46  ASP ASP A . n 
A 1 47  HIS 47  47  47  HIS HIS A . n 
A 1 48  LYS 48  48  48  LYS LYS A . n 
A 1 49  GLU 49  49  49  GLU GLU A . n 
A 1 50  TYR 50  50  50  TYR TYR A . n 
A 1 51  GLY 51  51  51  GLY GLY A . n 
A 1 52  LEU 52  52  52  LEU LEU A . n 
A 1 53  PHE 53  53  53  PHE PHE A . n 
A 1 54  GLN 54  54  54  GLN GLN A . n 
A 1 55  ILE 55  55  55  ILE ILE A . n 
A 1 56  ASN 56  56  56  ASN ASN A . n 
A 1 57  ASP 57  57  57  ASP ASP A . n 
A 1 58  LYS 58  58  58  LYS LYS A . n 
A 1 59  ASP 59  59  59  ASP ASP A . n 
A 1 60  PHE 60  60  60  PHE PHE A . n 
A 1 61  CYS 61  61  61  CYS CYS A . n 
A 1 62  GLU 62  62  62  GLU GLU A . n 
A 1 63  SER 63  63  63  SER SER A . n 
A 1 64  SER 64  64  64  SER SER A . n 
A 1 65  THR 65  65  65  THR THR A . n 
A 1 66  THR 66  66  66  THR THR A . n 
A 1 67  VAL 67  67  67  VAL VAL A . n 
A 1 68  GLN 68  68  68  GLN GLN A . n 
A 1 69  SER 69  69  69  SER SER A . n 
A 1 70  ARG 70  70  70  ARG ARG A . n 
A 1 71  ASN 71  71  71  ASN ASN A . n 
A 1 72  ILE 72  72  72  ILE ILE A . n 
A 1 73  CYS 73  73  73  CYS CYS A . n 
A 1 74  ASP 74  74  74  ASP ASP A . n 
A 1 75  ILE 75  75  75  ILE ILE A . n 
A 1 76  SER 76  76  76  SER SER A . n 
A 1 77  CYS 77  77  77  CYS CYS A . n 
A 1 78  ASP 78  78  78  ASP ASP A . n 
A 1 79  LYS 79  79  79  LYS LYS A . n 
A 1 80  LEU 80  80  80  LEU LEU A . n 
A 1 81  LEU 81  81  81  LEU LEU A . n 
A 1 82  ASP 82  82  82  ASP ASP A . n 
A 1 83  ASP 83  83  83  ASP ASP A . n 
A 1 84  ASP 84  84  84  ASP ASP A . n 
A 1 85  LEU 85  85  85  LEU LEU A . n 
A 1 86  THR 86  86  86  THR THR A . n 
A 1 87  ASP 87  87  87  ASP ASP A . n 
A 1 88  ASP 88  88  88  ASP ASP A . n 
A 1 89  ILE 89  89  89  ILE ILE A . n 
A 1 90  MET 90  90  90  MET MET A . n 
A 1 91  CYS 91  91  91  CYS CYS A . n 
A 1 92  VAL 92  92  92  VAL VAL A . n 
A 1 93  LYS 93  93  93  LYS LYS A . n 
A 1 94  LYS 94  94  94  LYS LYS A . n 
A 1 95  ILE 95  95  95  ILE ILE A . n 
A 1 96  LEU 96  96  96  LEU LEU A . n 
A 1 97  ASP 97  97  97  ASP ASP A . n 
A 1 98  ILE 98  98  98  ILE ILE A . n 
A 1 99  LYS 99  99  99  LYS LYS A . n 
A 1 100 GLY 100 100 100 GLY GLY A . n 
A 1 101 ILE 101 101 101 ILE ILE A . n 
A 1 102 ASP 102 102 102 ASP ASP A . n 
A 1 103 TYR 103 103 103 TYR TYR A . n 
A 1 104 TRP 104 104 104 TRP TRP A . n 
A 1 105 LEU 105 105 105 LEU LEU A . n 
A 1 106 ALA 106 106 106 ALA ALA A . n 
A 1 107 HIS 107 107 107 HIS HIS A . n 
A 1 108 LYS 108 108 108 LYS LYS A . n 
A 1 109 PRO 109 109 109 PRO PRO A . n 
A 1 110 LEU 110 110 110 LEU LEU A . n 
A 1 111 CYS 111 111 111 CYS CYS A . n 
A 1 112 SER 112 112 112 SER SER A . n 
A 1 113 ASP 113 113 113 ASP ASP A . n 
A 1 114 LYS 114 114 114 LYS LYS A . n 
A 1 115 LEU 115 115 115 LEU LEU A . n 
A 1 116 GLU 116 116 116 GLU GLU A . n 
A 1 117 GLN 117 117 117 GLN GLN A . n 
A 1 118 TRP 118 118 118 TRP TRP A . n 
A 1 119 TYR 119 119 119 TYR TYR A . n 
A 1 120 CYS 120 120 120 CYS CYS A . n 
A 1 121 GLU 121 121 121 GLU GLU A . n 
A 1 122 ALA 122 122 122 ALA ALA A . n 
A 1 123 GLN 123 123 123 GLN GLN A . n 
# 
loop_
_pdbx_nonpoly_scheme.asym_id 
_pdbx_nonpoly_scheme.entity_id 
_pdbx_nonpoly_scheme.mon_id 
_pdbx_nonpoly_scheme.ndb_seq_num 
_pdbx_nonpoly_scheme.pdb_seq_num 
_pdbx_nonpoly_scheme.auth_seq_num 
_pdbx_nonpoly_scheme.pdb_mon_id 
_pdbx_nonpoly_scheme.auth_mon_id 
_pdbx_nonpoly_scheme.pdb_strand_id 
_pdbx_nonpoly_scheme.pdb_ins_code 
B 2 CA  1  124 124 CA  CA  A . 
C 3 HOH 1  125 125 HOH HOH A . 
C 3 HOH 2  126 126 HOH HOH A . 
C 3 HOH 3  127 127 HOH HOH A . 
C 3 HOH 4  128 128 HOH HOH A . 
C 3 HOH 5  129 129 HOH HOH A . 
C 3 HOH 6  130 130 HOH HOH A . 
C 3 HOH 7  131 131 HOH HOH A . 
C 3 HOH 8  132 132 HOH HOH A . 
C 3 HOH 9  133 133 HOH HOH A . 
C 3 HOH 10 134 134 HOH HOH A . 
C 3 HOH 11 135 135 HOH HOH A . 
C 3 HOH 12 136 136 HOH HOH A . 
C 3 HOH 13 137 137 HOH HOH A . 
C 3 HOH 14 138 138 HOH HOH A . 
C 3 HOH 15 139 139 HOH HOH A . 
C 3 HOH 16 140 140 HOH HOH A . 
C 3 HOH 17 141 141 HOH HOH A . 
C 3 HOH 18 142 142 HOH HOH A . 
C 3 HOH 19 143 143 HOH HOH A . 
C 3 HOH 20 144 144 HOH HOH A . 
C 3 HOH 21 145 145 HOH HOH A . 
C 3 HOH 22 146 146 HOH HOH A . 
C 3 HOH 23 147 147 HOH HOH A . 
C 3 HOH 24 148 148 HOH HOH A . 
C 3 HOH 25 149 149 HOH HOH A . 
C 3 HOH 26 150 150 HOH HOH A . 
C 3 HOH 27 151 151 HOH HOH A . 
C 3 HOH 28 152 152 HOH HOH A . 
C 3 HOH 29 153 153 HOH HOH A . 
C 3 HOH 30 154 154 HOH HOH A . 
C 3 HOH 31 155 155 HOH HOH A . 
C 3 HOH 32 156 156 HOH HOH A . 
C 3 HOH 33 157 157 HOH HOH A . 
C 3 HOH 34 158 158 HOH HOH A . 
C 3 HOH 35 159 159 HOH HOH A . 
C 3 HOH 36 160 160 HOH HOH A . 
C 3 HOH 37 161 161 HOH HOH A . 
C 3 HOH 38 162 162 HOH HOH A . 
C 3 HOH 39 163 163 HOH HOH A . 
C 3 HOH 40 164 164 HOH HOH A . 
C 3 HOH 41 165 165 HOH HOH A . 
C 3 HOH 42 166 166 HOH HOH A . 
C 3 HOH 43 167 167 HOH HOH A . 
C 3 HOH 44 168 168 HOH HOH A . 
C 3 HOH 45 169 169 HOH HOH A . 
C 3 HOH 46 170 170 HOH HOH A . 
C 3 HOH 47 171 171 HOH HOH A . 
C 3 HOH 48 172 172 HOH HOH A . 
C 3 HOH 49 173 173 HOH HOH A . 
C 3 HOH 50 174 174 HOH HOH A . 
C 3 HOH 51 175 175 HOH HOH A . 
C 3 HOH 52 176 176 HOH HOH A . 
C 3 HOH 53 177 177 HOH HOH A . 
C 3 HOH 54 178 178 HOH HOH A . 
C 3 HOH 55 179 179 HOH HOH A . 
C 3 HOH 56 180 180 HOH HOH A . 
C 3 HOH 57 181 181 HOH HOH A . 
C 3 HOH 58 182 182 HOH HOH A . 
C 3 HOH 59 183 183 HOH HOH A . 
C 3 HOH 60 184 184 HOH HOH A . 
C 3 HOH 61 185 185 HOH HOH A . 
C 3 HOH 62 186 186 HOH HOH A . 
C 3 HOH 63 187 187 HOH HOH A . 
C 3 HOH 64 188 188 HOH HOH A . 
C 3 HOH 65 189 189 HOH HOH A . 
C 3 HOH 66 190 190 HOH HOH A . 
C 3 HOH 67 191 191 HOH HOH A . 
C 3 HOH 68 192 192 HOH HOH A . 
C 3 HOH 69 193 193 HOH HOH A . 
C 3 HOH 70 194 194 HOH HOH A . 
C 3 HOH 71 195 195 HOH HOH A . 
C 3 HOH 72 196 196 HOH HOH A . 
C 3 HOH 73 197 197 HOH HOH A . 
# 
loop_
_software.name 
_software.classification 
_software.version 
_software.citation_id 
_software.pdbx_ordinal 
XENGEN 'data collection' .   ? 1 
X-PLOR 'model building'  3.1 ? 2 
X-PLOR refinement        3.1 ? 3 
XENGEN 'data reduction'  .   ? 4 
X-PLOR phasing           3.1 ? 5 
# 
_cell.entry_id           1HFX 
_cell.length_a           32.590 
_cell.length_b           64.870 
_cell.length_c           49.000 
_cell.angle_alpha        90.00 
_cell.angle_beta         90.00 
_cell.angle_gamma        90.00 
_cell.Z_PDB              4 
_cell.pdbx_unique_axis   ? 
# 
_symmetry.entry_id                         1HFX 
_symmetry.space_group_name_H-M             'P 21 21 21' 
_symmetry.pdbx_full_space_group_name_H-M   ? 
_symmetry.cell_setting                     ? 
_symmetry.Int_Tables_number                19 
# 
_exptl.entry_id          1HFX 
_exptl.method            'X-RAY DIFFRACTION' 
_exptl.crystals_number   2 
# 
_exptl_crystal.id                    1 
_exptl_crystal.density_meas          ? 
_exptl_crystal.density_Matthews      1.82 
_exptl_crystal.density_percent_sol   32.0 
_exptl_crystal.description           ? 
# 
_exptl_crystal_grow.crystal_id      1 
_exptl_crystal_grow.method          ? 
_exptl_crystal_grow.temp            293 
_exptl_crystal_grow.temp_details    ? 
_exptl_crystal_grow.pH              4.6 
_exptl_crystal_grow.pdbx_pH_range   ? 
_exptl_crystal_grow.pdbx_details    
'0.2M AMMONIUM SULFATE, 20-25% (W/V) PEG 4000, 0.1M SODIUM ACETATE PH4.6, 20MG/ML PROTEIN 20 DEGREES C, temperature 293K' 
# 
_diffrn.id                     1 
_diffrn.ambient_temp           298 
_diffrn.ambient_temp_details   ? 
_diffrn.crystal_id             1 
# 
_diffrn_detector.diffrn_id              1 
_diffrn_detector.detector               ? 
_diffrn_detector.type                   SIEMENS 
_diffrn_detector.pdbx_collection_date   1992-02-01 
_diffrn_detector.details                ? 
# 
_diffrn_radiation.diffrn_id                        1 
_diffrn_radiation.wavelength_id                    1 
_diffrn_radiation.pdbx_monochromatic_or_laue_m_l   M 
_diffrn_radiation.monochromator                    ? 
_diffrn_radiation.pdbx_diffrn_protocol             ? 
_diffrn_radiation.pdbx_scattering_type             x-ray 
# 
_diffrn_radiation_wavelength.id           1 
_diffrn_radiation_wavelength.wavelength   1.5418 
_diffrn_radiation_wavelength.wt           1.0 
# 
_diffrn_source.diffrn_id                   1 
_diffrn_source.source                      ? 
_diffrn_source.type                        ? 
_diffrn_source.pdbx_synchrotron_site       ? 
_diffrn_source.pdbx_synchrotron_beamline   ? 
_diffrn_source.pdbx_wavelength             1.5418 
_diffrn_source.pdbx_wavelength_list        ? 
# 
_reflns.entry_id                     1HFX 
_reflns.observed_criterion_sigma_I   0.0 
_reflns.observed_criterion_sigma_F   ? 
_reflns.d_resolution_low             39.1 
_reflns.d_resolution_high            1.9 
_reflns.number_obs                   8003 
_reflns.number_all                   ? 
_reflns.percent_possible_obs         88.0 
_reflns.pdbx_Rmerge_I_obs            0.083 
_reflns.pdbx_Rsym_value              ? 
_reflns.pdbx_netI_over_sigmaI        ? 
_reflns.B_iso_Wilson_estimate        ? 
_reflns.pdbx_redundancy              6.0 
_reflns.pdbx_diffrn_id               1 
_reflns.pdbx_ordinal                 1 
# 
_refine.entry_id                                 1HFX 
_refine.ls_number_reflns_obs                     7694 
_refine.ls_number_reflns_all                     ? 
_refine.pdbx_ls_sigma_I                          ? 
_refine.pdbx_ls_sigma_F                          0.0 
_refine.pdbx_data_cutoff_high_absF               ? 
_refine.pdbx_data_cutoff_low_absF                ? 
_refine.pdbx_data_cutoff_high_rms_absF           ? 
_refine.ls_d_res_low                             8. 
_refine.ls_d_res_high                            1.9 
_refine.ls_percent_reflns_obs                    ? 
_refine.ls_R_factor_obs                          0.179 
_refine.ls_R_factor_all                          ? 
_refine.ls_R_factor_R_work                       0.179 
_refine.ls_R_factor_R_free                       ? 
_refine.ls_R_factor_R_free_error                 ? 
_refine.ls_R_factor_R_free_error_details         ? 
_refine.ls_percent_reflns_R_free                 ? 
_refine.ls_number_reflns_R_free                  ? 
_refine.ls_number_parameters                     ? 
_refine.ls_number_restraints                     ? 
_refine.occupancy_min                            ? 
_refine.occupancy_max                            ? 
_refine.B_iso_mean                               20.08 
_refine.aniso_B[1][1]                            ? 
_refine.aniso_B[2][2]                            ? 
_refine.aniso_B[3][3]                            ? 
_refine.aniso_B[1][2]                            ? 
_refine.aniso_B[1][3]                            ? 
_refine.aniso_B[2][3]                            ? 
_refine.solvent_model_details                    ? 
_refine.solvent_model_param_ksol                 ? 
_refine.solvent_model_param_bsol                 ? 
_refine.pdbx_ls_cross_valid_method               ? 
_refine.details                                  ? 
_refine.pdbx_starting_model                      'HUMAN ALPHA-LACTALBUMIN' 
_refine.pdbx_method_to_determine_struct          'MOLECULAR REPLACEMENT' 
_refine.pdbx_isotropic_thermal_model             ? 
_refine.pdbx_stereochemistry_target_values       ? 
_refine.pdbx_stereochem_target_val_spec_case     ? 
_refine.pdbx_R_Free_selection_details            ? 
_refine.pdbx_overall_ESU_R                       ? 
_refine.pdbx_overall_ESU_R_Free                  ? 
_refine.overall_SU_ML                            ? 
_refine.overall_SU_B                             ? 
_refine.pdbx_refine_id                           'X-RAY DIFFRACTION' 
_refine.pdbx_diffrn_id                           1 
_refine.pdbx_TLS_residual_ADP_flag               ? 
_refine.correlation_coeff_Fo_to_Fc               ? 
_refine.correlation_coeff_Fo_to_Fc_free          ? 
_refine.pdbx_solvent_vdw_probe_radii             ? 
_refine.pdbx_solvent_ion_probe_radii             ? 
_refine.pdbx_solvent_shrinkage_radii             ? 
_refine.pdbx_overall_phase_error                 ? 
_refine.overall_SU_R_Cruickshank_DPI             ? 
_refine.pdbx_overall_SU_R_free_Cruickshank_DPI   ? 
_refine.pdbx_overall_SU_R_Blow_DPI               ? 
_refine.pdbx_overall_SU_R_free_Blow_DPI          ? 
# 
_refine_analyze.entry_id                        1HFX 
_refine_analyze.Luzzati_coordinate_error_obs    ? 
_refine_analyze.Luzzati_sigma_a_obs             0.19 
_refine_analyze.Luzzati_d_res_low_obs           5. 
_refine_analyze.Luzzati_coordinate_error_free   ? 
_refine_analyze.Luzzati_sigma_a_free            ? 
_refine_analyze.Luzzati_d_res_low_free          ? 
_refine_analyze.number_disordered_residues      ? 
_refine_analyze.occupancy_sum_hydrogen          ? 
_refine_analyze.occupancy_sum_non_hydrogen      ? 
_refine_analyze.pdbx_refine_id                  'X-RAY DIFFRACTION' 
# 
_refine_hist.pdbx_refine_id                   'X-RAY DIFFRACTION' 
_refine_hist.cycle_id                         LAST 
_refine_hist.pdbx_number_atoms_protein        995 
_refine_hist.pdbx_number_atoms_nucleic_acid   0 
_refine_hist.pdbx_number_atoms_ligand         1 
_refine_hist.number_atoms_solvent             73 
_refine_hist.number_atoms_total               1069 
_refine_hist.d_res_high                       1.9 
_refine_hist.d_res_low                        8. 
# 
loop_
_refine_ls_restr.type 
_refine_ls_restr.dev_ideal 
_refine_ls_restr.dev_ideal_target 
_refine_ls_restr.weight 
_refine_ls_restr.number 
_refine_ls_restr.pdbx_refine_id 
_refine_ls_restr.pdbx_restraint_function 
x_bond_d                0.009 ? ? ? 'X-RAY DIFFRACTION' ? 
x_bond_d_na             ?     ? ? ? 'X-RAY DIFFRACTION' ? 
x_bond_d_prot           ?     ? ? ? 'X-RAY DIFFRACTION' ? 
x_angle_d               ?     ? ? ? 'X-RAY DIFFRACTION' ? 
x_angle_d_na            ?     ? ? ? 'X-RAY DIFFRACTION' ? 
x_angle_d_prot          ?     ? ? ? 'X-RAY DIFFRACTION' ? 
x_angle_deg             1.52  ? ? ? 'X-RAY DIFFRACTION' ? 
x_angle_deg_na          ?     ? ? ? 'X-RAY DIFFRACTION' ? 
x_angle_deg_prot        ?     ? ? ? 'X-RAY DIFFRACTION' ? 
x_dihedral_angle_d      22.95 ? ? ? 'X-RAY DIFFRACTION' ? 
x_dihedral_angle_d_na   ?     ? ? ? 'X-RAY DIFFRACTION' ? 
x_dihedral_angle_d_prot ?     ? ? ? 'X-RAY DIFFRACTION' ? 
x_improper_angle_d      1.32  ? ? ? 'X-RAY DIFFRACTION' ? 
x_improper_angle_d_na   ?     ? ? ? 'X-RAY DIFFRACTION' ? 
x_improper_angle_d_prot ?     ? ? ? 'X-RAY DIFFRACTION' ? 
x_mcbond_it             1.5   ? ? ? 'X-RAY DIFFRACTION' ? 
x_mcangle_it            2.0   ? ? ? 'X-RAY DIFFRACTION' ? 
x_scbond_it             1.5   ? ? ? 'X-RAY DIFFRACTION' ? 
x_scangle_it            2.0   ? ? ? 'X-RAY DIFFRACTION' ? 
# 
loop_
_pdbx_xplor_file.serial_no 
_pdbx_xplor_file.param_file 
_pdbx_xplor_file.topol_file 
_pdbx_xplor_file.pdbx_refine_id 
1 PARHCSDX.PRO TOPHCSDX.PRO 'X-RAY DIFFRACTION' 
2 ?            ?            'X-RAY DIFFRACTION' 
# 
_struct.entry_id                  1HFX 
_struct.title                     ALPHA-LACTALBUMIN 
_struct.pdbx_model_details        ? 
_struct.pdbx_CASP_flag            ? 
_struct.pdbx_model_type_details   ? 
# 
_struct_keywords.entry_id        1HFX 
_struct_keywords.pdbx_keywords   GLYCOPROTEIN 
_struct_keywords.text            'LACTOSE SYNTHASE COMPONENT, CALCIUM BINDING METALLOPROTEIN, LACTOSE, GLYCOPROTEIN' 
# 
loop_
_struct_asym.id 
_struct_asym.pdbx_blank_PDB_chainid_flag 
_struct_asym.pdbx_modified 
_struct_asym.entity_id 
_struct_asym.details 
A N N 1 ? 
B N N 2 ? 
C N N 3 ? 
# 
_struct_ref.id                         1 
_struct_ref.db_name                    UNP 
_struct_ref.db_code                    LALBA_CAVPO 
_struct_ref.entity_id                  1 
_struct_ref.pdbx_db_accession          P00713 
_struct_ref.pdbx_align_begin           1 
_struct_ref.pdbx_seq_one_letter_code   
;MMSFFPLLLVGILFPAVQAKQLTKCALSHELNDLAGYRDITLPEWLCIIFHISGYDTQAIVKNSDHKEYGLFQINDKDFC
ESSTTVQSRNICDISCDKLLDDDLTDDIMCVKKILDIKGIDYWLAHKPLCSDKLEQWYCEAQ
;
_struct_ref.pdbx_db_isoform            ? 
# 
_struct_ref_seq.align_id                      1 
_struct_ref_seq.ref_id                        1 
_struct_ref_seq.pdbx_PDB_id_code              1HFX 
_struct_ref_seq.pdbx_strand_id                A 
_struct_ref_seq.seq_align_beg                 1 
_struct_ref_seq.pdbx_seq_align_beg_ins_code   ? 
_struct_ref_seq.seq_align_end                 123 
_struct_ref_seq.pdbx_seq_align_end_ins_code   ? 
_struct_ref_seq.pdbx_db_accession             P00713 
_struct_ref_seq.db_align_beg                  20 
_struct_ref_seq.pdbx_db_align_beg_ins_code    ? 
_struct_ref_seq.db_align_end                  142 
_struct_ref_seq.pdbx_db_align_end_ins_code    ? 
_struct_ref_seq.pdbx_auth_seq_align_beg       1 
_struct_ref_seq.pdbx_auth_seq_align_end       123 
# 
_pdbx_struct_assembly.id                   1 
_pdbx_struct_assembly.details              author_defined_assembly 
_pdbx_struct_assembly.method_details       ? 
_pdbx_struct_assembly.oligomeric_details   monomeric 
_pdbx_struct_assembly.oligomeric_count     1 
# 
_pdbx_struct_assembly_gen.assembly_id       1 
_pdbx_struct_assembly_gen.oper_expression   1 
_pdbx_struct_assembly_gen.asym_id_list      A,B,C 
# 
_pdbx_struct_oper_list.id                   1 
_pdbx_struct_oper_list.type                 'identity operation' 
_pdbx_struct_oper_list.name                 1_555 
_pdbx_struct_oper_list.symmetry_operation   x,y,z 
_pdbx_struct_oper_list.matrix[1][1]         1.0000000000 
_pdbx_struct_oper_list.matrix[1][2]         0.0000000000 
_pdbx_struct_oper_list.matrix[1][3]         0.0000000000 
_pdbx_struct_oper_list.vector[1]            0.0000000000 
_pdbx_struct_oper_list.matrix[2][1]         0.0000000000 
_pdbx_struct_oper_list.matrix[2][2]         1.0000000000 
_pdbx_struct_oper_list.matrix[2][3]         0.0000000000 
_pdbx_struct_oper_list.vector[2]            0.0000000000 
_pdbx_struct_oper_list.matrix[3][1]         0.0000000000 
_pdbx_struct_oper_list.matrix[3][2]         0.0000000000 
_pdbx_struct_oper_list.matrix[3][3]         1.0000000000 
_pdbx_struct_oper_list.vector[3]            0.0000000000 
# 
_struct_biol.id   1 
# 
loop_
_struct_conf.conf_type_id 
_struct_conf.id 
_struct_conf.pdbx_PDB_helix_id 
_struct_conf.beg_label_comp_id 
_struct_conf.beg_label_asym_id 
_struct_conf.beg_label_seq_id 
_struct_conf.pdbx_beg_PDB_ins_code 
_struct_conf.end_label_comp_id 
_struct_conf.end_label_asym_id 
_struct_conf.end_label_seq_id 
_struct_conf.pdbx_end_PDB_ins_code 
_struct_conf.beg_auth_comp_id 
_struct_conf.beg_auth_asym_id 
_struct_conf.beg_auth_seq_id 
_struct_conf.end_auth_comp_id 
_struct_conf.end_auth_asym_id 
_struct_conf.end_auth_seq_id 
_struct_conf.pdbx_PDB_helix_class 
_struct_conf.details 
_struct_conf.pdbx_PDB_helix_length 
HELX_P HELX_P1 1 LYS A 5   ? GLU A 11  ? LYS A 5   GLU A 11  1 ? 7  
HELX_P HELX_P2 2 TYR A 18  ? ASP A 20  ? TYR A 18  ASP A 20  5 ? 3  
HELX_P HELX_P3 3 LEU A 23  ? SER A 34  ? LEU A 23  SER A 34  1 ? 12 
HELX_P HELX_P4 4 CYS A 77  ? LEU A 80  ? CYS A 77  LEU A 80  5 ? 4  
HELX_P HELX_P5 5 THR A 86  ? ILE A 98  ? THR A 86  ILE A 98  1 ? 13 
HELX_P HELX_P6 6 ILE A 101 ? LEU A 105 ? ILE A 101 LEU A 105 5 ? 5  
HELX_P HELX_P7 7 LEU A 115 ? TRP A 118 ? LEU A 115 TRP A 118 5 ? 4  
# 
_struct_conf_type.id          HELX_P 
_struct_conf_type.criteria    ? 
_struct_conf_type.reference   ? 
# 
loop_
_struct_conn.id 
_struct_conn.conn_type_id 
_struct_conn.pdbx_leaving_atom_flag 
_struct_conn.pdbx_PDB_id 
_struct_conn.ptnr1_label_asym_id 
_struct_conn.ptnr1_label_comp_id 
_struct_conn.ptnr1_label_seq_id 
_struct_conn.ptnr1_label_atom_id 
_struct_conn.pdbx_ptnr1_label_alt_id 
_struct_conn.pdbx_ptnr1_PDB_ins_code 
_struct_conn.pdbx_ptnr1_standard_comp_id 
_struct_conn.ptnr1_symmetry 
_struct_conn.ptnr2_label_asym_id 
_struct_conn.ptnr2_label_comp_id 
_struct_conn.ptnr2_label_seq_id 
_struct_conn.ptnr2_label_atom_id 
_struct_conn.pdbx_ptnr2_label_alt_id 
_struct_conn.pdbx_ptnr2_PDB_ins_code 
_struct_conn.ptnr1_auth_asym_id 
_struct_conn.ptnr1_auth_comp_id 
_struct_conn.ptnr1_auth_seq_id 
_struct_conn.ptnr2_auth_asym_id 
_struct_conn.ptnr2_auth_comp_id 
_struct_conn.ptnr2_auth_seq_id 
_struct_conn.ptnr2_symmetry 
_struct_conn.pdbx_ptnr3_label_atom_id 
_struct_conn.pdbx_ptnr3_label_seq_id 
_struct_conn.pdbx_ptnr3_label_comp_id 
_struct_conn.pdbx_ptnr3_label_asym_id 
_struct_conn.pdbx_ptnr3_label_alt_id 
_struct_conn.pdbx_ptnr3_PDB_ins_code 
_struct_conn.details 
_struct_conn.pdbx_dist_value 
_struct_conn.pdbx_value_order 
_struct_conn.pdbx_role 
disulf1 disulf ? ? A CYS 6  SG  ? ? ? 1_555 A CYS 120 SG ? ? A CYS 6   A CYS 120 1_555 ? ? ? ? ? ? ? 2.028 ? ? 
disulf2 disulf ? ? A CYS 28 SG  ? ? ? 1_555 A CYS 111 SG ? ? A CYS 28  A CYS 111 1_555 ? ? ? ? ? ? ? 2.017 ? ? 
disulf3 disulf ? ? A CYS 61 SG  ? ? ? 1_555 A CYS 77  SG ? ? A CYS 61  A CYS 77  1_555 ? ? ? ? ? ? ? 2.029 ? ? 
disulf4 disulf ? ? A CYS 73 SG  ? ? ? 1_555 A CYS 91  SG ? ? A CYS 73  A CYS 91  1_555 ? ? ? ? ? ? ? 2.012 ? ? 
metalc1 metalc ? ? A LYS 79 O   ? ? ? 1_555 B CA  .   CA ? ? A LYS 79  A CA  124 1_555 ? ? ? ? ? ? ? 2.237 ? ? 
metalc2 metalc ? ? A ASP 82 OD1 ? ? ? 1_555 B CA  .   CA ? ? A ASP 82  A CA  124 1_555 ? ? ? ? ? ? ? 2.424 ? ? 
metalc3 metalc ? ? A ASP 84 O   ? ? ? 1_555 B CA  .   CA ? ? A ASP 84  A CA  124 1_555 ? ? ? ? ? ? ? 2.159 ? ? 
metalc4 metalc ? ? A ASP 87 OD1 ? ? ? 1_555 B CA  .   CA ? ? A ASP 87  A CA  124 1_555 ? ? ? ? ? ? ? 2.436 ? ? 
metalc5 metalc ? ? A ASP 88 OD1 ? ? ? 1_555 B CA  .   CA ? ? A ASP 88  A CA  124 1_555 ? ? ? ? ? ? ? 2.334 ? ? 
metalc6 metalc ? ? B CA  .  CA  ? ? ? 1_555 C HOH .   O  ? ? A CA  124 A HOH 131 1_555 ? ? ? ? ? ? ? 2.331 ? ? 
metalc7 metalc ? ? B CA  .  CA  ? ? ? 1_555 C HOH .   O  ? ? A CA  124 A HOH 144 1_555 ? ? ? ? ? ? ? 2.438 ? ? 
# 
loop_
_struct_conn_type.id 
_struct_conn_type.criteria 
_struct_conn_type.reference 
disulf ? ? 
metalc ? ? 
# 
loop_
_pdbx_struct_conn_angle.id 
_pdbx_struct_conn_angle.ptnr1_label_atom_id 
_pdbx_struct_conn_angle.ptnr1_label_alt_id 
_pdbx_struct_conn_angle.ptnr1_label_asym_id 
_pdbx_struct_conn_angle.ptnr1_label_comp_id 
_pdbx_struct_conn_angle.ptnr1_label_seq_id 
_pdbx_struct_conn_angle.ptnr1_auth_atom_id 
_pdbx_struct_conn_angle.ptnr1_auth_asym_id 
_pdbx_struct_conn_angle.ptnr1_auth_comp_id 
_pdbx_struct_conn_angle.ptnr1_auth_seq_id 
_pdbx_struct_conn_angle.ptnr1_PDB_ins_code 
_pdbx_struct_conn_angle.ptnr1_symmetry 
_pdbx_struct_conn_angle.ptnr2_label_atom_id 
_pdbx_struct_conn_angle.ptnr2_label_alt_id 
_pdbx_struct_conn_angle.ptnr2_label_asym_id 
_pdbx_struct_conn_angle.ptnr2_label_comp_id 
_pdbx_struct_conn_angle.ptnr2_label_seq_id 
_pdbx_struct_conn_angle.ptnr2_auth_atom_id 
_pdbx_struct_conn_angle.ptnr2_auth_asym_id 
_pdbx_struct_conn_angle.ptnr2_auth_comp_id 
_pdbx_struct_conn_angle.ptnr2_auth_seq_id 
_pdbx_struct_conn_angle.ptnr2_PDB_ins_code 
_pdbx_struct_conn_angle.ptnr2_symmetry 
_pdbx_struct_conn_angle.ptnr3_label_atom_id 
_pdbx_struct_conn_angle.ptnr3_label_alt_id 
_pdbx_struct_conn_angle.ptnr3_label_asym_id 
_pdbx_struct_conn_angle.ptnr3_label_comp_id 
_pdbx_struct_conn_angle.ptnr3_label_seq_id 
_pdbx_struct_conn_angle.ptnr3_auth_atom_id 
_pdbx_struct_conn_angle.ptnr3_auth_asym_id 
_pdbx_struct_conn_angle.ptnr3_auth_comp_id 
_pdbx_struct_conn_angle.ptnr3_auth_seq_id 
_pdbx_struct_conn_angle.ptnr3_PDB_ins_code 
_pdbx_struct_conn_angle.ptnr3_symmetry 
_pdbx_struct_conn_angle.value 
_pdbx_struct_conn_angle.value_esd 
1  O   ? A LYS 79 ? A LYS 79  ? 1_555 CA ? B CA . ? A CA 124 ? 1_555 OD1 ? A ASP 82 ? A ASP 82  ? 1_555 87.8  ? 
2  O   ? A LYS 79 ? A LYS 79  ? 1_555 CA ? B CA . ? A CA 124 ? 1_555 O   ? A ASP 84 ? A ASP 84  ? 1_555 173.3 ? 
3  OD1 ? A ASP 82 ? A ASP 82  ? 1_555 CA ? B CA . ? A CA 124 ? 1_555 O   ? A ASP 84 ? A ASP 84  ? 1_555 85.8  ? 
4  O   ? A LYS 79 ? A LYS 79  ? 1_555 CA ? B CA . ? A CA 124 ? 1_555 OD1 ? A ASP 87 ? A ASP 87  ? 1_555 93.5  ? 
5  OD1 ? A ASP 82 ? A ASP 82  ? 1_555 CA ? B CA . ? A CA 124 ? 1_555 OD1 ? A ASP 87 ? A ASP 87  ? 1_555 141.7 ? 
6  O   ? A ASP 84 ? A ASP 84  ? 1_555 CA ? B CA . ? A CA 124 ? 1_555 OD1 ? A ASP 87 ? A ASP 87  ? 1_555 90.2  ? 
7  O   ? A LYS 79 ? A LYS 79  ? 1_555 CA ? B CA . ? A CA 124 ? 1_555 OD1 ? A ASP 88 ? A ASP 88  ? 1_555 96.4  ? 
8  OD1 ? A ASP 82 ? A ASP 82  ? 1_555 CA ? B CA . ? A CA 124 ? 1_555 OD1 ? A ASP 88 ? A ASP 88  ? 1_555 144.8 ? 
9  O   ? A ASP 84 ? A ASP 84  ? 1_555 CA ? B CA . ? A CA 124 ? 1_555 OD1 ? A ASP 88 ? A ASP 88  ? 1_555 90.0  ? 
10 OD1 ? A ASP 87 ? A ASP 87  ? 1_555 CA ? B CA . ? A CA 124 ? 1_555 OD1 ? A ASP 88 ? A ASP 88  ? 1_555 73.1  ? 
11 O   ? A LYS 79 ? A LYS 79  ? 1_555 CA ? B CA . ? A CA 124 ? 1_555 O   ? C HOH .  ? A HOH 131 ? 1_555 86.6  ? 
12 OD1 ? A ASP 82 ? A ASP 82  ? 1_555 CA ? B CA . ? A CA 124 ? 1_555 O   ? C HOH .  ? A HOH 131 ? 1_555 75.5  ? 
13 O   ? A ASP 84 ? A ASP 84  ? 1_555 CA ? B CA . ? A CA 124 ? 1_555 O   ? C HOH .  ? A HOH 131 ? 1_555 93.7  ? 
14 OD1 ? A ASP 87 ? A ASP 87  ? 1_555 CA ? B CA . ? A CA 124 ? 1_555 O   ? C HOH .  ? A HOH 131 ? 1_555 142.9 ? 
15 OD1 ? A ASP 88 ? A ASP 88  ? 1_555 CA ? B CA . ? A CA 124 ? 1_555 O   ? C HOH .  ? A HOH 131 ? 1_555 70.0  ? 
16 O   ? A LYS 79 ? A LYS 79  ? 1_555 CA ? B CA . ? A CA 124 ? 1_555 O   ? C HOH .  ? A HOH 144 ? 1_555 86.9  ? 
17 OD1 ? A ASP 82 ? A ASP 82  ? 1_555 CA ? B CA . ? A CA 124 ? 1_555 O   ? C HOH .  ? A HOH 144 ? 1_555 69.5  ? 
18 O   ? A ASP 84 ? A ASP 84  ? 1_555 CA ? B CA . ? A CA 124 ? 1_555 O   ? C HOH .  ? A HOH 144 ? 1_555 89.0  ? 
19 OD1 ? A ASP 87 ? A ASP 87  ? 1_555 CA ? B CA . ? A CA 124 ? 1_555 O   ? C HOH .  ? A HOH 144 ? 1_555 72.3  ? 
20 OD1 ? A ASP 88 ? A ASP 88  ? 1_555 CA ? B CA . ? A CA 124 ? 1_555 O   ? C HOH .  ? A HOH 144 ? 1_555 145.4 ? 
21 O   ? C HOH .  ? A HOH 131 ? 1_555 CA ? B CA . ? A CA 124 ? 1_555 O   ? C HOH .  ? A HOH 144 ? 1_555 144.6 ? 
# 
loop_
_pdbx_modification_feature.ordinal 
_pdbx_modification_feature.label_comp_id 
_pdbx_modification_feature.label_asym_id 
_pdbx_modification_feature.label_seq_id 
_pdbx_modification_feature.label_alt_id 
_pdbx_modification_feature.modified_residue_label_comp_id 
_pdbx_modification_feature.modified_residue_label_asym_id 
_pdbx_modification_feature.modified_residue_label_seq_id 
_pdbx_modification_feature.modified_residue_label_alt_id 
_pdbx_modification_feature.auth_comp_id 
_pdbx_modification_feature.auth_asym_id 
_pdbx_modification_feature.auth_seq_id 
_pdbx_modification_feature.PDB_ins_code 
_pdbx_modification_feature.symmetry 
_pdbx_modification_feature.modified_residue_auth_comp_id 
_pdbx_modification_feature.modified_residue_auth_asym_id 
_pdbx_modification_feature.modified_residue_auth_seq_id 
_pdbx_modification_feature.modified_residue_PDB_ins_code 
_pdbx_modification_feature.modified_residue_symmetry 
_pdbx_modification_feature.comp_id_linking_atom 
_pdbx_modification_feature.modified_residue_id_linking_atom 
_pdbx_modification_feature.modified_residue_id 
_pdbx_modification_feature.ref_pcm_id 
_pdbx_modification_feature.ref_comp_id 
_pdbx_modification_feature.type 
_pdbx_modification_feature.category 
1 CYS A 6  ? CYS A 120 ? CYS A 6  ? 1_555 CYS A 120 ? 1_555 SG SG . . . None 'Disulfide bridge' 
2 CYS A 28 ? CYS A 111 ? CYS A 28 ? 1_555 CYS A 111 ? 1_555 SG SG . . . None 'Disulfide bridge' 
3 CYS A 61 ? CYS A 77  ? CYS A 61 ? 1_555 CYS A 77  ? 1_555 SG SG . . . None 'Disulfide bridge' 
4 CYS A 73 ? CYS A 91  ? CYS A 73 ? 1_555 CYS A 91  ? 1_555 SG SG . . . None 'Disulfide bridge' 
# 
_struct_sheet.id               A 
_struct_sheet.type             ? 
_struct_sheet.number_strands   2 
_struct_sheet.details          ? 
# 
_struct_sheet_order.sheet_id     A 
_struct_sheet_order.range_id_1   1 
_struct_sheet_order.range_id_2   2 
_struct_sheet_order.offset       ? 
_struct_sheet_order.sense        anti-parallel 
# 
loop_
_struct_sheet_range.sheet_id 
_struct_sheet_range.id 
_struct_sheet_range.beg_label_comp_id 
_struct_sheet_range.beg_label_asym_id 
_struct_sheet_range.beg_label_seq_id 
_struct_sheet_range.pdbx_beg_PDB_ins_code 
_struct_sheet_range.end_label_comp_id 
_struct_sheet_range.end_label_asym_id 
_struct_sheet_range.end_label_seq_id 
_struct_sheet_range.pdbx_end_PDB_ins_code 
_struct_sheet_range.beg_auth_comp_id 
_struct_sheet_range.beg_auth_asym_id 
_struct_sheet_range.beg_auth_seq_id 
_struct_sheet_range.end_auth_comp_id 
_struct_sheet_range.end_auth_asym_id 
_struct_sheet_range.end_auth_seq_id 
A 1 ILE A 41 ? ASN A 44 ? ILE A 41 ASN A 44 
A 2 HIS A 47 ? TYR A 50 ? HIS A 47 TYR A 50 
# 
_pdbx_struct_sheet_hbond.sheet_id                A 
_pdbx_struct_sheet_hbond.range_id_1              1 
_pdbx_struct_sheet_hbond.range_id_2              2 
_pdbx_struct_sheet_hbond.range_1_label_atom_id   O 
_pdbx_struct_sheet_hbond.range_1_label_comp_id   VAL 
_pdbx_struct_sheet_hbond.range_1_label_asym_id   A 
_pdbx_struct_sheet_hbond.range_1_label_seq_id    42 
_pdbx_struct_sheet_hbond.range_1_PDB_ins_code    ? 
_pdbx_struct_sheet_hbond.range_1_auth_atom_id    O 
_pdbx_struct_sheet_hbond.range_1_auth_comp_id    VAL 
_pdbx_struct_sheet_hbond.range_1_auth_asym_id    A 
_pdbx_struct_sheet_hbond.range_1_auth_seq_id     42 
_pdbx_struct_sheet_hbond.range_2_label_atom_id   N 
_pdbx_struct_sheet_hbond.range_2_label_comp_id   GLU 
_pdbx_struct_sheet_hbond.range_2_label_asym_id   A 
_pdbx_struct_sheet_hbond.range_2_label_seq_id    49 
_pdbx_struct_sheet_hbond.range_2_PDB_ins_code    ? 
_pdbx_struct_sheet_hbond.range_2_auth_atom_id    N 
_pdbx_struct_sheet_hbond.range_2_auth_comp_id    GLU 
_pdbx_struct_sheet_hbond.range_2_auth_asym_id    A 
_pdbx_struct_sheet_hbond.range_2_auth_seq_id     49 
# 
_struct_site.id                   AC1 
_struct_site.pdbx_evidence_code   Software 
_struct_site.pdbx_auth_asym_id    A 
_struct_site.pdbx_auth_comp_id    CA 
_struct_site.pdbx_auth_seq_id     124 
_struct_site.pdbx_auth_ins_code   ? 
_struct_site.pdbx_num_residues    7 
_struct_site.details              'BINDING SITE FOR RESIDUE CA A 124' 
# 
loop_
_struct_site_gen.id 
_struct_site_gen.site_id 
_struct_site_gen.pdbx_num_res 
_struct_site_gen.label_comp_id 
_struct_site_gen.label_asym_id 
_struct_site_gen.label_seq_id 
_struct_site_gen.pdbx_auth_ins_code 
_struct_site_gen.auth_comp_id 
_struct_site_gen.auth_asym_id 
_struct_site_gen.auth_seq_id 
_struct_site_gen.label_atom_id 
_struct_site_gen.label_alt_id 
_struct_site_gen.symmetry 
_struct_site_gen.details 
1 AC1 7 LYS A 79 ? LYS A 79  . ? 1_555 ? 
2 AC1 7 ASP A 82 ? ASP A 82  . ? 1_555 ? 
3 AC1 7 ASP A 84 ? ASP A 84  . ? 1_555 ? 
4 AC1 7 ASP A 87 ? ASP A 87  . ? 1_555 ? 
5 AC1 7 ASP A 88 ? ASP A 88  . ? 1_555 ? 
6 AC1 7 HOH C .  ? HOH A 131 . ? 1_555 ? 
7 AC1 7 HOH C .  ? HOH A 144 . ? 1_555 ? 
# 
_pdbx_entry_details.entry_id                   1HFX 
_pdbx_entry_details.compound_details           ? 
_pdbx_entry_details.source_details             ? 
_pdbx_entry_details.nonpolymer_details         ? 
_pdbx_entry_details.sequence_details           ? 
_pdbx_entry_details.has_ligand_of_interest     ? 
_pdbx_entry_details.has_protein_modification   Y 
# 
loop_
_pdbx_validate_torsion.id 
_pdbx_validate_torsion.PDB_model_num 
_pdbx_validate_torsion.auth_comp_id 
_pdbx_validate_torsion.auth_asym_id 
_pdbx_validate_torsion.auth_seq_id 
_pdbx_validate_torsion.PDB_ins_code 
_pdbx_validate_torsion.label_alt_id 
_pdbx_validate_torsion.phi 
_pdbx_validate_torsion.psi 
1 1 HIS A 47  ? ? 167.62  171.08 
2 1 GLU A 121 ? ? -162.51 -68.44 
3 1 ALA A 122 ? ? -88.37  -73.23 
# 
loop_
_chem_comp_atom.comp_id 
_chem_comp_atom.atom_id 
_chem_comp_atom.type_symbol 
_chem_comp_atom.pdbx_aromatic_flag 
_chem_comp_atom.pdbx_stereo_config 
_chem_comp_atom.pdbx_ordinal 
ALA N    N  N N 1   
ALA CA   C  N S 2   
ALA C    C  N N 3   
ALA O    O  N N 4   
ALA CB   C  N N 5   
ALA OXT  O  N N 6   
ALA H    H  N N 7   
ALA H2   H  N N 8   
ALA HA   H  N N 9   
ALA HB1  H  N N 10  
ALA HB2  H  N N 11  
ALA HB3  H  N N 12  
ALA HXT  H  N N 13  
ARG N    N  N N 14  
ARG CA   C  N S 15  
ARG C    C  N N 16  
ARG O    O  N N 17  
ARG CB   C  N N 18  
ARG CG   C  N N 19  
ARG CD   C  N N 20  
ARG NE   N  N N 21  
ARG CZ   C  N N 22  
ARG NH1  N  N N 23  
ARG NH2  N  N N 24  
ARG OXT  O  N N 25  
ARG H    H  N N 26  
ARG H2   H  N N 27  
ARG HA   H  N N 28  
ARG HB2  H  N N 29  
ARG HB3  H  N N 30  
ARG HG2  H  N N 31  
ARG HG3  H  N N 32  
ARG HD2  H  N N 33  
ARG HD3  H  N N 34  
ARG HE   H  N N 35  
ARG HH11 H  N N 36  
ARG HH12 H  N N 37  
ARG HH21 H  N N 38  
ARG HH22 H  N N 39  
ARG HXT  H  N N 40  
ASN N    N  N N 41  
ASN CA   C  N S 42  
ASN C    C  N N 43  
ASN O    O  N N 44  
ASN CB   C  N N 45  
ASN CG   C  N N 46  
ASN OD1  O  N N 47  
ASN ND2  N  N N 48  
ASN OXT  O  N N 49  
ASN H    H  N N 50  
ASN H2   H  N N 51  
ASN HA   H  N N 52  
ASN HB2  H  N N 53  
ASN HB3  H  N N 54  
ASN HD21 H  N N 55  
ASN HD22 H  N N 56  
ASN HXT  H  N N 57  
ASP N    N  N N 58  
ASP CA   C  N S 59  
ASP C    C  N N 60  
ASP O    O  N N 61  
ASP CB   C  N N 62  
ASP CG   C  N N 63  
ASP OD1  O  N N 64  
ASP OD2  O  N N 65  
ASP OXT  O  N N 66  
ASP H    H  N N 67  
ASP H2   H  N N 68  
ASP HA   H  N N 69  
ASP HB2  H  N N 70  
ASP HB3  H  N N 71  
ASP HD2  H  N N 72  
ASP HXT  H  N N 73  
CA  CA   CA N N 74  
CYS N    N  N N 75  
CYS CA   C  N R 76  
CYS C    C  N N 77  
CYS O    O  N N 78  
CYS CB   C  N N 79  
CYS SG   S  N N 80  
CYS OXT  O  N N 81  
CYS H    H  N N 82  
CYS H2   H  N N 83  
CYS HA   H  N N 84  
CYS HB2  H  N N 85  
CYS HB3  H  N N 86  
CYS HG   H  N N 87  
CYS HXT  H  N N 88  
GLN N    N  N N 89  
GLN CA   C  N S 90  
GLN C    C  N N 91  
GLN O    O  N N 92  
GLN CB   C  N N 93  
GLN CG   C  N N 94  
GLN CD   C  N N 95  
GLN OE1  O  N N 96  
GLN NE2  N  N N 97  
GLN OXT  O  N N 98  
GLN H    H  N N 99  
GLN H2   H  N N 100 
GLN HA   H  N N 101 
GLN HB2  H  N N 102 
GLN HB3  H  N N 103 
GLN HG2  H  N N 104 
GLN HG3  H  N N 105 
GLN HE21 H  N N 106 
GLN HE22 H  N N 107 
GLN HXT  H  N N 108 
GLU N    N  N N 109 
GLU CA   C  N S 110 
GLU C    C  N N 111 
GLU O    O  N N 112 
GLU CB   C  N N 113 
GLU CG   C  N N 114 
GLU CD   C  N N 115 
GLU OE1  O  N N 116 
GLU OE2  O  N N 117 
GLU OXT  O  N N 118 
GLU H    H  N N 119 
GLU H2   H  N N 120 
GLU HA   H  N N 121 
GLU HB2  H  N N 122 
GLU HB3  H  N N 123 
GLU HG2  H  N N 124 
GLU HG3  H  N N 125 
GLU HE2  H  N N 126 
GLU HXT  H  N N 127 
GLY N    N  N N 128 
GLY CA   C  N N 129 
GLY C    C  N N 130 
GLY O    O  N N 131 
GLY OXT  O  N N 132 
GLY H    H  N N 133 
GLY H2   H  N N 134 
GLY HA2  H  N N 135 
GLY HA3  H  N N 136 
GLY HXT  H  N N 137 
HIS N    N  N N 138 
HIS CA   C  N S 139 
HIS C    C  N N 140 
HIS O    O  N N 141 
HIS CB   C  N N 142 
HIS CG   C  Y N 143 
HIS ND1  N  Y N 144 
HIS CD2  C  Y N 145 
HIS CE1  C  Y N 146 
HIS NE2  N  Y N 147 
HIS OXT  O  N N 148 
HIS H    H  N N 149 
HIS H2   H  N N 150 
HIS HA   H  N N 151 
HIS HB2  H  N N 152 
HIS HB3  H  N N 153 
HIS HD1  H  N N 154 
HIS HD2  H  N N 155 
HIS HE1  H  N N 156 
HIS HE2  H  N N 157 
HIS HXT  H  N N 158 
HOH O    O  N N 159 
HOH H1   H  N N 160 
HOH H2   H  N N 161 
ILE N    N  N N 162 
ILE CA   C  N S 163 
ILE C    C  N N 164 
ILE O    O  N N 165 
ILE CB   C  N S 166 
ILE CG1  C  N N 167 
ILE CG2  C  N N 168 
ILE CD1  C  N N 169 
ILE OXT  O  N N 170 
ILE H    H  N N 171 
ILE H2   H  N N 172 
ILE HA   H  N N 173 
ILE HB   H  N N 174 
ILE HG12 H  N N 175 
ILE HG13 H  N N 176 
ILE HG21 H  N N 177 
ILE HG22 H  N N 178 
ILE HG23 H  N N 179 
ILE HD11 H  N N 180 
ILE HD12 H  N N 181 
ILE HD13 H  N N 182 
ILE HXT  H  N N 183 
LEU N    N  N N 184 
LEU CA   C  N S 185 
LEU C    C  N N 186 
LEU O    O  N N 187 
LEU CB   C  N N 188 
LEU CG   C  N N 189 
LEU CD1  C  N N 190 
LEU CD2  C  N N 191 
LEU OXT  O  N N 192 
LEU H    H  N N 193 
LEU H2   H  N N 194 
LEU HA   H  N N 195 
LEU HB2  H  N N 196 
LEU HB3  H  N N 197 
LEU HG   H  N N 198 
LEU HD11 H  N N 199 
LEU HD12 H  N N 200 
LEU HD13 H  N N 201 
LEU HD21 H  N N 202 
LEU HD22 H  N N 203 
LEU HD23 H  N N 204 
LEU HXT  H  N N 205 
LYS N    N  N N 206 
LYS CA   C  N S 207 
LYS C    C  N N 208 
LYS O    O  N N 209 
LYS CB   C  N N 210 
LYS CG   C  N N 211 
LYS CD   C  N N 212 
LYS CE   C  N N 213 
LYS NZ   N  N N 214 
LYS OXT  O  N N 215 
LYS H    H  N N 216 
LYS H2   H  N N 217 
LYS HA   H  N N 218 
LYS HB2  H  N N 219 
LYS HB3  H  N N 220 
LYS HG2  H  N N 221 
LYS HG3  H  N N 222 
LYS HD2  H  N N 223 
LYS HD3  H  N N 224 
LYS HE2  H  N N 225 
LYS HE3  H  N N 226 
LYS HZ1  H  N N 227 
LYS HZ2  H  N N 228 
LYS HZ3  H  N N 229 
LYS HXT  H  N N 230 
MET N    N  N N 231 
MET CA   C  N S 232 
MET C    C  N N 233 
MET O    O  N N 234 
MET CB   C  N N 235 
MET CG   C  N N 236 
MET SD   S  N N 237 
MET CE   C  N N 238 
MET OXT  O  N N 239 
MET H    H  N N 240 
MET H2   H  N N 241 
MET HA   H  N N 242 
MET HB2  H  N N 243 
MET HB3  H  N N 244 
MET HG2  H  N N 245 
MET HG3  H  N N 246 
MET HE1  H  N N 247 
MET HE2  H  N N 248 
MET HE3  H  N N 249 
MET HXT  H  N N 250 
PHE N    N  N N 251 
PHE CA   C  N S 252 
PHE C    C  N N 253 
PHE O    O  N N 254 
PHE CB   C  N N 255 
PHE CG   C  Y N 256 
PHE CD1  C  Y N 257 
PHE CD2  C  Y N 258 
PHE CE1  C  Y N 259 
PHE CE2  C  Y N 260 
PHE CZ   C  Y N 261 
PHE OXT  O  N N 262 
PHE H    H  N N 263 
PHE H2   H  N N 264 
PHE HA   H  N N 265 
PHE HB2  H  N N 266 
PHE HB3  H  N N 267 
PHE HD1  H  N N 268 
PHE HD2  H  N N 269 
PHE HE1  H  N N 270 
PHE HE2  H  N N 271 
PHE HZ   H  N N 272 
PHE HXT  H  N N 273 
PRO N    N  N N 274 
PRO CA   C  N S 275 
PRO C    C  N N 276 
PRO O    O  N N 277 
PRO CB   C  N N 278 
PRO CG   C  N N 279 
PRO CD   C  N N 280 
PRO OXT  O  N N 281 
PRO H    H  N N 282 
PRO HA   H  N N 283 
PRO HB2  H  N N 284 
PRO HB3  H  N N 285 
PRO HG2  H  N N 286 
PRO HG3  H  N N 287 
PRO HD2  H  N N 288 
PRO HD3  H  N N 289 
PRO HXT  H  N N 290 
SER N    N  N N 291 
SER CA   C  N S 292 
SER C    C  N N 293 
SER O    O  N N 294 
SER CB   C  N N 295 
SER OG   O  N N 296 
SER OXT  O  N N 297 
SER H    H  N N 298 
SER H2   H  N N 299 
SER HA   H  N N 300 
SER HB2  H  N N 301 
SER HB3  H  N N 302 
SER HG   H  N N 303 
SER HXT  H  N N 304 
THR N    N  N N 305 
THR CA   C  N S 306 
THR C    C  N N 307 
THR O    O  N N 308 
THR CB   C  N R 309 
THR OG1  O  N N 310 
THR CG2  C  N N 311 
THR OXT  O  N N 312 
THR H    H  N N 313 
THR H2   H  N N 314 
THR HA   H  N N 315 
THR HB   H  N N 316 
THR HG1  H  N N 317 
THR HG21 H  N N 318 
THR HG22 H  N N 319 
THR HG23 H  N N 320 
THR HXT  H  N N 321 
TRP N    N  N N 322 
TRP CA   C  N S 323 
TRP C    C  N N 324 
TRP O    O  N N 325 
TRP CB   C  N N 326 
TRP CG   C  Y N 327 
TRP CD1  C  Y N 328 
TRP CD2  C  Y N 329 
TRP NE1  N  Y N 330 
TRP CE2  C  Y N 331 
TRP CE3  C  Y N 332 
TRP CZ2  C  Y N 333 
TRP CZ3  C  Y N 334 
TRP CH2  C  Y N 335 
TRP OXT  O  N N 336 
TRP H    H  N N 337 
TRP H2   H  N N 338 
TRP HA   H  N N 339 
TRP HB2  H  N N 340 
TRP HB3  H  N N 341 
TRP HD1  H  N N 342 
TRP HE1  H  N N 343 
TRP HE3  H  N N 344 
TRP HZ2  H  N N 345 
TRP HZ3  H  N N 346 
TRP HH2  H  N N 347 
TRP HXT  H  N N 348 
TYR N    N  N N 349 
TYR CA   C  N S 350 
TYR C    C  N N 351 
TYR O    O  N N 352 
TYR CB   C  N N 353 
TYR CG   C  Y N 354 
TYR CD1  C  Y N 355 
TYR CD2  C  Y N 356 
TYR CE1  C  Y N 357 
TYR CE2  C  Y N 358 
TYR CZ   C  Y N 359 
TYR OH   O  N N 360 
TYR OXT  O  N N 361 
TYR H    H  N N 362 
TYR H2   H  N N 363 
TYR HA   H  N N 364 
TYR HB2  H  N N 365 
TYR HB3  H  N N 366 
TYR HD1  H  N N 367 
TYR HD2  H  N N 368 
TYR HE1  H  N N 369 
TYR HE2  H  N N 370 
TYR HH   H  N N 371 
TYR HXT  H  N N 372 
VAL N    N  N N 373 
VAL CA   C  N S 374 
VAL C    C  N N 375 
VAL O    O  N N 376 
VAL CB   C  N N 377 
VAL CG1  C  N N 378 
VAL CG2  C  N N 379 
VAL OXT  O  N N 380 
VAL H    H  N N 381 
VAL H2   H  N N 382 
VAL HA   H  N N 383 
VAL HB   H  N N 384 
VAL HG11 H  N N 385 
VAL HG12 H  N N 386 
VAL HG13 H  N N 387 
VAL HG21 H  N N 388 
VAL HG22 H  N N 389 
VAL HG23 H  N N 390 
VAL HXT  H  N N 391 
# 
loop_
_chem_comp_bond.comp_id 
_chem_comp_bond.atom_id_1 
_chem_comp_bond.atom_id_2 
_chem_comp_bond.value_order 
_chem_comp_bond.pdbx_aromatic_flag 
_chem_comp_bond.pdbx_stereo_config 
_chem_comp_bond.pdbx_ordinal 
ALA N   CA   sing N N 1   
ALA N   H    sing N N 2   
ALA N   H2   sing N N 3   
ALA CA  C    sing N N 4   
ALA CA  CB   sing N N 5   
ALA CA  HA   sing N N 6   
ALA C   O    doub N N 7   
ALA C   OXT  sing N N 8   
ALA CB  HB1  sing N N 9   
ALA CB  HB2  sing N N 10  
ALA CB  HB3  sing N N 11  
ALA OXT HXT  sing N N 12  
ARG N   CA   sing N N 13  
ARG N   H    sing N N 14  
ARG N   H2   sing N N 15  
ARG CA  C    sing N N 16  
ARG CA  CB   sing N N 17  
ARG CA  HA   sing N N 18  
ARG C   O    doub N N 19  
ARG C   OXT  sing N N 20  
ARG CB  CG   sing N N 21  
ARG CB  HB2  sing N N 22  
ARG CB  HB3  sing N N 23  
ARG CG  CD   sing N N 24  
ARG CG  HG2  sing N N 25  
ARG CG  HG3  sing N N 26  
ARG CD  NE   sing N N 27  
ARG CD  HD2  sing N N 28  
ARG CD  HD3  sing N N 29  
ARG NE  CZ   sing N N 30  
ARG NE  HE   sing N N 31  
ARG CZ  NH1  sing N N 32  
ARG CZ  NH2  doub N N 33  
ARG NH1 HH11 sing N N 34  
ARG NH1 HH12 sing N N 35  
ARG NH2 HH21 sing N N 36  
ARG NH2 HH22 sing N N 37  
ARG OXT HXT  sing N N 38  
ASN N   CA   sing N N 39  
ASN N   H    sing N N 40  
ASN N   H2   sing N N 41  
ASN CA  C    sing N N 42  
ASN CA  CB   sing N N 43  
ASN CA  HA   sing N N 44  
ASN C   O    doub N N 45  
ASN C   OXT  sing N N 46  
ASN CB  CG   sing N N 47  
ASN CB  HB2  sing N N 48  
ASN CB  HB3  sing N N 49  
ASN CG  OD1  doub N N 50  
ASN CG  ND2  sing N N 51  
ASN ND2 HD21 sing N N 52  
ASN ND2 HD22 sing N N 53  
ASN OXT HXT  sing N N 54  
ASP N   CA   sing N N 55  
ASP N   H    sing N N 56  
ASP N   H2   sing N N 57  
ASP CA  C    sing N N 58  
ASP CA  CB   sing N N 59  
ASP CA  HA   sing N N 60  
ASP C   O    doub N N 61  
ASP C   OXT  sing N N 62  
ASP CB  CG   sing N N 63  
ASP CB  HB2  sing N N 64  
ASP CB  HB3  sing N N 65  
ASP CG  OD1  doub N N 66  
ASP CG  OD2  sing N N 67  
ASP OD2 HD2  sing N N 68  
ASP OXT HXT  sing N N 69  
CYS N   CA   sing N N 70  
CYS N   H    sing N N 71  
CYS N   H2   sing N N 72  
CYS CA  C    sing N N 73  
CYS CA  CB   sing N N 74  
CYS CA  HA   sing N N 75  
CYS C   O    doub N N 76  
CYS C   OXT  sing N N 77  
CYS CB  SG   sing N N 78  
CYS CB  HB2  sing N N 79  
CYS CB  HB3  sing N N 80  
CYS SG  HG   sing N N 81  
CYS OXT HXT  sing N N 82  
GLN N   CA   sing N N 83  
GLN N   H    sing N N 84  
GLN N   H2   sing N N 85  
GLN CA  C    sing N N 86  
GLN CA  CB   sing N N 87  
GLN CA  HA   sing N N 88  
GLN C   O    doub N N 89  
GLN C   OXT  sing N N 90  
GLN CB  CG   sing N N 91  
GLN CB  HB2  sing N N 92  
GLN CB  HB3  sing N N 93  
GLN CG  CD   sing N N 94  
GLN CG  HG2  sing N N 95  
GLN CG  HG3  sing N N 96  
GLN CD  OE1  doub N N 97  
GLN CD  NE2  sing N N 98  
GLN NE2 HE21 sing N N 99  
GLN NE2 HE22 sing N N 100 
GLN OXT HXT  sing N N 101 
GLU N   CA   sing N N 102 
GLU N   H    sing N N 103 
GLU N   H2   sing N N 104 
GLU CA  C    sing N N 105 
GLU CA  CB   sing N N 106 
GLU CA  HA   sing N N 107 
GLU C   O    doub N N 108 
GLU C   OXT  sing N N 109 
GLU CB  CG   sing N N 110 
GLU CB  HB2  sing N N 111 
GLU CB  HB3  sing N N 112 
GLU CG  CD   sing N N 113 
GLU CG  HG2  sing N N 114 
GLU CG  HG3  sing N N 115 
GLU CD  OE1  doub N N 116 
GLU CD  OE2  sing N N 117 
GLU OE2 HE2  sing N N 118 
GLU OXT HXT  sing N N 119 
GLY N   CA   sing N N 120 
GLY N   H    sing N N 121 
GLY N   H2   sing N N 122 
GLY CA  C    sing N N 123 
GLY CA  HA2  sing N N 124 
GLY CA  HA3  sing N N 125 
GLY C   O    doub N N 126 
GLY C   OXT  sing N N 127 
GLY OXT HXT  sing N N 128 
HIS N   CA   sing N N 129 
HIS N   H    sing N N 130 
HIS N   H2   sing N N 131 
HIS CA  C    sing N N 132 
HIS CA  CB   sing N N 133 
HIS CA  HA   sing N N 134 
HIS C   O    doub N N 135 
HIS C   OXT  sing N N 136 
HIS CB  CG   sing N N 137 
HIS CB  HB2  sing N N 138 
HIS CB  HB3  sing N N 139 
HIS CG  ND1  sing Y N 140 
HIS CG  CD2  doub Y N 141 
HIS ND1 CE1  doub Y N 142 
HIS ND1 HD1  sing N N 143 
HIS CD2 NE2  sing Y N 144 
HIS CD2 HD2  sing N N 145 
HIS CE1 NE2  sing Y N 146 
HIS CE1 HE1  sing N N 147 
HIS NE2 HE2  sing N N 148 
HIS OXT HXT  sing N N 149 
HOH O   H1   sing N N 150 
HOH O   H2   sing N N 151 
ILE N   CA   sing N N 152 
ILE N   H    sing N N 153 
ILE N   H2   sing N N 154 
ILE CA  C    sing N N 155 
ILE CA  CB   sing N N 156 
ILE CA  HA   sing N N 157 
ILE C   O    doub N N 158 
ILE C   OXT  sing N N 159 
ILE CB  CG1  sing N N 160 
ILE CB  CG2  sing N N 161 
ILE CB  HB   sing N N 162 
ILE CG1 CD1  sing N N 163 
ILE CG1 HG12 sing N N 164 
ILE CG1 HG13 sing N N 165 
ILE CG2 HG21 sing N N 166 
ILE CG2 HG22 sing N N 167 
ILE CG2 HG23 sing N N 168 
ILE CD1 HD11 sing N N 169 
ILE CD1 HD12 sing N N 170 
ILE CD1 HD13 sing N N 171 
ILE OXT HXT  sing N N 172 
LEU N   CA   sing N N 173 
LEU N   H    sing N N 174 
LEU N   H2   sing N N 175 
LEU CA  C    sing N N 176 
LEU CA  CB   sing N N 177 
LEU CA  HA   sing N N 178 
LEU C   O    doub N N 179 
LEU C   OXT  sing N N 180 
LEU CB  CG   sing N N 181 
LEU CB  HB2  sing N N 182 
LEU CB  HB3  sing N N 183 
LEU CG  CD1  sing N N 184 
LEU CG  CD2  sing N N 185 
LEU CG  HG   sing N N 186 
LEU CD1 HD11 sing N N 187 
LEU CD1 HD12 sing N N 188 
LEU CD1 HD13 sing N N 189 
LEU CD2 HD21 sing N N 190 
LEU CD2 HD22 sing N N 191 
LEU CD2 HD23 sing N N 192 
LEU OXT HXT  sing N N 193 
LYS N   CA   sing N N 194 
LYS N   H    sing N N 195 
LYS N   H2   sing N N 196 
LYS CA  C    sing N N 197 
LYS CA  CB   sing N N 198 
LYS CA  HA   sing N N 199 
LYS C   O    doub N N 200 
LYS C   OXT  sing N N 201 
LYS CB  CG   sing N N 202 
LYS CB  HB2  sing N N 203 
LYS CB  HB3  sing N N 204 
LYS CG  CD   sing N N 205 
LYS CG  HG2  sing N N 206 
LYS CG  HG3  sing N N 207 
LYS CD  CE   sing N N 208 
LYS CD  HD2  sing N N 209 
LYS CD  HD3  sing N N 210 
LYS CE  NZ   sing N N 211 
LYS CE  HE2  sing N N 212 
LYS CE  HE3  sing N N 213 
LYS NZ  HZ1  sing N N 214 
LYS NZ  HZ2  sing N N 215 
LYS NZ  HZ3  sing N N 216 
LYS OXT HXT  sing N N 217 
MET N   CA   sing N N 218 
MET N   H    sing N N 219 
MET N   H2   sing N N 220 
MET CA  C    sing N N 221 
MET CA  CB   sing N N 222 
MET CA  HA   sing N N 223 
MET C   O    doub N N 224 
MET C   OXT  sing N N 225 
MET CB  CG   sing N N 226 
MET CB  HB2  sing N N 227 
MET CB  HB3  sing N N 228 
MET CG  SD   sing N N 229 
MET CG  HG2  sing N N 230 
MET CG  HG3  sing N N 231 
MET SD  CE   sing N N 232 
MET CE  HE1  sing N N 233 
MET CE  HE2  sing N N 234 
MET CE  HE3  sing N N 235 
MET OXT HXT  sing N N 236 
PHE N   CA   sing N N 237 
PHE N   H    sing N N 238 
PHE N   H2   sing N N 239 
PHE CA  C    sing N N 240 
PHE CA  CB   sing N N 241 
PHE CA  HA   sing N N 242 
PHE C   O    doub N N 243 
PHE C   OXT  sing N N 244 
PHE CB  CG   sing N N 245 
PHE CB  HB2  sing N N 246 
PHE CB  HB3  sing N N 247 
PHE CG  CD1  doub Y N 248 
PHE CG  CD2  sing Y N 249 
PHE CD1 CE1  sing Y N 250 
PHE CD1 HD1  sing N N 251 
PHE CD2 CE2  doub Y N 252 
PHE CD2 HD2  sing N N 253 
PHE CE1 CZ   doub Y N 254 
PHE CE1 HE1  sing N N 255 
PHE CE2 CZ   sing Y N 256 
PHE CE2 HE2  sing N N 257 
PHE CZ  HZ   sing N N 258 
PHE OXT HXT  sing N N 259 
PRO N   CA   sing N N 260 
PRO N   CD   sing N N 261 
PRO N   H    sing N N 262 
PRO CA  C    sing N N 263 
PRO CA  CB   sing N N 264 
PRO CA  HA   sing N N 265 
PRO C   O    doub N N 266 
PRO C   OXT  sing N N 267 
PRO CB  CG   sing N N 268 
PRO CB  HB2  sing N N 269 
PRO CB  HB3  sing N N 270 
PRO CG  CD   sing N N 271 
PRO CG  HG2  sing N N 272 
PRO CG  HG3  sing N N 273 
PRO CD  HD2  sing N N 274 
PRO CD  HD3  sing N N 275 
PRO OXT HXT  sing N N 276 
SER N   CA   sing N N 277 
SER N   H    sing N N 278 
SER N   H2   sing N N 279 
SER CA  C    sing N N 280 
SER CA  CB   sing N N 281 
SER CA  HA   sing N N 282 
SER C   O    doub N N 283 
SER C   OXT  sing N N 284 
SER CB  OG   sing N N 285 
SER CB  HB2  sing N N 286 
SER CB  HB3  sing N N 287 
SER OG  HG   sing N N 288 
SER OXT HXT  sing N N 289 
THR N   CA   sing N N 290 
THR N   H    sing N N 291 
THR N   H2   sing N N 292 
THR CA  C    sing N N 293 
THR CA  CB   sing N N 294 
THR CA  HA   sing N N 295 
THR C   O    doub N N 296 
THR C   OXT  sing N N 297 
THR CB  OG1  sing N N 298 
THR CB  CG2  sing N N 299 
THR CB  HB   sing N N 300 
THR OG1 HG1  sing N N 301 
THR CG2 HG21 sing N N 302 
THR CG2 HG22 sing N N 303 
THR CG2 HG23 sing N N 304 
THR OXT HXT  sing N N 305 
TRP N   CA   sing N N 306 
TRP N   H    sing N N 307 
TRP N   H2   sing N N 308 
TRP CA  C    sing N N 309 
TRP CA  CB   sing N N 310 
TRP CA  HA   sing N N 311 
TRP C   O    doub N N 312 
TRP C   OXT  sing N N 313 
TRP CB  CG   sing N N 314 
TRP CB  HB2  sing N N 315 
TRP CB  HB3  sing N N 316 
TRP CG  CD1  doub Y N 317 
TRP CG  CD2  sing Y N 318 
TRP CD1 NE1  sing Y N 319 
TRP CD1 HD1  sing N N 320 
TRP CD2 CE2  doub Y N 321 
TRP CD2 CE3  sing Y N 322 
TRP NE1 CE2  sing Y N 323 
TRP NE1 HE1  sing N N 324 
TRP CE2 CZ2  sing Y N 325 
TRP CE3 CZ3  doub Y N 326 
TRP CE3 HE3  sing N N 327 
TRP CZ2 CH2  doub Y N 328 
TRP CZ2 HZ2  sing N N 329 
TRP CZ3 CH2  sing Y N 330 
TRP CZ3 HZ3  sing N N 331 
TRP CH2 HH2  sing N N 332 
TRP OXT HXT  sing N N 333 
TYR N   CA   sing N N 334 
TYR N   H    sing N N 335 
TYR N   H2   sing N N 336 
TYR CA  C    sing N N 337 
TYR CA  CB   sing N N 338 
TYR CA  HA   sing N N 339 
TYR C   O    doub N N 340 
TYR C   OXT  sing N N 341 
TYR CB  CG   sing N N 342 
TYR CB  HB2  sing N N 343 
TYR CB  HB3  sing N N 344 
TYR CG  CD1  doub Y N 345 
TYR CG  CD2  sing Y N 346 
TYR CD1 CE1  sing Y N 347 
TYR CD1 HD1  sing N N 348 
TYR CD2 CE2  doub Y N 349 
TYR CD2 HD2  sing N N 350 
TYR CE1 CZ   doub Y N 351 
TYR CE1 HE1  sing N N 352 
TYR CE2 CZ   sing Y N 353 
TYR CE2 HE2  sing N N 354 
TYR CZ  OH   sing N N 355 
TYR OH  HH   sing N N 356 
TYR OXT HXT  sing N N 357 
VAL N   CA   sing N N 358 
VAL N   H    sing N N 359 
VAL N   H2   sing N N 360 
VAL CA  C    sing N N 361 
VAL CA  CB   sing N N 362 
VAL CA  HA   sing N N 363 
VAL C   O    doub N N 364 
VAL C   OXT  sing N N 365 
VAL CB  CG1  sing N N 366 
VAL CB  CG2  sing N N 367 
VAL CB  HB   sing N N 368 
VAL CG1 HG11 sing N N 369 
VAL CG1 HG12 sing N N 370 
VAL CG1 HG13 sing N N 371 
VAL CG2 HG21 sing N N 372 
VAL CG2 HG22 sing N N 373 
VAL CG2 HG23 sing N N 374 
VAL OXT HXT  sing N N 375 
# 
_pdbx_initial_refinement_model.accession_code   ? 
_pdbx_initial_refinement_model.id               1 
_pdbx_initial_refinement_model.entity_id_list   ? 
_pdbx_initial_refinement_model.type             other 
_pdbx_initial_refinement_model.source_name      ? 
_pdbx_initial_refinement_model.details          'HUMAN ALPHA-LACTALBUMIN' 
# 
_atom_sites.entry_id                    1HFX 
_atom_sites.fract_transf_matrix[1][1]   0.00126972 
_atom_sites.fract_transf_matrix[1][2]   0.03009315 
_atom_sites.fract_transf_matrix[1][3]   0.00585644 
_atom_sites.fract_transf_matrix[2][1]   0.01390228 
_atom_sites.fract_transf_matrix[2][2]   0.00070220 
_atom_sites.fract_transf_matrix[2][3]   -0.00662237 
_atom_sites.fract_transf_matrix[3][1]   -0.00877600 
_atom_sites.fract_transf_matrix[3][2]   0.00387569 
_atom_sites.fract_transf_matrix[3][3]   -0.01801242 
_atom_sites.fract_transf_vector[1]      0.308789 
_atom_sites.fract_transf_vector[2]      0.316569 
_atom_sites.fract_transf_vector[3]      0.290137 
# 
loop_
_atom_type.symbol 
C  
CA 
N  
O  
S  
# 
loop_
_atom_site.group_PDB 
_atom_site.id 
_atom_site.type_symbol 
_atom_site.label_atom_id 
_atom_site.label_alt_id 
_atom_site.label_comp_id 
_atom_site.label_asym_id 
_atom_site.label_entity_id 
_atom_site.label_seq_id 
_atom_site.pdbx_PDB_ins_code 
_atom_site.Cartn_x 
_atom_site.Cartn_y 
_atom_site.Cartn_z 
_atom_site.occupancy 
_atom_site.B_iso_or_equiv 
_atom_site.pdbx_formal_charge 
_atom_site.auth_seq_id 
_atom_site.auth_comp_id 
_atom_site.auth_asym_id 
_atom_site.auth_atom_id 
_atom_site.pdbx_PDB_model_num 
ATOM   1    N  N   . LYS A 1 1   ? -11.064 7.628   3.391   1.00 25.52 ? 1   LYS A N   1 
ATOM   2    C  CA  . LYS A 1 1   ? -11.632 6.854   4.524   1.00 25.07 ? 1   LYS A CA  1 
ATOM   3    C  C   . LYS A 1 1   ? -10.512 6.520   5.486   1.00 23.54 ? 1   LYS A C   1 
ATOM   4    O  O   . LYS A 1 1   ? -9.472  6.059   5.068   1.00 17.55 ? 1   LYS A O   1 
ATOM   5    C  CB  . LYS A 1 1   ? -12.255 5.544   4.009   1.00 25.50 ? 1   LYS A CB  1 
ATOM   6    C  CG  . LYS A 1 1   ? -12.850 4.653   5.096   1.00 29.13 ? 1   LYS A CG  1 
ATOM   7    C  CD  . LYS A 1 1   ? -14.263 5.082   5.466   1.00 34.11 ? 1   LYS A CD  1 
ATOM   8    C  CE  . LYS A 1 1   ? -14.627 4.770   6.926   1.00 37.38 ? 1   LYS A CE  1 
ATOM   9    N  NZ  . LYS A 1 1   ? -14.171 5.841   7.891   1.00 39.54 ? 1   LYS A NZ  1 
ATOM   10   N  N   . GLN A 1 2   ? -10.706 6.815   6.764   1.00 26.85 ? 2   GLN A N   1 
ATOM   11   C  CA  . GLN A 1 2   ? -9.725  6.483   7.787   1.00 27.10 ? 2   GLN A CA  1 
ATOM   12   C  C   . GLN A 1 2   ? -10.157 5.106   8.305   1.00 26.14 ? 2   GLN A C   1 
ATOM   13   O  O   . GLN A 1 2   ? -11.260 4.945   8.827   1.00 27.20 ? 2   GLN A O   1 
ATOM   14   C  CB  . GLN A 1 2   ? -9.771  7.512   8.914   1.00 25.59 ? 2   GLN A CB  1 
ATOM   15   C  CG  . GLN A 1 2   ? -8.986  7.126   10.148  1.00 27.84 ? 2   GLN A CG  1 
ATOM   16   C  CD  . GLN A 1 2   ? -7.490  7.139   9.937   1.00 28.81 ? 2   GLN A CD  1 
ATOM   17   O  OE1 . GLN A 1 2   ? -6.928  8.123   9.452   1.00 32.55 ? 2   GLN A OE1 1 
ATOM   18   N  NE2 . GLN A 1 2   ? -6.830  6.067   10.341  1.00 29.83 ? 2   GLN A NE2 1 
ATOM   19   N  N   . LEU A 1 3   ? -9.316  4.106   8.104   1.00 14.14 ? 3   LEU A N   1 
ATOM   20   C  CA  . LEU A 1 3   ? -9.630  2.752   8.526   1.00 12.51 ? 3   LEU A CA  1 
ATOM   21   C  C   . LEU A 1 3   ? -9.012  2.439   9.873   1.00 12.43 ? 3   LEU A C   1 
ATOM   22   O  O   . LEU A 1 3   ? -8.208  3.201   10.401  1.00 14.26 ? 3   LEU A O   1 
ATOM   23   C  CB  . LEU A 1 3   ? -9.142  1.756   7.469   1.00 12.61 ? 3   LEU A CB  1 
ATOM   24   C  CG  . LEU A 1 3   ? -9.747  1.917   6.061   1.00 12.69 ? 3   LEU A CG  1 
ATOM   25   C  CD1 . LEU A 1 3   ? -9.008  1.055   5.071   1.00 14.91 ? 3   LEU A CD1 1 
ATOM   26   C  CD2 . LEU A 1 3   ? -11.212 1.535   6.059   1.00 15.68 ? 3   LEU A CD2 1 
ATOM   27   N  N   . THR A 1 4   ? -9.431  1.329   10.459  1.00 20.68 ? 4   THR A N   1 
ATOM   28   C  CA  . THR A 1 4   ? -8.893  0.914   11.744  1.00 20.70 ? 4   THR A CA  1 
ATOM   29   C  C   . THR A 1 4   ? -8.065  -0.329  11.497  1.00 17.66 ? 4   THR A C   1 
ATOM   30   O  O   . THR A 1 4   ? -8.220  -1.009  10.479  1.00 14.79 ? 4   THR A O   1 
ATOM   31   C  CB  . THR A 1 4   ? -10.016 0.552   12.766  1.00 23.12 ? 4   THR A CB  1 
ATOM   32   O  OG1 . THR A 1 4   ? -10.849 -0.494  12.234  1.00 26.33 ? 4   THR A OG1 1 
ATOM   33   C  CG2 . THR A 1 4   ? -10.876 1.776   13.097  1.00 25.64 ? 4   THR A CG2 1 
ATOM   34   N  N   . LYS A 1 5   ? -7.199  -0.643  12.444  1.00 15.28 ? 5   LYS A N   1 
ATOM   35   C  CA  . LYS A 1 5   ? -6.380  -1.827  12.326  1.00 13.25 ? 5   LYS A CA  1 
ATOM   36   C  C   . LYS A 1 5   ? -7.290  -3.025  12.092  1.00 14.38 ? 5   LYS A C   1 
ATOM   37   O  O   . LYS A 1 5   ? -7.074  -3.810  11.174  1.00 13.98 ? 5   LYS A O   1 
ATOM   38   C  CB  . LYS A 1 5   ? -5.566  -2.022  13.603  1.00 16.85 ? 5   LYS A CB  1 
ATOM   39   C  CG  . LYS A 1 5   ? -4.541  -3.144  13.510  1.00 14.85 ? 5   LYS A CG  1 
ATOM   40   C  CD  . LYS A 1 5   ? -3.600  -3.133  14.678  1.00 17.31 ? 5   LYS A CD  1 
ATOM   41   C  CE  . LYS A 1 5   ? -4.333  -3.421  15.959  1.00 19.80 ? 5   LYS A CE  1 
ATOM   42   N  NZ  . LYS A 1 5   ? -3.366  -3.592  17.073  1.00 22.04 ? 5   LYS A NZ  1 
ATOM   43   N  N   . CYS A 1 6   ? -8.365  -3.111  12.877  1.00 15.58 ? 6   CYS A N   1 
ATOM   44   C  CA  . CYS A 1 6   ? -9.309  -4.221  12.776  1.00 15.50 ? 6   CYS A CA  1 
ATOM   45   C  C   . CYS A 1 6   ? -10.119 -4.363  11.484  1.00 15.29 ? 6   CYS A C   1 
ATOM   46   O  O   . CYS A 1 6   ? -10.268 -5.475  10.992  1.00 14.75 ? 6   CYS A O   1 
ATOM   47   C  CB  . CYS A 1 6   ? -10.208 -4.248  14.008  1.00 17.79 ? 6   CYS A CB  1 
ATOM   48   S  SG  . CYS A 1 6   ? -9.285  -4.734  15.505  1.00 20.10 ? 6   CYS A SG  1 
ATOM   49   N  N   . ALA A 1 7   ? -10.641 -3.269  10.929  1.00 14.84 ? 7   ALA A N   1 
ATOM   50   C  CA  . ALA A 1 7   ? -11.397 -3.359  9.667   1.00 16.68 ? 7   ALA A CA  1 
ATOM   51   C  C   . ALA A 1 7   ? -10.413 -3.647  8.519   1.00 16.53 ? 7   ALA A C   1 
ATOM   52   O  O   . ALA A 1 7   ? -10.689 -4.430  7.602   1.00 17.14 ? 7   ALA A O   1 
ATOM   53   C  CB  . ALA A 1 7   ? -12.163 -2.055  9.402   1.00 14.99 ? 7   ALA A CB  1 
ATOM   54   N  N   . LEU A 1 8   ? -9.238  -3.040  8.614   1.00 15.31 ? 8   LEU A N   1 
ATOM   55   C  CA  . LEU A 1 8   ? -8.195  -3.221  7.628   1.00 13.60 ? 8   LEU A CA  1 
ATOM   56   C  C   . LEU A 1 8   ? -7.697  -4.665  7.615   1.00 12.67 ? 8   LEU A C   1 
ATOM   57   O  O   . LEU A 1 8   ? -7.530  -5.246  6.554   1.00 16.34 ? 8   LEU A O   1 
ATOM   58   C  CB  . LEU A 1 8   ? -7.056  -2.257  7.921   1.00 14.29 ? 8   LEU A CB  1 
ATOM   59   C  CG  . LEU A 1 8   ? -6.037  -2.140  6.809   1.00 16.61 ? 8   LEU A CG  1 
ATOM   60   C  CD1 . LEU A 1 8   ? -6.773  -1.801  5.519   1.00 16.94 ? 8   LEU A CD1 1 
ATOM   61   C  CD2 . LEU A 1 8   ? -5.004  -1.095  7.155   1.00 15.90 ? 8   LEU A CD2 1 
ATOM   62   N  N   . SER A 1 9   ? -7.508  -5.259  8.792   1.00 14.60 ? 9   SER A N   1 
ATOM   63   C  CA  . SER A 1 9   ? -7.063  -6.647  8.871   1.00 16.67 ? 9   SER A CA  1 
ATOM   64   C  C   . SER A 1 9   ? -8.051  -7.560  8.147   1.00 16.57 ? 9   SER A C   1 
ATOM   65   O  O   . SER A 1 9   ? -7.665  -8.559  7.548   1.00 24.18 ? 9   SER A O   1 
ATOM   66   C  CB  . SER A 1 9   ? -6.911  -7.103  10.316  1.00 19.67 ? 9   SER A CB  1 
ATOM   67   O  OG  . SER A 1 9   ? -8.151  -7.027  10.985  1.00 28.64 ? 9   SER A OG  1 
ATOM   68   N  N   . HIS A 1 10  ? -9.330  -7.199  8.178   1.00 16.12 ? 10  HIS A N   1 
ATOM   69   C  CA  . HIS A 1 10  ? -10.353 -7.997  7.504   1.00 18.58 ? 10  HIS A CA  1 
ATOM   70   C  C   . HIS A 1 10  ? -10.258 -7.821  5.992   1.00 17.47 ? 10  HIS A C   1 
ATOM   71   O  O   . HIS A 1 10  ? -10.253 -8.803  5.247   1.00 25.18 ? 10  HIS A O   1 
ATOM   72   C  CB  . HIS A 1 10  ? -11.766 -7.619  7.993   1.00 31.55 ? 10  HIS A CB  1 
ATOM   73   C  CG  . HIS A 1 10  ? -12.101 -8.128  9.370   1.00 39.09 ? 10  HIS A CG  1 
ATOM   74   N  ND1 . HIS A 1 10  ? -11.334 -7.855  10.486  1.00 42.61 ? 10  HIS A ND1 1 
ATOM   75   C  CD2 . HIS A 1 10  ? -13.133 -8.888  9.809   1.00 42.17 ? 10  HIS A CD2 1 
ATOM   76   C  CE1 . HIS A 1 10  ? -11.875 -8.423  11.547  1.00 42.93 ? 10  HIS A CE1 1 
ATOM   77   N  NE2 . HIS A 1 10  ? -12.970 -9.057  11.164  1.00 44.09 ? 10  HIS A NE2 1 
ATOM   78   N  N   . GLU A 1 11  ? -10.105 -6.570  5.556   1.00 18.87 ? 11  GLU A N   1 
ATOM   79   C  CA  . GLU A 1 11  ? -10.030 -6.231  4.129   1.00 19.57 ? 11  GLU A CA  1 
ATOM   80   C  C   . GLU A 1 11  ? -8.761  -6.666  3.411   1.00 18.02 ? 11  GLU A C   1 
ATOM   81   O  O   . GLU A 1 11  ? -8.728  -6.706  2.183   1.00 19.28 ? 11  GLU A O   1 
ATOM   82   C  CB  . GLU A 1 11  ? -10.251 -4.726  3.927   1.00 21.23 ? 11  GLU A CB  1 
ATOM   83   C  CG  . GLU A 1 11  ? -11.652 -4.285  4.287   1.00 26.27 ? 11  GLU A CG  1 
ATOM   84   C  CD  . GLU A 1 11  ? -11.905 -2.814  4.029   1.00 29.50 ? 11  GLU A CD  1 
ATOM   85   O  OE1 . GLU A 1 11  ? -11.227 -2.241  3.152   1.00 31.43 ? 11  GLU A OE1 1 
ATOM   86   O  OE2 . GLU A 1 11  ? -12.792 -2.235  4.701   1.00 32.83 ? 11  GLU A OE2 1 
ATOM   87   N  N   . LEU A 1 12  ? -7.729  -6.995  4.180   1.00 14.85 ? 12  LEU A N   1 
ATOM   88   C  CA  . LEU A 1 12  ? -6.453  -7.422  3.626   1.00 15.93 ? 12  LEU A CA  1 
ATOM   89   C  C   . LEU A 1 12  ? -6.299  -8.936  3.617   1.00 16.04 ? 12  LEU A C   1 
ATOM   90   O  O   . LEU A 1 12  ? -5.213  -9.445  3.348   1.00 19.73 ? 12  LEU A O   1 
ATOM   91   C  CB  . LEU A 1 12  ? -5.305  -6.803  4.429   1.00 16.14 ? 12  LEU A CB  1 
ATOM   92   C  CG  . LEU A 1 12  ? -4.637  -5.549  3.871   1.00 20.84 ? 12  LEU A CG  1 
ATOM   93   C  CD1 . LEU A 1 12  ? -5.619  -4.681  3.083   1.00 18.44 ? 12  LEU A CD1 1 
ATOM   94   C  CD2 . LEU A 1 12  ? -4.019  -4.805  5.031   1.00 19.04 ? 12  LEU A CD2 1 
ATOM   95   N  N   . ASN A 1 13  ? -7.388  -9.646  3.886   1.00 16.23 ? 13  ASN A N   1 
ATOM   96   C  CA  . ASN A 1 13  ? -7.364  -11.106 3.924   1.00 20.38 ? 13  ASN A CA  1 
ATOM   97   C  C   . ASN A 1 13  ? -6.752  -11.784 2.689   1.00 19.39 ? 13  ASN A C   1 
ATOM   98   O  O   . ASN A 1 13  ? -6.064  -12.795 2.831   1.00 30.29 ? 13  ASN A O   1 
ATOM   99   C  CB  . ASN A 1 13  ? -8.759  -11.689 4.259   1.00 33.85 ? 13  ASN A CB  1 
ATOM   100  C  CG  . ASN A 1 13  ? -9.776  -11.555 3.109   1.00 39.32 ? 13  ASN A CG  1 
ATOM   101  O  OD1 . ASN A 1 13  ? -10.107 -12.543 2.443   1.00 41.95 ? 13  ASN A OD1 1 
ATOM   102  N  ND2 . ASN A 1 13  ? -10.304 -10.346 2.906   1.00 39.90 ? 13  ASN A ND2 1 
ATOM   103  N  N   . ASP A 1 14  ? -6.940  -11.213 1.498   1.00 26.07 ? 14  ASP A N   1 
ATOM   104  C  CA  . ASP A 1 14  ? -6.367  -11.823 0.297   1.00 26.57 ? 14  ASP A CA  1 
ATOM   105  C  C   . ASP A 1 14  ? -4.958  -11.336 -0.012  1.00 26.64 ? 14  ASP A C   1 
ATOM   106  O  O   . ASP A 1 14  ? -4.318  -11.833 -0.950  1.00 27.54 ? 14  ASP A O   1 
ATOM   107  C  CB  . ASP A 1 14  ? -7.260  -11.645 -0.941  1.00 24.39 ? 14  ASP A CB  1 
ATOM   108  C  CG  . ASP A 1 14  ? -6.873  -12.598 -2.079  1.00 26.07 ? 14  ASP A CG  1 
ATOM   109  O  OD1 . ASP A 1 14  ? -6.745  -13.814 -1.821  1.00 30.40 ? 14  ASP A OD1 1 
ATOM   110  O  OD2 . ASP A 1 14  ? -6.680  -12.158 -3.230  1.00 24.09 ? 14  ASP A OD2 1 
ATOM   111  N  N   . LEU A 1 15  ? -4.484  -10.333 0.719   1.00 14.28 ? 15  LEU A N   1 
ATOM   112  C  CA  . LEU A 1 15  ? -3.129  -9.863  0.468   1.00 11.17 ? 15  LEU A CA  1 
ATOM   113  C  C   . LEU A 1 15  ? -2.138  -10.595 1.369   1.00 10.84 ? 15  LEU A C   1 
ATOM   114  O  O   . LEU A 1 15  ? -1.054  -10.980 0.933   1.00 14.25 ? 15  LEU A O   1 
ATOM   115  C  CB  . LEU A 1 15  ? -3.026  -8.357  0.682   1.00 13.39 ? 15  LEU A CB  1 
ATOM   116  C  CG  . LEU A 1 15  ? -1.665  -7.686  0.514   1.00 10.89 ? 15  LEU A CG  1 
ATOM   117  C  CD1 . LEU A 1 15  ? -1.107  -7.910  -0.878  1.00 9.55  ? 15  LEU A CD1 1 
ATOM   118  C  CD2 . LEU A 1 15  ? -1.798  -6.209  0.825   1.00 12.75 ? 15  LEU A CD2 1 
ATOM   119  N  N   . ALA A 1 16  ? -2.518  -10.786 2.623   1.00 13.95 ? 16  ALA A N   1 
ATOM   120  C  CA  . ALA A 1 16  ? -1.648  -11.438 3.590   1.00 15.59 ? 16  ALA A CA  1 
ATOM   121  C  C   . ALA A 1 16  ? -1.121  -12.753 3.041   1.00 15.90 ? 16  ALA A C   1 
ATOM   122  O  O   . ALA A 1 16  ? -1.881  -13.529 2.464   1.00 25.03 ? 16  ALA A O   1 
ATOM   123  C  CB  . ALA A 1 16  ? -2.397  -11.669 4.898   1.00 18.12 ? 16  ALA A CB  1 
ATOM   124  N  N   . GLY A 1 17  ? 0.184   -12.962 3.143   1.00 15.04 ? 17  GLY A N   1 
ATOM   125  C  CA  . GLY A 1 17  ? 0.774   -14.205 2.670   1.00 15.88 ? 17  GLY A CA  1 
ATOM   126  C  C   . GLY A 1 17  ? 1.399   -14.145 1.291   1.00 16.76 ? 17  GLY A C   1 
ATOM   127  O  O   . GLY A 1 17  ? 2.261   -14.967 0.969   1.00 20.17 ? 17  GLY A O   1 
ATOM   128  N  N   . TYR A 1 18  ? 0.962   -13.188 0.472   1.00 15.82 ? 18  TYR A N   1 
ATOM   129  C  CA  . TYR A 1 18  ? 1.491   -13.035 -0.878  1.00 15.00 ? 18  TYR A CA  1 
ATOM   130  C  C   . TYR A 1 18  ? 2.950   -12.587 -0.755  1.00 16.17 ? 18  TYR A C   1 
ATOM   131  O  O   . TYR A 1 18  ? 3.246   -11.620 -0.059  1.00 13.11 ? 18  TYR A O   1 
ATOM   132  C  CB  . TYR A 1 18  ? 0.675   -11.991 -1.643  1.00 14.06 ? 18  TYR A CB  1 
ATOM   133  C  CG  . TYR A 1 18  ? 0.912   -12.013 -3.131  1.00 14.79 ? 18  TYR A CG  1 
ATOM   134  C  CD1 . TYR A 1 18  ? 0.226   -12.918 -3.933  1.00 15.34 ? 18  TYR A CD1 1 
ATOM   135  C  CD2 . TYR A 1 18  ? 1.804   -11.117 -3.745  1.00 14.49 ? 18  TYR A CD2 1 
ATOM   136  C  CE1 . TYR A 1 18  ? 0.411   -12.938 -5.305  1.00 15.08 ? 18  TYR A CE1 1 
ATOM   137  C  CE2 . TYR A 1 18  ? 1.998   -11.135 -5.128  1.00 15.63 ? 18  TYR A CE2 1 
ATOM   138  C  CZ  . TYR A 1 18  ? 1.285   -12.055 -5.893  1.00 15.08 ? 18  TYR A CZ  1 
ATOM   139  O  OH  . TYR A 1 18  ? 1.414   -12.124 -7.245  1.00 19.47 ? 18  TYR A OH  1 
ATOM   140  N  N   . ARG A 1 19  ? 3.852   -13.285 -1.445  1.00 7.48  ? 19  ARG A N   1 
ATOM   141  C  CA  . ARG A 1 19  ? 5.284   -13.011 -1.389  1.00 9.34  ? 19  ARG A CA  1 
ATOM   142  C  C   . ARG A 1 19  ? 5.777   -13.087 0.065   1.00 10.53 ? 19  ARG A C   1 
ATOM   143  O  O   . ARG A 1 19  ? 6.724   -12.405 0.464   1.00 23.24 ? 19  ARG A O   1 
ATOM   144  C  CB  . ARG A 1 19  ? 5.643   -11.672 -2.047  1.00 25.93 ? 19  ARG A CB  1 
ATOM   145  C  CG  . ARG A 1 19  ? 5.578   -11.670 -3.569  1.00 30.11 ? 19  ARG A CG  1 
ATOM   146  C  CD  . ARG A 1 19  ? 6.669   -12.522 -4.212  1.00 37.94 ? 19  ARG A CD  1 
ATOM   147  N  NE  . ARG A 1 19  ? 6.567   -12.563 -5.680  1.00 45.10 ? 19  ARG A NE  1 
ATOM   148  C  CZ  . ARG A 1 19  ? 7.294   -13.354 -6.475  1.00 47.54 ? 19  ARG A CZ  1 
ATOM   149  N  NH1 . ARG A 1 19  ? 8.178   -14.201 -5.961  1.00 49.34 ? 19  ARG A NH1 1 
ATOM   150  N  NH2 . ARG A 1 19  ? 7.130   -13.309 -7.794  1.00 48.19 ? 19  ARG A NH2 1 
ATOM   151  N  N   . ASP A 1 20  ? 5.110   -13.934 0.852   1.00 17.71 ? 20  ASP A N   1 
ATOM   152  C  CA  . ASP A 1 20  ? 5.442   -14.167 2.254   1.00 18.58 ? 20  ASP A CA  1 
ATOM   153  C  C   . ASP A 1 20  ? 5.405   -12.961 3.184   1.00 17.57 ? 20  ASP A C   1 
ATOM   154  O  O   . ASP A 1 20  ? 6.084   -12.949 4.217   1.00 21.81 ? 20  ASP A O   1 
ATOM   155  C  CB  . ASP A 1 20  ? 6.800   -14.876 2.374   1.00 28.55 ? 20  ASP A CB  1 
ATOM   156  C  CG  . ASP A 1 20  ? 6.844   -16.191 1.610   1.00 32.36 ? 20  ASP A CG  1 
ATOM   157  O  OD1 . ASP A 1 20  ? 5.804   -16.878 1.531   1.00 32.25 ? 20  ASP A OD1 1 
ATOM   158  O  OD2 . ASP A 1 20  ? 7.923   -16.531 1.077   1.00 37.47 ? 20  ASP A OD2 1 
ATOM   159  N  N   . ILE A 1 21  ? 4.615   -11.951 2.836   1.00 11.93 ? 21  ILE A N   1 
ATOM   160  C  CA  . ILE A 1 21  ? 4.485   -10.771 3.698   1.00 9.34  ? 21  ILE A CA  1 
ATOM   161  C  C   . ILE A 1 21  ? 3.251   -11.029 4.535   1.00 8.39  ? 21  ILE A C   1 
ATOM   162  O  O   . ILE A 1 21  ? 2.149   -11.178 4.012   1.00 12.29 ? 21  ILE A O   1 
ATOM   163  C  CB  . ILE A 1 21  ? 4.291   -9.479  2.899   1.00 14.52 ? 21  ILE A CB  1 
ATOM   164  C  CG1 . ILE A 1 21  ? 5.348   -9.391  1.800   1.00 14.97 ? 21  ILE A CG1 1 
ATOM   165  C  CG2 . ILE A 1 21  ? 4.432   -8.280  3.827   1.00 13.58 ? 21  ILE A CG2 1 
ATOM   166  C  CD1 . ILE A 1 21  ? 6.747   -9.561  2.321   1.00 19.18 ? 21  ILE A CD1 1 
ATOM   167  N  N   . THR A 1 22  ? 3.451   -11.099 5.839   1.00 8.16  ? 22  THR A N   1 
ATOM   168  C  CA  . THR A 1 22  ? 2.379   -11.386 6.775   1.00 8.55  ? 22  THR A CA  1 
ATOM   169  C  C   . THR A 1 22  ? 1.422   -10.238 7.037   1.00 6.84  ? 22  THR A C   1 
ATOM   170  O  O   . THR A 1 22  ? 1.743   -9.077  6.779   1.00 7.37  ? 22  THR A O   1 
ATOM   171  C  CB  . THR A 1 22  ? 2.962   -11.881 8.112   1.00 11.66 ? 22  THR A CB  1 
ATOM   172  O  OG1 . THR A 1 22  ? 3.712   -10.823 8.733   1.00 13.66 ? 22  THR A OG1 1 
ATOM   173  C  CG2 . THR A 1 22  ? 3.874   -13.091 7.873   1.00 13.94 ? 22  THR A CG2 1 
ATOM   174  N  N   . LEU A 1 23  ? 0.258   -10.575 7.589   1.00 7.67  ? 23  LEU A N   1 
ATOM   175  C  CA  . LEU A 1 23  ? -0.761  -9.592  7.903   1.00 8.15  ? 23  LEU A CA  1 
ATOM   176  C  C   . LEU A 1 23  ? -0.250  -8.518  8.903   1.00 10.45 ? 23  LEU A C   1 
ATOM   177  O  O   . LEU A 1 23  ? -0.386  -7.320  8.636   1.00 9.61  ? 23  LEU A O   1 
ATOM   178  C  CB  . LEU A 1 23  ? -2.020  -10.298 8.414   1.00 10.88 ? 23  LEU A CB  1 
ATOM   179  C  CG  . LEU A 1 23  ? -3.412  -9.641  8.426   1.00 12.44 ? 23  LEU A CG  1 
ATOM   180  C  CD1 . LEU A 1 23  ? -3.926  -9.554  9.825   1.00 13.76 ? 23  LEU A CD1 1 
ATOM   181  C  CD2 . LEU A 1 23  ? -3.427  -8.289  7.751   1.00 10.76 ? 23  LEU A CD2 1 
ATOM   182  N  N   . PRO A 1 24  ? 0.372   -8.922  10.029  1.00 10.35 ? 24  PRO A N   1 
ATOM   183  C  CA  . PRO A 1 24  ? 0.846   -7.889  10.959  1.00 11.13 ? 24  PRO A CA  1 
ATOM   184  C  C   . PRO A 1 24  ? 1.915   -6.970  10.364  1.00 11.87 ? 24  PRO A C   1 
ATOM   185  O  O   . PRO A 1 24  ? 1.989   -5.784  10.693  1.00 10.35 ? 24  PRO A O   1 
ATOM   186  C  CB  . PRO A 1 24  ? 1.363   -8.699  12.145  1.00 12.71 ? 24  PRO A CB  1 
ATOM   187  C  CG  . PRO A 1 24  ? 1.696   -10.030 11.562  1.00 13.82 ? 24  PRO A CG  1 
ATOM   188  C  CD  . PRO A 1 24  ? 0.591   -10.270 10.594  1.00 12.87 ? 24  PRO A CD  1 
ATOM   189  N  N   . GLU A 1 25  ? 2.729   -7.523  9.470   1.00 9.35  ? 25  GLU A N   1 
ATOM   190  C  CA  . GLU A 1 25  ? 3.752   -6.751  8.804   1.00 9.78  ? 25  GLU A CA  1 
ATOM   191  C  C   . GLU A 1 25  ? 3.074   -5.703  7.913   1.00 6.78  ? 25  GLU A C   1 
ATOM   192  O  O   . GLU A 1 25  ? 3.465   -4.537  7.892   1.00 6.18  ? 25  GLU A O   1 
ATOM   193  C  CB  . GLU A 1 25  ? 4.648   -7.667  7.990   1.00 12.25 ? 25  GLU A CB  1 
ATOM   194  C  CG  . GLU A 1 25  ? 5.869   -6.951  7.487   1.00 17.43 ? 25  GLU A CG  1 
ATOM   195  C  CD  . GLU A 1 25  ? 6.892   -7.874  6.869   1.00 20.34 ? 25  GLU A CD  1 
ATOM   196  O  OE1 . GLU A 1 25  ? 6.824   -9.111  7.074   1.00 23.57 ? 25  GLU A OE1 1 
ATOM   197  O  OE2 . GLU A 1 25  ? 7.774   -7.338  6.182   1.00 21.20 ? 25  GLU A OE2 1 
ATOM   198  N  N   . TRP A 1 26  ? 2.031   -6.106  7.206   1.00 9.75  ? 26  TRP A N   1 
ATOM   199  C  CA  . TRP A 1 26  ? 1.301   -5.157  6.371   1.00 9.90  ? 26  TRP A CA  1 
ATOM   200  C  C   . TRP A 1 26  ? 0.618   -4.069  7.198   1.00 9.22  ? 26  TRP A C   1 
ATOM   201  O  O   . TRP A 1 26  ? 0.634   -2.902  6.815   1.00 8.95  ? 26  TRP A O   1 
ATOM   202  C  CB  . TRP A 1 26  ? 0.234   -5.856  5.529   1.00 7.20  ? 26  TRP A CB  1 
ATOM   203  C  CG  . TRP A 1 26  ? 0.737   -6.259  4.206   1.00 8.99  ? 26  TRP A CG  1 
ATOM   204  C  CD1 . TRP A 1 26  ? 0.712   -7.516  3.662   1.00 8.73  ? 26  TRP A CD1 1 
ATOM   205  C  CD2 . TRP A 1 26  ? 1.354   -5.413  3.232   1.00 8.62  ? 26  TRP A CD2 1 
ATOM   206  N  NE1 . TRP A 1 26  ? 1.274   -7.495  2.415   1.00 10.36 ? 26  TRP A NE1 1 
ATOM   207  C  CE2 . TRP A 1 26  ? 1.673   -6.216  2.121   1.00 10.59 ? 26  TRP A CE2 1 
ATOM   208  C  CE3 . TRP A 1 26  ? 1.663   -4.034  3.195   1.00 8.86  ? 26  TRP A CE3 1 
ATOM   209  C  CZ2 . TRP A 1 26  ? 2.291   -5.695  0.971   1.00 10.20 ? 26  TRP A CZ2 1 
ATOM   210  C  CZ3 . TRP A 1 26  ? 2.274   -3.519  2.056   1.00 9.79  ? 26  TRP A CZ3 1 
ATOM   211  C  CH2 . TRP A 1 26  ? 2.581   -4.349  0.956   1.00 9.16  ? 26  TRP A CH2 1 
ATOM   212  N  N   . LEU A 1 27  ? 0.010   -4.439  8.320   1.00 3.10  ? 27  LEU A N   1 
ATOM   213  C  CA  . LEU A 1 27  ? -0.671  -3.448  9.143   1.00 4.54  ? 27  LEU A CA  1 
ATOM   214  C  C   . LEU A 1 27  ? 0.352   -2.448  9.671   1.00 5.18  ? 27  LEU A C   1 
ATOM   215  O  O   . LEU A 1 27  ? 0.096   -1.238  9.734   1.00 7.80  ? 27  LEU A O   1 
ATOM   216  C  CB  . LEU A 1 27  ? -1.434  -4.138  10.269  1.00 6.94  ? 27  LEU A CB  1 
ATOM   217  C  CG  . LEU A 1 27  ? -2.556  -5.088  9.826   1.00 8.99  ? 27  LEU A CG  1 
ATOM   218  C  CD1 . LEU A 1 27  ? -3.043  -5.926  10.997  1.00 10.62 ? 27  LEU A CD1 1 
ATOM   219  C  CD2 . LEU A 1 27  ? -3.703  -4.286  9.239   1.00 10.09 ? 27  LEU A CD2 1 
ATOM   220  N  N   . CYS A 1 28  ? 1.528   -2.955  10.018  1.00 6.43  ? 28  CYS A N   1 
ATOM   221  C  CA  . CYS A 1 28  ? 2.596   -2.097  10.505  1.00 7.70  ? 28  CYS A CA  1 
ATOM   222  C  C   . CYS A 1 28  ? 3.062   -1.140  9.394   1.00 8.56  ? 28  CYS A C   1 
ATOM   223  O  O   . CYS A 1 28  ? 3.085   0.074   9.582   1.00 6.05  ? 28  CYS A O   1 
ATOM   224  C  CB  . CYS A 1 28  ? 3.765   -2.945  11.011  1.00 5.97  ? 28  CYS A CB  1 
ATOM   225  S  SG  . CYS A 1 28  ? 5.171   -1.977  11.630  1.00 8.17  ? 28  CYS A SG  1 
ATOM   226  N  N   . ILE A 1 29  ? 3.372   -1.690  8.224   1.00 8.10  ? 29  ILE A N   1 
ATOM   227  C  CA  . ILE A 1 29  ? 3.837   -0.889  7.101   1.00 8.46  ? 29  ILE A CA  1 
ATOM   228  C  C   . ILE A 1 29  ? 2.816   0.188   6.711   1.00 7.02  ? 29  ILE A C   1 
ATOM   229  O  O   . ILE A 1 29  ? 3.154   1.363   6.619   1.00 6.78  ? 29  ILE A O   1 
ATOM   230  C  CB  . ILE A 1 29  ? 4.153   -1.785  5.874   1.00 7.47  ? 29  ILE A CB  1 
ATOM   231  C  CG1 . ILE A 1 29  ? 5.371   -2.681  6.170   1.00 10.61 ? 29  ILE A CG1 1 
ATOM   232  C  CG2 . ILE A 1 29  ? 4.394   -0.926  4.646   1.00 10.13 ? 29  ILE A CG2 1 
ATOM   233  C  CD1 . ILE A 1 29  ? 5.570   -3.861  5.190   1.00 8.33  ? 29  ILE A CD1 1 
ATOM   234  N  N   . ILE A 1 30  ? 1.566   -0.221  6.506   1.00 5.91  ? 30  ILE A N   1 
ATOM   235  C  CA  . ILE A 1 30  ? 0.506   0.698   6.109   1.00 7.88  ? 30  ILE A CA  1 
ATOM   236  C  C   . ILE A 1 30  ? 0.282   1.807   7.149   1.00 8.69  ? 30  ILE A C   1 
ATOM   237  O  O   . ILE A 1 30  ? 0.103   2.979   6.793   1.00 7.66  ? 30  ILE A O   1 
ATOM   238  C  CB  . ILE A 1 30  ? -0.806  -0.067  5.799   1.00 6.18  ? 30  ILE A CB  1 
ATOM   239  C  CG1 . ILE A 1 30  ? -0.574  -1.022  4.622   1.00 4.81  ? 30  ILE A CG1 1 
ATOM   240  C  CG2 . ILE A 1 30  ? -1.921  0.910   5.430   1.00 7.74  ? 30  ILE A CG2 1 
ATOM   241  C  CD1 . ILE A 1 30  ? -1.716  -2.015  4.396   1.00 8.32  ? 30  ILE A CD1 1 
ATOM   242  N  N   . PHE A 1 31  ? 0.328   1.463   8.434   1.00 8.08  ? 31  PHE A N   1 
ATOM   243  C  CA  . PHE A 1 31  ? 0.137   2.496   9.439   1.00 8.75  ? 31  PHE A CA  1 
ATOM   244  C  C   . PHE A 1 31  ? 1.238   3.527   9.298   1.00 6.54  ? 31  PHE A C   1 
ATOM   245  O  O   . PHE A 1 31  ? 0.984   4.724   9.324   1.00 5.86  ? 31  PHE A O   1 
ATOM   246  C  CB  . PHE A 1 31  ? 0.129   1.930   10.853  1.00 6.25  ? 31  PHE A CB  1 
ATOM   247  C  CG  . PHE A 1 31  ? -0.152  2.973   11.894  1.00 9.94  ? 31  PHE A CG  1 
ATOM   248  C  CD1 . PHE A 1 31  ? -1.396  3.585   11.942  1.00 9.69  ? 31  PHE A CD1 1 
ATOM   249  C  CD2 . PHE A 1 31  ? 0.849   3.399   12.775  1.00 11.09 ? 31  PHE A CD2 1 
ATOM   250  C  CE1 . PHE A 1 31  ? -1.655  4.609   12.838  1.00 11.54 ? 31  PHE A CE1 1 
ATOM   251  C  CE2 . PHE A 1 31  ? 0.607   4.435   13.692  1.00 12.68 ? 31  PHE A CE2 1 
ATOM   252  C  CZ  . PHE A 1 31  ? -0.652  5.040   13.714  1.00 13.99 ? 31  PHE A CZ  1 
ATOM   253  N  N   . HIS A 1 32  ? 2.458   3.050   9.106   1.00 8.57  ? 32  HIS A N   1 
ATOM   254  C  CA  . HIS A 1 32  ? 3.600   3.934   8.953   1.00 11.36 ? 32  HIS A CA  1 
ATOM   255  C  C   . HIS A 1 32  ? 3.544   4.825   7.715   1.00 11.29 ? 32  HIS A C   1 
ATOM   256  O  O   . HIS A 1 32  ? 3.896   5.995   7.776   1.00 11.32 ? 32  HIS A O   1 
ATOM   257  C  CB  . HIS A 1 32  ? 4.899   3.128   8.892   1.00 11.39 ? 32  HIS A CB  1 
ATOM   258  C  CG  . HIS A 1 32  ? 5.479   2.798   10.234  1.00 11.16 ? 32  HIS A CG  1 
ATOM   259  N  ND1 . HIS A 1 32  ? 5.002   1.776   11.021  1.00 13.11 ? 32  HIS A ND1 1 
ATOM   260  C  CD2 . HIS A 1 32  ? 6.539   3.325   10.889  1.00 9.44  ? 32  HIS A CD2 1 
ATOM   261  C  CE1 . HIS A 1 32  ? 5.746   1.680   12.111  1.00 9.69  ? 32  HIS A CE1 1 
ATOM   262  N  NE2 . HIS A 1 32  ? 6.683   2.603   12.050  1.00 11.72 ? 32  HIS A NE2 1 
ATOM   263  N  N   . ILE A 1 33  ? 3.127   4.275   6.587   1.00 5.09  ? 33  ILE A N   1 
ATOM   264  C  CA  . ILE A 1 33  ? 3.110   5.078   5.374   1.00 8.48  ? 33  ILE A CA  1 
ATOM   265  C  C   . ILE A 1 33  ? 1.839   5.859   5.055   1.00 9.02  ? 33  ILE A C   1 
ATOM   266  O  O   . ILE A 1 33  ? 1.887   6.814   4.280   1.00 11.37 ? 33  ILE A O   1 
ATOM   267  C  CB  . ILE A 1 33  ? 3.524   4.241   4.147   1.00 10.15 ? 33  ILE A CB  1 
ATOM   268  C  CG1 . ILE A 1 33  ? 2.417   3.238   3.791   1.00 10.42 ? 33  ILE A CG1 1 
ATOM   269  C  CG2 . ILE A 1 33  ? 4.852   3.541   4.427   1.00 12.97 ? 33  ILE A CG2 1 
ATOM   270  C  CD1 . ILE A 1 33  ? 2.647   2.500   2.493   1.00 9.99  ? 33  ILE A CD1 1 
ATOM   271  N  N   . SER A 1 34  ? 0.706   5.485   5.646   1.00 9.10  ? 34  SER A N   1 
ATOM   272  C  CA  . SER A 1 34  ? -0.537  6.186   5.330   1.00 8.35  ? 34  SER A CA  1 
ATOM   273  C  C   . SER A 1 34  ? -1.425  6.438   6.534   1.00 7.62  ? 34  SER A C   1 
ATOM   274  O  O   . SER A 1 34  ? -2.469  7.085   6.415   1.00 11.13 ? 34  SER A O   1 
ATOM   275  C  CB  . SER A 1 34  ? -1.336  5.388   4.288   1.00 11.19 ? 34  SER A CB  1 
ATOM   276  O  OG  . SER A 1 34  ? -1.823  4.163   4.837   1.00 11.61 ? 34  SER A OG  1 
ATOM   277  N  N   . GLY A 1 35  ? -1.042  5.899   7.685   1.00 9.26  ? 35  GLY A N   1 
ATOM   278  C  CA  . GLY A 1 35  ? -1.857  6.067   8.871   1.00 10.30 ? 35  GLY A CA  1 
ATOM   279  C  C   . GLY A 1 35  ? -3.250  5.482   8.706   1.00 11.07 ? 35  GLY A C   1 
ATOM   280  O  O   . GLY A 1 35  ? -4.171  5.915   9.385   1.00 14.45 ? 35  GLY A O   1 
ATOM   281  N  N   . TYR A 1 36  ? -3.393  4.502   7.812   1.00 7.62  ? 36  TYR A N   1 
ATOM   282  C  CA  . TYR A 1 36  ? -4.662  3.820   7.530   1.00 6.08  ? 36  TYR A CA  1 
ATOM   283  C  C   . TYR A 1 36  ? -5.684  4.689   6.820   1.00 5.39  ? 36  TYR A C   1 
ATOM   284  O  O   . TYR A 1 36  ? -6.875  4.405   6.832   1.00 8.41  ? 36  TYR A O   1 
ATOM   285  C  CB  . TYR A 1 36  ? -5.280  3.256   8.805   1.00 6.10  ? 36  TYR A CB  1 
ATOM   286  C  CG  . TYR A 1 36  ? -4.447  2.212   9.504   1.00 7.61  ? 36  TYR A CG  1 
ATOM   287  C  CD1 . TYR A 1 36  ? -3.589  1.377   8.788   1.00 7.69  ? 36  TYR A CD1 1 
ATOM   288  C  CD2 . TYR A 1 36  ? -4.548  2.032   10.881  1.00 7.05  ? 36  TYR A CD2 1 
ATOM   289  C  CE1 . TYR A 1 36  ? -2.857  0.382   9.421   1.00 11.28 ? 36  TYR A CE1 1 
ATOM   290  C  CE2 . TYR A 1 36  ? -3.819  1.030   11.528  1.00 11.11 ? 36  TYR A CE2 1 
ATOM   291  C  CZ  . TYR A 1 36  ? -2.978  0.213   10.789  1.00 9.96  ? 36  TYR A CZ  1 
ATOM   292  O  OH  . TYR A 1 36  ? -2.288  -0.784  11.417  1.00 10.95 ? 36  TYR A OH  1 
ATOM   293  N  N   . ASP A 1 37  ? -5.203  5.712   6.140   1.00 8.85  ? 37  ASP A N   1 
ATOM   294  C  CA  . ASP A 1 37  ? -6.054  6.638   5.411   1.00 9.22  ? 37  ASP A CA  1 
ATOM   295  C  C   . ASP A 1 37  ? -6.006  6.249   3.941   1.00 8.68  ? 37  ASP A C   1 
ATOM   296  O  O   . ASP A 1 37  ? -4.959  6.352   3.315   1.00 10.22 ? 37  ASP A O   1 
ATOM   297  C  CB  . ASP A 1 37  ? -5.499  8.048   5.605   1.00 10.56 ? 37  ASP A CB  1 
ATOM   298  C  CG  . ASP A 1 37  ? -6.352  9.108   4.972   1.00 16.32 ? 37  ASP A CG  1 
ATOM   299  O  OD1 . ASP A 1 37  ? -7.441  8.791   4.445   1.00 16.41 ? 37  ASP A OD1 1 
ATOM   300  O  OD2 . ASP A 1 37  ? -5.910  10.274  4.991   1.00 20.55 ? 37  ASP A OD2 1 
ATOM   301  N  N   . THR A 1 38  ? -7.136  5.813   3.393   1.00 7.31  ? 38  THR A N   1 
ATOM   302  C  CA  . THR A 1 38  ? -7.213  5.409   1.987   1.00 9.76  ? 38  THR A CA  1 
ATOM   303  C  C   . THR A 1 38  ? -6.963  6.593   1.073   1.00 11.02 ? 38  THR A C   1 
ATOM   304  O  O   . THR A 1 38  ? -6.625  6.424   -0.098  1.00 14.47 ? 38  THR A O   1 
ATOM   305  C  CB  . THR A 1 38  ? -8.598  4.827   1.606   1.00 11.41 ? 38  THR A CB  1 
ATOM   306  O  OG1 . THR A 1 38  ? -9.612  5.804   1.871   1.00 15.78 ? 38  THR A OG1 1 
ATOM   307  C  CG2 . THR A 1 38  ? -8.890  3.546   2.369   1.00 12.22 ? 38  THR A CG2 1 
ATOM   308  N  N   . GLN A 1 39  ? -7.119  7.795   1.608   1.00 10.39 ? 39  GLN A N   1 
ATOM   309  C  CA  . GLN A 1 39  ? -6.928  8.993   0.809   1.00 11.49 ? 39  GLN A CA  1 
ATOM   310  C  C   . GLN A 1 39  ? -5.585  9.678   0.974   1.00 9.68  ? 39  GLN A C   1 
ATOM   311  O  O   . GLN A 1 39  ? -5.439  10.810  0.553   1.00 11.76 ? 39  GLN A O   1 
ATOM   312  C  CB  . GLN A 1 39  ? -8.066  9.972   1.071   1.00 9.56  ? 39  GLN A CB  1 
ATOM   313  C  CG  . GLN A 1 39  ? -9.352  9.514   0.428   1.00 15.06 ? 39  GLN A CG  1 
ATOM   314  C  CD  . GLN A 1 39  ? -10.561 10.236  0.951   1.00 18.06 ? 39  GLN A CD  1 
ATOM   315  O  OE1 . GLN A 1 39  ? -11.458 9.625   1.532   1.00 24.49 ? 39  GLN A OE1 1 
ATOM   316  N  NE2 . GLN A 1 39  ? -10.598 11.536  0.755   1.00 18.67 ? 39  GLN A NE2 1 
ATOM   317  N  N   . ALA A 1 40  ? -4.590  8.988   1.531   1.00 5.36  ? 40  ALA A N   1 
ATOM   318  C  CA  . ALA A 1 40  ? -3.283  9.618   1.706   1.00 6.76  ? 40  ALA A CA  1 
ATOM   319  C  C   . ALA A 1 40  ? -2.559  9.901   0.389   1.00 7.92  ? 40  ALA A C   1 
ATOM   320  O  O   . ALA A 1 40  ? -2.535  9.067   -0.514  1.00 11.48 ? 40  ALA A O   1 
ATOM   321  C  CB  . ALA A 1 40  ? -2.386  8.774   2.622   1.00 7.65  ? 40  ALA A CB  1 
ATOM   322  N  N   . ILE A 1 41  ? -1.979  11.088  0.281   1.00 12.07 ? 41  ILE A N   1 
ATOM   323  C  CA  . ILE A 1 41  ? -1.203  11.469  -0.895  1.00 14.36 ? 41  ILE A CA  1 
ATOM   324  C  C   . ILE A 1 41  ? 0.042   12.184  -0.371  1.00 16.53 ? 41  ILE A C   1 
ATOM   325  O  O   . ILE A 1 41  ? -0.057  13.122  0.420   1.00 15.80 ? 41  ILE A O   1 
ATOM   326  C  CB  . ILE A 1 41  ? -1.945  12.460  -1.834  1.00 12.34 ? 41  ILE A CB  1 
ATOM   327  C  CG1 . ILE A 1 41  ? -3.304  11.890  -2.271  1.00 13.53 ? 41  ILE A CG1 1 
ATOM   328  C  CG2 . ILE A 1 41  ? -1.054  12.755  -3.050  1.00 14.89 ? 41  ILE A CG2 1 
ATOM   329  C  CD1 . ILE A 1 41  ? -4.101  12.837  -3.147  1.00 10.75 ? 41  ILE A CD1 1 
ATOM   330  N  N   . VAL A 1 42  ? 1.207   11.701  -0.774  1.00 11.48 ? 42  VAL A N   1 
ATOM   331  C  CA  . VAL A 1 42  ? 2.461   12.286  -0.354  1.00 13.90 ? 42  VAL A CA  1 
ATOM   332  C  C   . VAL A 1 42  ? 3.202   12.690  -1.601  1.00 14.91 ? 42  VAL A C   1 
ATOM   333  O  O   . VAL A 1 42  ? 3.353   11.898  -2.531  1.00 14.64 ? 42  VAL A O   1 
ATOM   334  C  CB  . VAL A 1 42  ? 3.317   11.269  0.455   1.00 17.74 ? 42  VAL A CB  1 
ATOM   335  C  CG1 . VAL A 1 42  ? 4.707   11.839  0.723   1.00 17.82 ? 42  VAL A CG1 1 
ATOM   336  C  CG2 . VAL A 1 42  ? 2.621   10.937  1.770   1.00 17.17 ? 42  VAL A CG2 1 
ATOM   337  N  N   . LYS A 1 43  ? 3.618   13.948  -1.633  1.00 21.24 ? 43  LYS A N   1 
ATOM   338  C  CA  . LYS A 1 43  ? 4.347   14.495  -2.765  1.00 27.13 ? 43  LYS A CA  1 
ATOM   339  C  C   . LYS A 1 43  ? 5.824   14.289  -2.524  1.00 30.58 ? 43  LYS A C   1 
ATOM   340  O  O   . LYS A 1 43  ? 6.332   14.571  -1.436  1.00 37.20 ? 43  LYS A O   1 
ATOM   341  C  CB  . LYS A 1 43  ? 4.043   15.982  -2.925  1.00 35.29 ? 43  LYS A CB  1 
ATOM   342  C  CG  . LYS A 1 43  ? 4.535   16.572  -4.223  1.00 37.43 ? 43  LYS A CG  1 
ATOM   343  C  CD  . LYS A 1 43  ? 3.693   17.774  -4.594  1.00 39.75 ? 43  LYS A CD  1 
ATOM   344  C  CE  . LYS A 1 43  ? 4.115   18.345  -5.935  1.00 43.57 ? 43  LYS A CE  1 
ATOM   345  N  NZ  . LYS A 1 43  ? 3.267   19.511  -6.330  1.00 47.30 ? 43  LYS A NZ  1 
ATOM   346  N  N   . ASN A 1 44  ? 6.486   13.718  -3.516  1.00 34.09 ? 44  ASN A N   1 
ATOM   347  C  CA  . ASN A 1 44  ? 7.912   13.453  -3.437  1.00 39.22 ? 44  ASN A CA  1 
ATOM   348  C  C   . ASN A 1 44  ? 8.597   14.335  -4.485  1.00 40.48 ? 44  ASN A C   1 
ATOM   349  O  O   . ASN A 1 44  ? 7.946   15.158  -5.133  1.00 62.30 ? 44  ASN A O   1 
ATOM   350  C  CB  . ASN A 1 44  ? 8.195   11.965  -3.690  1.00 65.37 ? 44  ASN A CB  1 
ATOM   351  C  CG  . ASN A 1 44  ? 7.131   11.054  -3.081  1.00 70.50 ? 44  ASN A CG  1 
ATOM   352  O  OD1 . ASN A 1 44  ? 6.664   10.120  -3.732  1.00 72.02 ? 44  ASN A OD1 1 
ATOM   353  N  ND2 . ASN A 1 44  ? 6.745   11.320  -1.841  1.00 73.30 ? 44  ASN A ND2 1 
ATOM   354  N  N   . SER A 1 45  ? 9.899   14.141  -4.678  1.00 67.37 ? 45  SER A N   1 
ATOM   355  C  CA  . SER A 1 45  ? 10.654  14.954  -5.626  1.00 68.57 ? 45  SER A CA  1 
ATOM   356  C  C   . SER A 1 45  ? 10.067  15.024  -7.037  1.00 68.70 ? 45  SER A C   1 
ATOM   357  O  O   . SER A 1 45  ? 9.633   16.085  -7.491  1.00 54.46 ? 45  SER A O   1 
ATOM   358  C  CB  . SER A 1 45  ? 12.118  14.491  -5.676  1.00 51.38 ? 45  SER A CB  1 
ATOM   359  O  OG  . SER A 1 45  ? 12.224  13.088  -5.856  1.00 51.87 ? 45  SER A OG  1 
ATOM   360  N  N   . ASP A 1 46  ? 10.022  13.881  -7.710  1.00 56.52 ? 46  ASP A N   1 
ATOM   361  C  CA  . ASP A 1 46  ? 9.517   13.802  -9.076  1.00 54.03 ? 46  ASP A CA  1 
ATOM   362  C  C   . ASP A 1 46  ? 8.327   12.848  -9.221  1.00 50.50 ? 46  ASP A C   1 
ATOM   363  O  O   . ASP A 1 46  ? 8.285   12.044  -10.156 1.00 57.59 ? 46  ASP A O   1 
ATOM   364  C  CB  . ASP A 1 46  ? 10.658  13.391  -10.030 1.00 63.22 ? 46  ASP A CB  1 
ATOM   365  C  CG  . ASP A 1 46  ? 11.398  12.122  -9.580  1.00 64.62 ? 46  ASP A CG  1 
ATOM   366  O  OD1 . ASP A 1 46  ? 11.374  11.762  -8.385  1.00 65.30 ? 46  ASP A OD1 1 
ATOM   367  O  OD2 . ASP A 1 46  ? 12.026  11.477  -10.443 1.00 68.27 ? 46  ASP A OD2 1 
ATOM   368  N  N   . HIS A 1 47  ? 7.358   12.941  -8.308  1.00 30.39 ? 47  HIS A N   1 
ATOM   369  C  CA  . HIS A 1 47  ? 6.173   12.077  -8.339  1.00 23.14 ? 47  HIS A CA  1 
ATOM   370  C  C   . HIS A 1 47  ? 5.372   12.159  -7.049  1.00 18.63 ? 47  HIS A C   1 
ATOM   371  O  O   . HIS A 1 47  ? 5.809   12.755  -6.063  1.00 18.11 ? 47  HIS A O   1 
ATOM   372  C  CB  . HIS A 1 47  ? 6.580   10.620  -8.561  1.00 24.78 ? 47  HIS A CB  1 
ATOM   373  C  CG  . HIS A 1 47  ? 7.323   10.013  -7.403  1.00 27.15 ? 47  HIS A CG  1 
ATOM   374  N  ND1 . HIS A 1 47  ? 8.673   10.183  -7.213  1.00 30.63 ? 47  HIS A ND1 1 
ATOM   375  C  CD2 . HIS A 1 47  ? 6.892   9.232   -6.384  1.00 29.35 ? 47  HIS A CD2 1 
ATOM   376  C  CE1 . HIS A 1 47  ? 9.049   9.534   -6.119  1.00 30.41 ? 47  HIS A CE1 1 
ATOM   377  N  NE2 . HIS A 1 47  ? 7.986   8.950   -5.602  1.00 30.61 ? 47  HIS A NE2 1 
ATOM   378  N  N   . LYS A 1 48  ? 4.191   11.551  -7.067  1.00 14.76 ? 48  LYS A N   1 
ATOM   379  C  CA  . LYS A 1 48  ? 3.323   11.492  -5.898  1.00 12.47 ? 48  LYS A CA  1 
ATOM   380  C  C   . LYS A 1 48  ? 2.972   10.035  -5.640  1.00 11.87 ? 48  LYS A C   1 
ATOM   381  O  O   . LYS A 1 48  ? 3.068   9.203   -6.545  1.00 12.09 ? 48  LYS A O   1 
ATOM   382  C  CB  . LYS A 1 48  ? 2.057   12.311  -6.116  1.00 12.76 ? 48  LYS A CB  1 
ATOM   383  C  CG  . LYS A 1 48  ? 2.368   13.777  -6.192  1.00 17.96 ? 48  LYS A CG  1 
ATOM   384  C  CD  . LYS A 1 48  ? 1.337   14.623  -5.503  1.00 23.63 ? 48  LYS A CD  1 
ATOM   385  C  CE  . LYS A 1 48  ? 0.392   15.217  -6.502  1.00 29.99 ? 48  LYS A CE  1 
ATOM   386  N  NZ  . LYS A 1 48  ? 1.064   15.586  -7.803  1.00 33.50 ? 48  LYS A NZ  1 
ATOM   387  N  N   . GLU A 1 49  ? 2.656   9.733   -4.383  1.00 14.01 ? 49  GLU A N   1 
ATOM   388  C  CA  . GLU A 1 49  ? 2.285   8.397   -3.943  1.00 12.46 ? 49  GLU A CA  1 
ATOM   389  C  C   . GLU A 1 49  ? 0.878   8.476   -3.457  1.00 11.88 ? 49  GLU A C   1 
ATOM   390  O  O   . GLU A 1 49  ? 0.525   9.379   -2.691  1.00 13.03 ? 49  GLU A O   1 
ATOM   391  C  CB  . GLU A 1 49  ? 3.226   7.933   -2.863  1.00 15.06 ? 49  GLU A CB  1 
ATOM   392  C  CG  . GLU A 1 49  ? 4.596   7.770   -3.452  1.00 23.68 ? 49  GLU A CG  1 
ATOM   393  C  CD  . GLU A 1 49  ? 5.608   7.463   -2.423  1.00 30.34 ? 49  GLU A CD  1 
ATOM   394  O  OE1 . GLU A 1 49  ? 5.825   8.334   -1.556  1.00 35.40 ? 49  GLU A OE1 1 
ATOM   395  O  OE2 . GLU A 1 49  ? 6.171   6.353   -2.471  1.00 36.43 ? 49  GLU A OE2 1 
ATOM   396  N  N   . TYR A 1 50  ? 0.080   7.507   -3.885  1.00 8.16  ? 50  TYR A N   1 
ATOM   397  C  CA  . TYR A 1 50  ? -1.331  7.519   -3.588  1.00 7.51  ? 50  TYR A CA  1 
ATOM   398  C  C   . TYR A 1 50  ? -1.914  6.390   -2.791  1.00 6.58  ? 50  TYR A C   1 
ATOM   399  O  O   . TYR A 1 50  ? -1.567  5.225   -2.975  1.00 9.57  ? 50  TYR A O   1 
ATOM   400  C  CB  . TYR A 1 50  ? -2.104  7.571   -4.909  1.00 7.33  ? 50  TYR A CB  1 
ATOM   401  C  CG  . TYR A 1 50  ? -1.853  8.801   -5.736  1.00 8.70  ? 50  TYR A CG  1 
ATOM   402  C  CD1 . TYR A 1 50  ? -0.765  8.880   -6.616  1.00 6.64  ? 50  TYR A CD1 1 
ATOM   403  C  CD2 . TYR A 1 50  ? -2.709  9.897   -5.634  1.00 8.93  ? 50  TYR A CD2 1 
ATOM   404  C  CE1 . TYR A 1 50  ? -0.535  10.023  -7.361  1.00 5.41  ? 50  TYR A CE1 1 
ATOM   405  C  CE2 . TYR A 1 50  ? -2.491  11.038  -6.375  1.00 9.44  ? 50  TYR A CE2 1 
ATOM   406  C  CZ  . TYR A 1 50  ? -1.413  11.097  -7.232  1.00 8.55  ? 50  TYR A CZ  1 
ATOM   407  O  OH  . TYR A 1 50  ? -1.245  12.242  -7.944  1.00 10.57 ? 50  TYR A OH  1 
ATOM   408  N  N   . GLY A 1 51  ? -2.872  6.770   -1.964  1.00 4.97  ? 51  GLY A N   1 
ATOM   409  C  CA  . GLY A 1 51  ? -3.643  5.837   -1.177  1.00 4.70  ? 51  GLY A CA  1 
ATOM   410  C  C   . GLY A 1 51  ? -2.993  5.113   -0.035  1.00 6.17  ? 51  GLY A C   1 
ATOM   411  O  O   . GLY A 1 51  ? -1.855  5.360   0.363   1.00 9.31  ? 51  GLY A O   1 
ATOM   412  N  N   . LEU A 1 52  ? -3.750  4.149   0.450   1.00 7.02  ? 52  LEU A N   1 
ATOM   413  C  CA  . LEU A 1 52  ? -3.348  3.337   1.566   1.00 9.03  ? 52  LEU A CA  1 
ATOM   414  C  C   . LEU A 1 52  ? -1.955  2.730   1.364   1.00 7.65  ? 52  LEU A C   1 
ATOM   415  O  O   . LEU A 1 52  ? -1.110  2.728   2.269   1.00 7.56  ? 52  LEU A O   1 
ATOM   416  C  CB  . LEU A 1 52  ? -4.414  2.252   1.763   1.00 9.83  ? 52  LEU A CB  1 
ATOM   417  C  CG  . LEU A 1 52  ? -4.497  1.625   3.145   1.00 12.85 ? 52  LEU A CG  1 
ATOM   418  C  CD1 . LEU A 1 52  ? -5.020  2.672   4.099   1.00 9.10  ? 52  LEU A CD1 1 
ATOM   419  C  CD2 . LEU A 1 52  ? -5.362  0.366   3.129   1.00 11.58 ? 52  LEU A CD2 1 
ATOM   420  N  N   . PHE A 1 53  ? -1.684  2.297   0.140   1.00 6.93  ? 53  PHE A N   1 
ATOM   421  C  CA  . PHE A 1 53  ? -0.415  1.659   -0.187  1.00 5.93  ? 53  PHE A CA  1 
ATOM   422  C  C   . PHE A 1 53  ? 0.651   2.566   -0.765  1.00 5.74  ? 53  PHE A C   1 
ATOM   423  O  O   . PHE A 1 53  ? 1.709   2.102   -1.157  1.00 8.41  ? 53  PHE A O   1 
ATOM   424  C  CB  . PHE A 1 53  ? -0.670  0.485   -1.115  1.00 9.06  ? 53  PHE A CB  1 
ATOM   425  C  CG  . PHE A 1 53  ? -1.453  -0.607  -0.473  1.00 6.80  ? 53  PHE A CG  1 
ATOM   426  C  CD1 . PHE A 1 53  ? -0.823  -1.499  0.396   1.00 7.61  ? 53  PHE A CD1 1 
ATOM   427  C  CD2 . PHE A 1 53  ? -2.802  -0.745  -0.726  1.00 6.60  ? 53  PHE A CD2 1 
ATOM   428  C  CE1 . PHE A 1 53  ? -1.528  -2.527  1.003   1.00 9.38  ? 53  PHE A CE1 1 
ATOM   429  C  CE2 . PHE A 1 53  ? -3.532  -1.779  -0.124  1.00 9.79  ? 53  PHE A CE2 1 
ATOM   430  C  CZ  . PHE A 1 53  ? -2.879  -2.674  0.747   1.00 11.21 ? 53  PHE A CZ  1 
ATOM   431  N  N   . GLN A 1 54  ? 0.345   3.851   -0.869  1.00 5.84  ? 54  GLN A N   1 
ATOM   432  C  CA  . GLN A 1 54  ? 1.305   4.808   -1.375  1.00 6.60  ? 54  GLN A CA  1 
ATOM   433  C  C   . GLN A 1 54  ? 1.976   4.355   -2.679  1.00 7.11  ? 54  GLN A C   1 
ATOM   434  O  O   . GLN A 1 54  ? 3.199   4.280   -2.803  1.00 8.44  ? 54  GLN A O   1 
ATOM   435  C  CB  . GLN A 1 54  ? 2.306   5.122   -0.260  1.00 8.24  ? 54  GLN A CB  1 
ATOM   436  C  CG  . GLN A 1 54  ? 1.643   5.873   0.891   1.00 7.95  ? 54  GLN A CG  1 
ATOM   437  C  CD  . GLN A 1 54  ? 1.288   7.294   0.496   1.00 8.42  ? 54  GLN A CD  1 
ATOM   438  O  OE1 . GLN A 1 54  ? 2.132   8.167   0.534   1.00 11.18 ? 54  GLN A OE1 1 
ATOM   439  N  NE2 . GLN A 1 54  ? 0.048   7.515   0.075   1.00 8.38  ? 54  GLN A NE2 1 
ATOM   440  N  N   . ILE A 1 55  ? 1.127   4.052   -3.653  1.00 8.05  ? 55  ILE A N   1 
ATOM   441  C  CA  . ILE A 1 55  ? 1.534   3.624   -4.984  1.00 7.32  ? 55  ILE A CA  1 
ATOM   442  C  C   . ILE A 1 55  ? 1.879   4.875   -5.801  1.00 8.13  ? 55  ILE A C   1 
ATOM   443  O  O   . ILE A 1 55  ? 1.085   5.813   -5.850  1.00 8.83  ? 55  ILE A O   1 
ATOM   444  C  CB  . ILE A 1 55  ? 0.373   2.851   -5.621  1.00 8.30  ? 55  ILE A CB  1 
ATOM   445  C  CG1 . ILE A 1 55  ? 0.126   1.577   -4.782  1.00 9.27  ? 55  ILE A CG1 1 
ATOM   446  C  CG2 . ILE A 1 55  ? 0.656   2.620   -7.108  1.00 8.77  ? 55  ILE A CG2 1 
ATOM   447  C  CD1 . ILE A 1 55  ? -1.077  0.779   -5.157  1.00 9.76  ? 55  ILE A CD1 1 
ATOM   448  N  N   . ASN A 1 56  ? 3.079   4.922   -6.377  1.00 4.26  ? 56  ASN A N   1 
ATOM   449  C  CA  . ASN A 1 56  ? 3.493   6.104   -7.123  1.00 6.77  ? 56  ASN A CA  1 
ATOM   450  C  C   . ASN A 1 56  ? 2.990   6.216   -8.552  1.00 6.95  ? 56  ASN A C   1 
ATOM   451  O  O   . ASN A 1 56  ? 2.633   5.216   -9.185  1.00 11.52 ? 56  ASN A O   1 
ATOM   452  C  CB  . ASN A 1 56  ? 5.015   6.339   -7.013  1.00 9.33  ? 56  ASN A CB  1 
ATOM   453  C  CG  . ASN A 1 56  ? 5.822   5.441   -7.907  1.00 13.00 ? 56  ASN A CG  1 
ATOM   454  O  OD1 . ASN A 1 56  ? 5.610   5.379   -9.115  1.00 15.22 ? 56  ASN A OD1 1 
ATOM   455  N  ND2 . ASN A 1 56  ? 6.782   4.764   -7.326  1.00 14.95 ? 56  ASN A ND2 1 
ATOM   456  N  N   . ASP A 1 57  ? 2.916   7.448   -9.040  1.00 9.47  ? 57  ASP A N   1 
ATOM   457  C  CA  . ASP A 1 57  ? 2.448   7.714   -10.399 1.00 11.33 ? 57  ASP A CA  1 
ATOM   458  C  C   . ASP A 1 57  ? 3.560   7.863   -11.419 1.00 12.31 ? 57  ASP A C   1 
ATOM   459  O  O   . ASP A 1 57  ? 3.345   8.345   -12.534 1.00 16.41 ? 57  ASP A O   1 
ATOM   460  C  CB  . ASP A 1 57  ? 1.543   8.947   -10.431 1.00 11.00 ? 57  ASP A CB  1 
ATOM   461  C  CG  . ASP A 1 57  ? 2.251   10.205  -10.013 1.00 12.89 ? 57  ASP A CG  1 
ATOM   462  O  OD1 . ASP A 1 57  ? 3.289   10.133  -9.338  1.00 12.82 ? 57  ASP A OD1 1 
ATOM   463  O  OD2 . ASP A 1 57  ? 1.749   11.288  -10.356 1.00 15.44 ? 57  ASP A OD2 1 
ATOM   464  N  N   . LYS A 1 58  ? 4.757   7.480   -11.011 1.00 10.64 ? 58  LYS A N   1 
ATOM   465  C  CA  . LYS A 1 58  ? 5.925   7.527   -11.860 1.00 11.26 ? 58  LYS A CA  1 
ATOM   466  C  C   . LYS A 1 58  ? 5.953   6.201   -12.631 1.00 11.07 ? 58  LYS A C   1 
ATOM   467  O  O   . LYS A 1 58  ? 6.106   6.159   -13.858 1.00 13.90 ? 58  LYS A O   1 
ATOM   468  C  CB  . LYS A 1 58  ? 7.168   7.642   -10.966 1.00 19.46 ? 58  LYS A CB  1 
ATOM   469  C  CG  . LYS A 1 58  ? 8.478   7.848   -11.697 1.00 25.45 ? 58  LYS A CG  1 
ATOM   470  C  CD  . LYS A 1 58  ? 9.604   7.156   -10.963 1.00 31.16 ? 58  LYS A CD  1 
ATOM   471  C  CE  . LYS A 1 58  ? 10.946  7.421   -11.614 1.00 36.55 ? 58  LYS A CE  1 
ATOM   472  N  NZ  . LYS A 1 58  ? 11.466  8.784   -11.280 1.00 41.92 ? 58  LYS A NZ  1 
ATOM   473  N  N   . ASP A 1 59  ? 5.788   5.111   -11.897 1.00 13.51 ? 59  ASP A N   1 
ATOM   474  C  CA  . ASP A 1 59  ? 5.850   3.796   -12.504 1.00 15.06 ? 59  ASP A CA  1 
ATOM   475  C  C   . ASP A 1 59  ? 4.588   2.976   -12.423 1.00 13.41 ? 59  ASP A C   1 
ATOM   476  O  O   . ASP A 1 59  ? 4.356   2.129   -13.277 1.00 16.56 ? 59  ASP A O   1 
ATOM   477  C  CB  . ASP A 1 59  ? 6.923   2.937   -11.828 1.00 19.47 ? 59  ASP A CB  1 
ATOM   478  C  CG  . ASP A 1 59  ? 8.273   3.558   -11.850 1.00 21.68 ? 59  ASP A CG  1 
ATOM   479  O  OD1 . ASP A 1 59  ? 8.787   3.871   -12.943 1.00 22.39 ? 59  ASP A OD1 1 
ATOM   480  O  OD2 . ASP A 1 59  ? 8.836   3.694   -10.749 1.00 26.88 ? 59  ASP A OD2 1 
ATOM   481  N  N   . PHE A 1 60  ? 3.781   3.200   -11.397 1.00 9.87  ? 60  PHE A N   1 
ATOM   482  C  CA  . PHE A 1 60  ? 2.628   2.343   -11.192 1.00 7.61  ? 60  PHE A CA  1 
ATOM   483  C  C   . PHE A 1 60  ? 1.221   2.760   -11.577 1.00 8.19  ? 60  PHE A C   1 
ATOM   484  O  O   . PHE A 1 60  ? 0.477   1.946   -12.135 1.00 13.81 ? 60  PHE A O   1 
ATOM   485  C  CB  . PHE A 1 60  ? 2.707   1.763   -9.777  1.00 12.10 ? 60  PHE A CB  1 
ATOM   486  C  CG  . PHE A 1 60  ? 3.987   1.001   -9.537  1.00 12.52 ? 60  PHE A CG  1 
ATOM   487  C  CD1 . PHE A 1 60  ? 4.205   -0.230  -10.151 1.00 14.61 ? 60  PHE A CD1 1 
ATOM   488  C  CD2 . PHE A 1 60  ? 5.015   1.563   -8.798  1.00 13.70 ? 60  PHE A CD2 1 
ATOM   489  C  CE1 . PHE A 1 60  ? 5.440   -0.883  -10.040 1.00 14.28 ? 60  PHE A CE1 1 
ATOM   490  C  CE2 . PHE A 1 60  ? 6.244   0.919   -8.684  1.00 15.69 ? 60  PHE A CE2 1 
ATOM   491  C  CZ  . PHE A 1 60  ? 6.453   -0.305  -9.311  1.00 14.77 ? 60  PHE A CZ  1 
ATOM   492  N  N   . CYS A 1 61  ? 0.824   3.989   -11.278 1.00 8.86  ? 61  CYS A N   1 
ATOM   493  C  CA  . CYS A 1 61  ? -0.511  4.417   -11.666 1.00 9.25  ? 61  CYS A CA  1 
ATOM   494  C  C   . CYS A 1 61  ? -0.390  5.703   -12.438 1.00 10.12 ? 61  CYS A C   1 
ATOM   495  O  O   . CYS A 1 61  ? 0.640   6.361   -12.392 1.00 9.27  ? 61  CYS A O   1 
ATOM   496  C  CB  . CYS A 1 61  ? -1.450  4.567   -10.467 1.00 10.19 ? 61  CYS A CB  1 
ATOM   497  S  SG  . CYS A 1 61  ? -0.985  5.840   -9.252  1.00 9.69  ? 61  CYS A SG  1 
ATOM   498  N  N   . GLU A 1 62  ? -1.406  5.990   -13.239 1.00 9.29  ? 62  GLU A N   1 
ATOM   499  C  CA  . GLU A 1 62  ? -1.421  7.186   -14.062 1.00 11.06 ? 62  GLU A CA  1 
ATOM   500  C  C   . GLU A 1 62  ? -2.259  8.211   -13.310 1.00 9.80  ? 62  GLU A C   1 
ATOM   501  O  O   . GLU A 1 62  ? -3.429  7.966   -13.008 1.00 10.72 ? 62  GLU A O   1 
ATOM   502  C  CB  . GLU A 1 62  ? -2.065  6.867   -15.407 1.00 15.83 ? 62  GLU A CB  1 
ATOM   503  C  CG  . GLU A 1 62  ? -2.142  8.055   -16.329 1.00 26.56 ? 62  GLU A CG  1 
ATOM   504  C  CD  . GLU A 1 62  ? -3.039  7.811   -17.533 1.00 30.81 ? 62  GLU A CD  1 
ATOM   505  O  OE1 . GLU A 1 62  ? -4.213  7.415   -17.338 1.00 34.33 ? 62  GLU A OE1 1 
ATOM   506  O  OE2 . GLU A 1 62  ? -2.569  8.033   -18.671 1.00 34.72 ? 62  GLU A OE2 1 
ATOM   507  N  N   . SER A 1 63  ? -1.648  9.330   -12.947 1.00 8.18  ? 63  SER A N   1 
ATOM   508  C  CA  . SER A 1 63  ? -2.356  10.353  -12.201 1.00 9.07  ? 63  SER A CA  1 
ATOM   509  C  C   . SER A 1 63  ? -2.997  11.317  -13.156 1.00 12.22 ? 63  SER A C   1 
ATOM   510  O  O   . SER A 1 63  ? -2.587  11.414  -14.317 1.00 16.22 ? 63  SER A O   1 
ATOM   511  C  CB  . SER A 1 63  ? -1.402  11.083  -11.261 1.00 7.61  ? 63  SER A CB  1 
ATOM   512  O  OG  . SER A 1 63  ? -0.266  11.555  -11.965 1.00 8.41  ? 63  SER A OG  1 
ATOM   513  N  N   . SER A 1 64  ? -4.007  12.031  -12.671 1.00 21.59 ? 64  SER A N   1 
ATOM   514  C  CA  . SER A 1 64  ? -4.702  13.024  -13.481 1.00 24.34 ? 64  SER A CA  1 
ATOM   515  C  C   . SER A 1 64  ? -3.886  14.295  -13.375 1.00 26.33 ? 64  SER A C   1 
ATOM   516  O  O   . SER A 1 64  ? -4.317  15.280  -12.772 1.00 23.11 ? 64  SER A O   1 
ATOM   517  C  CB  . SER A 1 64  ? -6.112  13.243  -12.950 1.00 23.17 ? 64  SER A CB  1 
ATOM   518  O  OG  . SER A 1 64  ? -6.809  12.011  -12.913 1.00 27.29 ? 64  SER A OG  1 
ATOM   519  N  N   . THR A 1 65  ? -2.672  14.218  -13.914 1.00 30.19 ? 65  THR A N   1 
ATOM   520  C  CA  . THR A 1 65  ? -1.705  15.307  -13.924 1.00 34.19 ? 65  THR A CA  1 
ATOM   521  C  C   . THR A 1 65  ? -0.967  15.250  -15.262 1.00 37.63 ? 65  THR A C   1 
ATOM   522  O  O   . THR A 1 65  ? -1.367  14.527  -16.189 1.00 40.84 ? 65  THR A O   1 
ATOM   523  C  CB  . THR A 1 65  ? -0.629  15.110  -12.848 1.00 36.99 ? 65  THR A CB  1 
ATOM   524  O  OG1 . THR A 1 65  ? 0.062   13.877  -13.100 1.00 38.04 ? 65  THR A OG1 1 
ATOM   525  C  CG2 . THR A 1 65  ? -1.233  15.086  -11.470 1.00 36.72 ? 65  THR A CG2 1 
ATOM   526  N  N   . THR A 1 66  ? 0.143   15.979  -15.325 1.00 65.24 ? 66  THR A N   1 
ATOM   527  C  CA  . THR A 1 66  ? 0.983   16.046  -16.509 1.00 67.89 ? 66  THR A CA  1 
ATOM   528  C  C   . THR A 1 66  ? 2.174   15.098  -16.358 1.00 68.44 ? 66  THR A C   1 
ATOM   529  O  O   . THR A 1 66  ? 3.172   15.236  -17.072 1.00 55.99 ? 66  THR A O   1 
ATOM   530  C  CB  . THR A 1 66  ? 1.518   17.480  -16.688 1.00 53.87 ? 66  THR A CB  1 
ATOM   531  O  OG1 . THR A 1 66  ? 1.991   17.970  -15.423 1.00 53.46 ? 66  THR A OG1 1 
ATOM   532  C  CG2 . THR A 1 66  ? 0.427   18.403  -17.219 1.00 53.77 ? 66  THR A CG2 1 
ATOM   533  N  N   . VAL A 1 67  ? 2.081   14.162  -15.412 1.00 36.65 ? 67  VAL A N   1 
ATOM   534  C  CA  . VAL A 1 67  ? 3.168   13.216  -15.165 1.00 35.36 ? 67  VAL A CA  1 
ATOM   535  C  C   . VAL A 1 67  ? 3.072   12.066  -16.140 1.00 34.61 ? 67  VAL A C   1 
ATOM   536  O  O   . VAL A 1 67  ? 1.990   11.519  -16.350 1.00 37.92 ? 67  VAL A O   1 
ATOM   537  C  CB  . VAL A 1 67  ? 3.138   12.670  -13.708 1.00 36.63 ? 67  VAL A CB  1 
ATOM   538  C  CG1 . VAL A 1 67  ? 4.268   11.672  -13.485 1.00 36.02 ? 67  VAL A CG1 1 
ATOM   539  C  CG2 . VAL A 1 67  ? 3.272   13.821  -12.724 1.00 36.87 ? 67  VAL A CG2 1 
ATOM   540  N  N   . GLN A 1 68  ? 4.185   11.778  -16.807 1.00 40.05 ? 68  GLN A N   1 
ATOM   541  C  CA  . GLN A 1 68  ? 4.253   10.677  -17.764 1.00 39.86 ? 68  GLN A CA  1 
ATOM   542  C  C   . GLN A 1 68  ? 4.514   9.412   -16.955 1.00 38.14 ? 68  GLN A C   1 
ATOM   543  O  O   . GLN A 1 68  ? 5.627   9.199   -16.463 1.00 54.89 ? 68  GLN A O   1 
ATOM   544  C  CB  . GLN A 1 68  ? 5.403   10.880  -18.762 1.00 57.88 ? 68  GLN A CB  1 
ATOM   545  C  CG  . GLN A 1 68  ? 5.269   12.088  -19.682 1.00 63.13 ? 68  GLN A CG  1 
ATOM   546  C  CD  . GLN A 1 68  ? 6.383   12.152  -20.725 1.00 66.70 ? 68  GLN A CD  1 
ATOM   547  O  OE1 . GLN A 1 68  ? 6.121   12.270  -21.923 1.00 69.41 ? 68  GLN A OE1 1 
ATOM   548  N  NE2 . GLN A 1 68  ? 7.629   12.061  -20.274 1.00 67.02 ? 68  GLN A NE2 1 
ATOM   549  N  N   . SER A 1 69  ? 3.490   8.584   -16.800 1.00 31.06 ? 69  SER A N   1 
ATOM   550  C  CA  . SER A 1 69  ? 3.636   7.360   -16.033 1.00 27.31 ? 69  SER A CA  1 
ATOM   551  C  C   . SER A 1 69  ? 3.824   6.125   -16.915 1.00 26.02 ? 69  SER A C   1 
ATOM   552  O  O   . SER A 1 69  ? 3.266   6.028   -18.017 1.00 26.87 ? 69  SER A O   1 
ATOM   553  C  CB  . SER A 1 69  ? 2.419   7.170   -15.108 1.00 26.40 ? 69  SER A CB  1 
ATOM   554  O  OG  . SER A 1 69  ? 2.611   6.097   -14.186 1.00 21.92 ? 69  SER A OG  1 
ATOM   555  N  N   . ARG A 1 70  ? 4.666   5.213   -16.437 1.00 20.32 ? 70  ARG A N   1 
ATOM   556  C  CA  . ARG A 1 70  ? 4.905   3.927   -17.095 1.00 17.67 ? 70  ARG A CA  1 
ATOM   557  C  C   . ARG A 1 70  ? 3.603   3.101   -16.856 1.00 14.83 ? 70  ARG A C   1 
ATOM   558  O  O   . ARG A 1 70  ? 3.260   2.189   -17.611 1.00 17.88 ? 70  ARG A O   1 
ATOM   559  C  CB  . ARG A 1 70  ? 6.116   3.281   -16.450 1.00 22.44 ? 70  ARG A CB  1 
ATOM   560  C  CG  . ARG A 1 70  ? 6.416   1.878   -16.873 1.00 26.18 ? 70  ARG A CG  1 
ATOM   561  C  CD  . ARG A 1 70  ? 7.619   1.416   -16.087 1.00 28.58 ? 70  ARG A CD  1 
ATOM   562  N  NE  . ARG A 1 70  ? 8.831   2.129   -16.498 1.00 27.66 ? 70  ARG A NE  1 
ATOM   563  C  CZ  . ARG A 1 70  ? 9.705   1.626   -17.359 1.00 26.04 ? 70  ARG A CZ  1 
ATOM   564  N  NH1 . ARG A 1 70  ? 9.488   0.424   -17.875 1.00 20.75 ? 70  ARG A NH1 1 
ATOM   565  N  NH2 . ARG A 1 70  ? 10.788  2.316   -17.698 1.00 25.61 ? 70  ARG A NH2 1 
ATOM   566  N  N   . ASN A 1 71  ? 2.913   3.423   -15.760 1.00 14.59 ? 71  ASN A N   1 
ATOM   567  C  CA  . ASN A 1 71  ? 1.619   2.846   -15.409 1.00 11.84 ? 71  ASN A CA  1 
ATOM   568  C  C   . ASN A 1 71  ? 1.571   1.323   -15.457 1.00 11.09 ? 71  ASN A C   1 
ATOM   569  O  O   . ASN A 1 71  ? 0.698   0.718   -16.085 1.00 11.00 ? 71  ASN A O   1 
ATOM   570  C  CB  . ASN A 1 71  ? 0.559   3.477   -16.333 1.00 11.45 ? 71  ASN A CB  1 
ATOM   571  C  CG  . ASN A 1 71  ? -0.856  3.194   -15.898 1.00 11.44 ? 71  ASN A CG  1 
ATOM   572  O  OD1 . ASN A 1 71  ? -1.774  3.284   -16.697 1.00 15.39 ? 71  ASN A OD1 1 
ATOM   573  N  ND2 . ASN A 1 71  ? -1.045  2.848   -14.647 1.00 10.87 ? 71  ASN A ND2 1 
ATOM   574  N  N   . ILE A 1 72  ? 2.488   0.704   -14.738 1.00 12.64 ? 72  ILE A N   1 
ATOM   575  C  CA  . ILE A 1 72  ? 2.575   -0.751  -14.692 1.00 11.80 ? 72  ILE A CA  1 
ATOM   576  C  C   . ILE A 1 72  ? 1.277   -1.414  -14.216 1.00 11.03 ? 72  ILE A C   1 
ATOM   577  O  O   . ILE A 1 72  ? 0.853   -2.427  -14.765 1.00 13.87 ? 72  ILE A O   1 
ATOM   578  C  CB  . ILE A 1 72  ? 3.797   -1.174  -13.849 1.00 14.02 ? 72  ILE A CB  1 
ATOM   579  C  CG1 . ILE A 1 72  ? 5.075   -0.771  -14.599 1.00 12.88 ? 72  ILE A CG1 1 
ATOM   580  C  CG2 . ILE A 1 72  ? 3.771   -2.671  -13.553 1.00 14.47 ? 72  ILE A CG2 1 
ATOM   581  C  CD1 . ILE A 1 72  ? 6.295   -0.769  -13.744 1.00 15.39 ? 72  ILE A CD1 1 
ATOM   582  N  N   . CYS A 1 73  ? 0.612   -0.828  -13.227 1.00 9.53  ? 73  CYS A N   1 
ATOM   583  C  CA  . CYS A 1 73  ? -0.643  -1.409  -12.752 1.00 8.39  ? 73  CYS A CA  1 
ATOM   584  C  C   . CYS A 1 73  ? -1.792  -1.145  -13.698 1.00 9.92  ? 73  CYS A C   1 
ATOM   585  O  O   . CYS A 1 73  ? -2.887  -1.636  -13.486 1.00 12.65 ? 73  CYS A O   1 
ATOM   586  C  CB  . CYS A 1 73  ? -0.985  -0.888  -11.371 1.00 8.84  ? 73  CYS A CB  1 
ATOM   587  S  SG  . CYS A 1 73  ? 0.129   -1.594  -10.119 1.00 10.27 ? 73  CYS A SG  1 
ATOM   588  N  N   . ASP A 1 74  ? -1.536  -0.333  -14.720 1.00 10.33 ? 74  ASP A N   1 
ATOM   589  C  CA  . ASP A 1 74  ? -2.537  0.018   -15.709 1.00 10.23 ? 74  ASP A CA  1 
ATOM   590  C  C   . ASP A 1 74  ? -3.784  0.475   -14.982 1.00 11.34 ? 74  ASP A C   1 
ATOM   591  O  O   . ASP A 1 74  ? -4.879  -0.044  -15.200 1.00 12.64 ? 74  ASP A O   1 
ATOM   592  C  CB  . ASP A 1 74  ? -2.843  -1.189  -16.594 1.00 14.53 ? 74  ASP A CB  1 
ATOM   593  C  CG  . ASP A 1 74  ? -3.609  -0.816  -17.840 1.00 17.94 ? 74  ASP A CG  1 
ATOM   594  O  OD1 . ASP A 1 74  ? -3.705  0.382   -18.181 1.00 16.89 ? 74  ASP A OD1 1 
ATOM   595  O  OD2 . ASP A 1 74  ? -4.116  -1.737  -18.491 1.00 19.28 ? 74  ASP A OD2 1 
ATOM   596  N  N   . ILE A 1 75  ? -3.616  1.470   -14.125 1.00 6.75  ? 75  ILE A N   1 
ATOM   597  C  CA  . ILE A 1 75  ? -4.724  1.967   -13.333 1.00 8.32  ? 75  ILE A CA  1 
ATOM   598  C  C   . ILE A 1 75  ? -4.546  3.451   -13.071 1.00 6.60  ? 75  ILE A C   1 
ATOM   599  O  O   . ILE A 1 75  ? -3.421  3.932   -12.962 1.00 12.25 ? 75  ILE A O   1 
ATOM   600  C  CB  . ILE A 1 75  ? -4.793  1.180   -11.978 1.00 12.35 ? 75  ILE A CB  1 
ATOM   601  C  CG1 . ILE A 1 75  ? -6.161  1.370   -11.306 1.00 15.60 ? 75  ILE A CG1 1 
ATOM   602  C  CG2 . ILE A 1 75  ? -3.638  1.591   -11.041 1.00 13.35 ? 75  ILE A CG2 1 
ATOM   603  C  CD1 . ILE A 1 75  ? -6.363  0.529   -10.040 1.00 13.34 ? 75  ILE A CD1 1 
ATOM   604  N  N   . SER A 1 76  ? -5.644  4.195   -13.108 1.00 5.86  ? 76  SER A N   1 
ATOM   605  C  CA  . SER A 1 76  ? -5.584  5.619   -12.821 1.00 8.91  ? 76  SER A CA  1 
ATOM   606  C  C   . SER A 1 76  ? -5.434  5.723   -11.305 1.00 8.27  ? 76  SER A C   1 
ATOM   607  O  O   . SER A 1 76  ? -6.032  4.938   -10.568 1.00 13.34 ? 76  SER A O   1 
ATOM   608  C  CB  . SER A 1 76  ? -6.863  6.288   -13.289 1.00 16.05 ? 76  SER A CB  1 
ATOM   609  O  OG  . SER A 1 76  ? -7.012  6.095   -14.680 1.00 27.37 ? 76  SER A OG  1 
ATOM   610  N  N   . CYS A 1 77  ? -4.627  6.670   -10.837 1.00 7.90  ? 77  CYS A N   1 
ATOM   611  C  CA  . CYS A 1 77  ? -4.393  6.813   -9.403  1.00 8.17  ? 77  CYS A CA  1 
ATOM   612  C  C   . CYS A 1 77  ? -5.616  7.151   -8.575  1.00 7.85  ? 77  CYS A C   1 
ATOM   613  O  O   . CYS A 1 77  ? -5.659  6.842   -7.391  1.00 7.08  ? 77  CYS A O   1 
ATOM   614  C  CB  . CYS A 1 77  ? -3.298  7.846   -9.133  1.00 6.72  ? 77  CYS A CB  1 
ATOM   615  S  SG  . CYS A 1 77  ? -1.748  7.553   -10.030 1.00 7.98  ? 77  CYS A SG  1 
ATOM   616  N  N   . ASP A 1 78  ? -6.631  7.760   -9.185  1.00 7.96  ? 78  ASP A N   1 
ATOM   617  C  CA  . ASP A 1 78  ? -7.823  8.120   -8.421  1.00 8.23  ? 78  ASP A CA  1 
ATOM   618  C  C   . ASP A 1 78  ? -8.553  6.886   -7.876  1.00 7.28  ? 78  ASP A C   1 
ATOM   619  O  O   . ASP A 1 78  ? -9.224  6.948   -6.847  1.00 8.39  ? 78  ASP A O   1 
ATOM   620  C  CB  . ASP A 1 78  ? -8.755  9.013   -9.241  1.00 9.47  ? 78  ASP A CB  1 
ATOM   621  C  CG  . ASP A 1 78  ? -9.427  8.271   -10.347 1.00 10.88 ? 78  ASP A CG  1 
ATOM   622  O  OD1 . ASP A 1 78  ? -8.805  8.093   -11.408 1.00 17.48 ? 78  ASP A OD1 1 
ATOM   623  O  OD2 . ASP A 1 78  ? -10.582 7.844   -10.147 1.00 12.54 ? 78  ASP A OD2 1 
ATOM   624  N  N   . LYS A 1 79  ? -8.383  5.749   -8.542  1.00 8.14  ? 79  LYS A N   1 
ATOM   625  C  CA  . LYS A 1 79  ? -8.999  4.506   -8.092  1.00 7.03  ? 79  LYS A CA  1 
ATOM   626  C  C   . LYS A 1 79  ? -8.299  3.961   -6.836  1.00 7.19  ? 79  LYS A C   1 
ATOM   627  O  O   . LYS A 1 79  ? -8.792  3.029   -6.191  1.00 10.78 ? 79  LYS A O   1 
ATOM   628  C  CB  . LYS A 1 79  ? -8.981  3.483   -9.219  1.00 10.39 ? 79  LYS A CB  1 
ATOM   629  C  CG  . LYS A 1 79  ? -9.872  3.889   -10.375 1.00 15.86 ? 79  LYS A CG  1 
ATOM   630  C  CD  . LYS A 1 79  ? -9.953  2.825   -11.454 1.00 25.38 ? 79  LYS A CD  1 
ATOM   631  C  CE  . LYS A 1 79  ? -10.618 1.546   -10.944 1.00 30.09 ? 79  LYS A CE  1 
ATOM   632  N  NZ  . LYS A 1 79  ? -11.979 1.765   -10.344 1.00 34.51 ? 79  LYS A NZ  1 
ATOM   633  N  N   . LEU A 1 80  ? -7.146  4.533   -6.506  1.00 9.17  ? 80  LEU A N   1 
ATOM   634  C  CA  . LEU A 1 80  ? -6.379  4.145   -5.325  1.00 8.46  ? 80  LEU A CA  1 
ATOM   635  C  C   . LEU A 1 80  ? -6.696  5.085   -4.156  1.00 9.91  ? 80  LEU A C   1 
ATOM   636  O  O   . LEU A 1 80  ? -6.066  5.016   -3.112  1.00 11.37 ? 80  LEU A O   1 
ATOM   637  C  CB  . LEU A 1 80  ? -4.876  4.185   -5.633  1.00 9.38  ? 80  LEU A CB  1 
ATOM   638  C  CG  . LEU A 1 80  ? -4.410  3.287   -6.785  1.00 9.75  ? 80  LEU A CG  1 
ATOM   639  C  CD1 . LEU A 1 80  ? -2.958  3.594   -7.155  1.00 11.61 ? 80  LEU A CD1 1 
ATOM   640  C  CD2 . LEU A 1 80  ? -4.594  1.820   -6.407  1.00 10.18 ? 80  LEU A CD2 1 
ATOM   641  N  N   . LEU A 1 81  ? -7.694  5.940   -4.329  1.00 7.77  ? 81  LEU A N   1 
ATOM   642  C  CA  . LEU A 1 81  ? -8.069  6.868   -3.275  1.00 9.92  ? 81  LEU A CA  1 
ATOM   643  C  C   . LEU A 1 81  ? -9.460  6.595   -2.687  1.00 11.97 ? 81  LEU A C   1 
ATOM   644  O  O   . LEU A 1 81  ? -9.864  7.230   -1.717  1.00 15.79 ? 81  LEU A O   1 
ATOM   645  C  CB  . LEU A 1 81  ? -7.978  8.311   -3.782  1.00 11.05 ? 81  LEU A CB  1 
ATOM   646  C  CG  . LEU A 1 81  ? -6.604  8.815   -4.207  1.00 8.61  ? 81  LEU A CG  1 
ATOM   647  C  CD1 . LEU A 1 81  ? -6.739  10.213  -4.731  1.00 7.73  ? 81  LEU A CD1 1 
ATOM   648  C  CD2 . LEU A 1 81  ? -5.630  8.749   -3.033  1.00 7.74  ? 81  LEU A CD2 1 
ATOM   649  N  N   . ASP A 1 82  ? -10.203 5.668   -3.273  1.00 11.99 ? 82  ASP A N   1 
ATOM   650  C  CA  . ASP A 1 82  ? -11.530 5.344   -2.751  1.00 12.99 ? 82  ASP A CA  1 
ATOM   651  C  C   . ASP A 1 82  ? -11.451 4.269   -1.647  1.00 12.75 ? 82  ASP A C   1 
ATOM   652  O  O   . ASP A 1 82  ? -10.355 3.847   -1.263  1.00 12.11 ? 82  ASP A O   1 
ATOM   653  C  CB  . ASP A 1 82  ? -12.491 4.947   -3.893  1.00 13.98 ? 82  ASP A CB  1 
ATOM   654  C  CG  . ASP A 1 82  ? -11.969 3.801   -4.732  1.00 13.72 ? 82  ASP A CG  1 
ATOM   655  O  OD1 . ASP A 1 82  ? -11.309 2.921   -4.163  1.00 12.10 ? 82  ASP A OD1 1 
ATOM   656  O  OD2 . ASP A 1 82  ? -12.179 3.799   -5.959  1.00 12.53 ? 82  ASP A OD2 1 
ATOM   657  N  N   . ASP A 1 83  ? -12.605 3.824   -1.153  1.00 10.65 ? 83  ASP A N   1 
ATOM   658  C  CA  . ASP A 1 83  ? -12.659 2.832   -0.072  1.00 14.03 ? 83  ASP A CA  1 
ATOM   659  C  C   . ASP A 1 83  ? -12.703 1.360   -0.525  1.00 11.50 ? 83  ASP A C   1 
ATOM   660  O  O   . ASP A 1 83  ? -12.880 0.456   0.292   1.00 29.96 ? 83  ASP A O   1 
ATOM   661  C  CB  . ASP A 1 83  ? -13.821 3.136   0.884   1.00 38.57 ? 83  ASP A CB  1 
ATOM   662  C  CG  . ASP A 1 83  ? -15.180 2.814   0.280   1.00 46.90 ? 83  ASP A CG  1 
ATOM   663  O  OD1 . ASP A 1 83  ? -15.501 3.375   -0.796  1.00 51.76 ? 83  ASP A OD1 1 
ATOM   664  O  OD2 . ASP A 1 83  ? -15.922 1.990   0.872   1.00 52.72 ? 83  ASP A OD2 1 
ATOM   665  N  N   . ASP A 1 84  ? -12.591 1.135   -1.832  1.00 14.90 ? 84  ASP A N   1 
ATOM   666  C  CA  . ASP A 1 84  ? -12.555 -0.224  -2.356  1.00 11.56 ? 84  ASP A CA  1 
ATOM   667  C  C   . ASP A 1 84  ? -11.087 -0.546  -2.590  1.00 10.23 ? 84  ASP A C   1 
ATOM   668  O  O   . ASP A 1 84  ? -10.464 -0.018  -3.512  1.00 10.25 ? 84  ASP A O   1 
ATOM   669  C  CB  . ASP A 1 84  ? -13.358 -0.347  -3.653  1.00 9.62  ? 84  ASP A CB  1 
ATOM   670  C  CG  . ASP A 1 84  ? -13.359 -1.759  -4.186  1.00 9.80  ? 84  ASP A CG  1 
ATOM   671  O  OD1 . ASP A 1 84  ? -12.816 -2.648  -3.512  1.00 11.50 ? 84  ASP A OD1 1 
ATOM   672  O  OD2 . ASP A 1 84  ? -13.902 -1.995  -5.272  1.00 12.03 ? 84  ASP A OD2 1 
ATOM   673  N  N   . LEU A 1 85  ? -10.531 -1.407  -1.757  1.00 2.73  ? 85  LEU A N   1 
ATOM   674  C  CA  . LEU A 1 85  ? -9.134  -1.761  -1.866  1.00 3.42  ? 85  LEU A CA  1 
ATOM   675  C  C   . LEU A 1 85  ? -8.885  -2.880  -2.870  1.00 2.94  ? 85  LEU A C   1 
ATOM   676  O  O   . LEU A 1 85  ? -7.752  -3.256  -3.104  1.00 9.97  ? 85  LEU A O   1 
ATOM   677  C  CB  . LEU A 1 85  ? -8.629  -2.173  -0.491  1.00 12.23 ? 85  LEU A CB  1 
ATOM   678  C  CG  . LEU A 1 85  ? -8.087  -1.100  0.470   1.00 17.52 ? 85  LEU A CG  1 
ATOM   679  C  CD1 . LEU A 1 85  ? -8.807  0.220   0.362   1.00 16.55 ? 85  LEU A CD1 1 
ATOM   680  C  CD2 . LEU A 1 85  ? -8.146  -1.661  1.880   1.00 16.66 ? 85  LEU A CD2 1 
ATOM   681  N  N   . THR A 1 86  ? -9.940  -3.383  -3.499  1.00 7.07  ? 86  THR A N   1 
ATOM   682  C  CA  . THR A 1 86  ? -9.810  -4.477  -4.471  1.00 7.91  ? 86  THR A CA  1 
ATOM   683  C  C   . THR A 1 86  ? -8.759  -4.230  -5.558  1.00 7.14  ? 86  THR A C   1 
ATOM   684  O  O   . THR A 1 86  ? -7.869  -5.055  -5.766  1.00 5.45  ? 86  THR A O   1 
ATOM   685  C  CB  . THR A 1 86  ? -11.210 -4.812  -5.099  1.00 10.01 ? 86  THR A CB  1 
ATOM   686  O  OG1 . THR A 1 86  ? -12.134 -5.128  -4.039  1.00 9.45  ? 86  THR A OG1 1 
ATOM   687  C  CG2 . THR A 1 86  ? -11.131 -5.996  -6.048  1.00 9.01  ? 86  THR A CG2 1 
ATOM   688  N  N   . ASP A 1 87  ? -8.884  -3.115  -6.277  1.00 8.06  ? 87  ASP A N   1 
ATOM   689  C  CA  . ASP A 1 87  ? -7.916  -2.787  -7.321  1.00 7.72  ? 87  ASP A CA  1 
ATOM   690  C  C   . ASP A 1 87  ? -6.562  -2.394  -6.749  1.00 6.22  ? 87  ASP A C   1 
ATOM   691  O  O   . ASP A 1 87  ? -5.537  -2.675  -7.349  1.00 9.01  ? 87  ASP A O   1 
ATOM   692  C  CB  . ASP A 1 87  ? -8.442  -1.735  -8.318  1.00 5.41  ? 87  ASP A CB  1 
ATOM   693  C  CG  . ASP A 1 87  ? -9.105  -0.549  -7.650  1.00 10.02 ? 87  ASP A CG  1 
ATOM   694  O  OD1 . ASP A 1 87  ? -9.029  -0.363  -6.420  1.00 10.12 ? 87  ASP A OD1 1 
ATOM   695  O  OD2 . ASP A 1 87  ? -9.745  0.220   -8.384  1.00 13.93 ? 87  ASP A OD2 1 
ATOM   696  N  N   . ASP A 1 88  ? -6.562  -1.760  -5.579  1.00 6.54  ? 88  ASP A N   1 
ATOM   697  C  CA  . ASP A 1 88  ? -5.312  -1.388  -4.919  1.00 4.55  ? 88  ASP A CA  1 
ATOM   698  C  C   . ASP A 1 88  ? -4.500  -2.662  -4.693  1.00 5.05  ? 88  ASP A C   1 
ATOM   699  O  O   . ASP A 1 88  ? -3.328  -2.729  -5.026  1.00 7.55  ? 88  ASP A O   1 
ATOM   700  C  CB  . ASP A 1 88  ? -5.579  -0.774  -3.546  1.00 9.30  ? 88  ASP A CB  1 
ATOM   701  C  CG  . ASP A 1 88  ? -6.376  0.525   -3.613  1.00 10.22 ? 88  ASP A CG  1 
ATOM   702  O  OD1 . ASP A 1 88  ? -7.431  0.570   -4.261  1.00 10.83 ? 88  ASP A OD1 1 
ATOM   703  O  OD2 . ASP A 1 88  ? -5.960  1.499   -2.973  1.00 13.34 ? 88  ASP A OD2 1 
ATOM   704  N  N   . ILE A 1 89  ? -5.127  -3.659  -4.081  1.00 5.59  ? 89  ILE A N   1 
ATOM   705  C  CA  . ILE A 1 89  ? -4.461  -4.923  -3.800  1.00 6.34  ? 89  ILE A CA  1 
ATOM   706  C  C   . ILE A 1 89  ? -3.974  -5.584  -5.089  1.00 6.02  ? 89  ILE A C   1 
ATOM   707  O  O   . ILE A 1 89  ? -2.875  -6.148  -5.129  1.00 7.25  ? 89  ILE A O   1 
ATOM   708  C  CB  . ILE A 1 89  ? -5.367  -5.828  -2.955  1.00 8.15  ? 89  ILE A CB  1 
ATOM   709  C  CG1 . ILE A 1 89  ? -5.451  -5.246  -1.546  1.00 7.14  ? 89  ILE A CG1 1 
ATOM   710  C  CG2 . ILE A 1 89  ? -4.841  -7.286  -2.925  1.00 11.56 ? 89  ILE A CG2 1 
ATOM   711  C  CD1 . ILE A 1 89  ? -6.564  -5.812  -0.730  1.00 9.29  ? 89  ILE A CD1 1 
ATOM   712  N  N   . MET A 1 90  ? -4.757  -5.454  -6.158  1.00 6.71  ? 90  MET A N   1 
ATOM   713  C  CA  . MET A 1 90  ? -4.365  -6.018  -7.446  1.00 8.38  ? 90  MET A CA  1 
ATOM   714  C  C   . MET A 1 90  ? -3.025  -5.403  -7.855  1.00 7.85  ? 90  MET A C   1 
ATOM   715  O  O   . MET A 1 90  ? -2.080  -6.095  -8.245  1.00 8.68  ? 90  MET A O   1 
ATOM   716  C  CB  . MET A 1 90  ? -5.455  -5.729  -8.489  1.00 10.00 ? 90  MET A CB  1 
ATOM   717  C  CG  . MET A 1 90  ? -5.128  -6.116  -9.930  1.00 15.92 ? 90  MET A CG  1 
ATOM   718  S  SD  . MET A 1 90  ? -4.127  -4.911  -10.819 1.00 21.38 ? 90  MET A SD  1 
ATOM   719  C  CE  . MET A 1 90  ? -5.134  -3.426  -10.615 1.00 19.09 ? 90  MET A CE  1 
ATOM   720  N  N   . CYS A 1 91  ? -2.923  -4.095  -7.691  1.00 5.75  ? 91  CYS A N   1 
ATOM   721  C  CA  . CYS A 1 91  ? -1.700  -3.382  -8.041  1.00 4.55  ? 91  CYS A CA  1 
ATOM   722  C  C   . CYS A 1 91  ? -0.561  -3.718  -7.080  1.00 3.98  ? 91  CYS A C   1 
ATOM   723  O  O   . CYS A 1 91  ? 0.580   -3.868  -7.501  1.00 5.63  ? 91  CYS A O   1 
ATOM   724  C  CB  . CYS A 1 91  ? -1.990  -1.883  -8.024  1.00 4.97  ? 91  CYS A CB  1 
ATOM   725  S  SG  . CYS A 1 91  ? -0.592  -0.815  -8.409  1.00 8.23  ? 91  CYS A SG  1 
ATOM   726  N  N   . VAL A 1 92  ? -0.887  -3.845  -5.792  1.00 6.49  ? 92  VAL A N   1 
ATOM   727  C  CA  . VAL A 1 92  ? 0.097   -4.150  -4.758  1.00 6.53  ? 92  VAL A CA  1 
ATOM   728  C  C   . VAL A 1 92  ? 0.773   -5.460  -5.099  1.00 7.12  ? 92  VAL A C   1 
ATOM   729  O  O   . VAL A 1 92  ? 1.982   -5.595  -4.966  1.00 10.55 ? 92  VAL A O   1 
ATOM   730  C  CB  . VAL A 1 92  ? -0.559  -4.254  -3.349  1.00 8.07  ? 92  VAL A CB  1 
ATOM   731  C  CG1 . VAL A 1 92  ? 0.430   -4.874  -2.339  1.00 11.97 ? 92  VAL A CG1 1 
ATOM   732  C  CG2 . VAL A 1 92  ? -1.006  -2.873  -2.862  1.00 4.51  ? 92  VAL A CG2 1 
ATOM   733  N  N   . LYS A 1 93  ? -0.023  -6.429  -5.518  1.00 9.10  ? 93  LYS A N   1 
ATOM   734  C  CA  . LYS A 1 93  ? 0.501   -7.716  -5.914  1.00 8.34  ? 93  LYS A CA  1 
ATOM   735  C  C   . LYS A 1 93  ? 1.450   -7.562  -7.112  1.00 10.36 ? 93  LYS A C   1 
ATOM   736  O  O   . LYS A 1 93  ? 2.513   -8.190  -7.144  1.00 10.78 ? 93  LYS A O   1 
ATOM   737  C  CB  . LYS A 1 93  ? -0.648  -8.671  -6.215  1.00 5.86  ? 93  LYS A CB  1 
ATOM   738  C  CG  . LYS A 1 93  ? -1.283  -9.208  -4.950  1.00 7.18  ? 93  LYS A CG  1 
ATOM   739  C  CD  . LYS A 1 93  ? -2.446  -10.111 -5.228  1.00 9.44  ? 93  LYS A CD  1 
ATOM   740  C  CE  . LYS A 1 93  ? -2.991  -10.633 -3.931  1.00 11.43 ? 93  LYS A CE  1 
ATOM   741  N  NZ  . LYS A 1 93  ? -4.097  -11.615 -4.128  1.00 14.06 ? 93  LYS A NZ  1 
ATOM   742  N  N   . LYS A 1 94  ? 1.101   -6.714  -8.081  1.00 9.31  ? 94  LYS A N   1 
ATOM   743  C  CA  . LYS A 1 94  ? 1.984   -6.504  -9.229  1.00 8.64  ? 94  LYS A CA  1 
ATOM   744  C  C   . LYS A 1 94  ? 3.305   -5.917  -8.757  1.00 7.28  ? 94  LYS A C   1 
ATOM   745  O  O   . LYS A 1 94  ? 4.381   -6.296  -9.228  1.00 7.72  ? 94  LYS A O   1 
ATOM   746  C  CB  . LYS A 1 94  ? 1.373   -5.548  -10.254 1.00 12.83 ? 94  LYS A CB  1 
ATOM   747  C  CG  . LYS A 1 94  ? 0.127   -6.057  -10.943 1.00 18.83 ? 94  LYS A CG  1 
ATOM   748  C  CD  . LYS A 1 94  ? -0.216  -5.207  -12.175 1.00 23.88 ? 94  LYS A CD  1 
ATOM   749  C  CE  . LYS A 1 94  ? -1.593  -5.557  -12.750 1.00 24.87 ? 94  LYS A CE  1 
ATOM   750  N  NZ  . LYS A 1 94  ? -1.947  -4.703  -13.924 1.00 26.05 ? 94  LYS A NZ  1 
ATOM   751  N  N   . ILE A 1 95  ? 3.227   -4.976  -7.826  1.00 6.74  ? 95  ILE A N   1 
ATOM   752  C  CA  . ILE A 1 95  ? 4.439   -4.346  -7.319  1.00 9.34  ? 95  ILE A CA  1 
ATOM   753  C  C   . ILE A 1 95  ? 5.264   -5.397  -6.571  1.00 8.31  ? 95  ILE A C   1 
ATOM   754  O  O   . ILE A 1 95  ? 6.487   -5.448  -6.726  1.00 7.30  ? 95  ILE A O   1 
ATOM   755  C  CB  . ILE A 1 95  ? 4.128   -3.140  -6.385  1.00 6.80  ? 95  ILE A CB  1 
ATOM   756  C  CG1 . ILE A 1 95  ? 3.390   -2.052  -7.167  1.00 7.83  ? 95  ILE A CG1 1 
ATOM   757  C  CG2 . ILE A 1 95  ? 5.415   -2.558  -5.803  1.00 5.22  ? 95  ILE A CG2 1 
ATOM   758  C  CD1 . ILE A 1 95  ? 2.841   -0.920  -6.285  1.00 9.41  ? 95  ILE A CD1 1 
ATOM   759  N  N   . LEU A 1 96  ? 4.606   -6.252  -5.791  1.00 7.26  ? 96  LEU A N   1 
ATOM   760  C  CA  . LEU A 1 96  ? 5.331   -7.292  -5.051  1.00 9.29  ? 96  LEU A CA  1 
ATOM   761  C  C   . LEU A 1 96  ? 6.097   -8.228  -6.003  1.00 10.95 ? 96  LEU A C   1 
ATOM   762  O  O   . LEU A 1 96  ? 7.242   -8.597  -5.747  1.00 12.27 ? 96  LEU A O   1 
ATOM   763  C  CB  . LEU A 1 96  ? 4.379   -8.075  -4.150  1.00 7.26  ? 96  LEU A CB  1 
ATOM   764  C  CG  . LEU A 1 96  ? 4.012   -7.366  -2.841  1.00 9.27  ? 96  LEU A CG  1 
ATOM   765  C  CD1 . LEU A 1 96  ? 2.826   -8.050  -2.130  1.00 10.06 ? 96  LEU A CD1 1 
ATOM   766  C  CD2 . LEU A 1 96  ? 5.253   -7.281  -1.948  1.00 9.73  ? 96  LEU A CD2 1 
ATOM   767  N  N   . ASP A 1 97  ? 5.486   -8.535  -7.138  1.00 13.87 ? 97  ASP A N   1 
ATOM   768  C  CA  . ASP A 1 97  ? 6.105   -9.397  -8.121  1.00 15.01 ? 97  ASP A CA  1 
ATOM   769  C  C   . ASP A 1 97  ? 7.288   -8.738  -8.804  1.00 16.42 ? 97  ASP A C   1 
ATOM   770  O  O   . ASP A 1 97  ? 8.272   -9.392  -9.150  1.00 19.06 ? 97  ASP A O   1 
ATOM   771  C  CB  . ASP A 1 97  ? 5.084   -9.778  -9.173  1.00 13.85 ? 97  ASP A CB  1 
ATOM   772  C  CG  . ASP A 1 97  ? 3.997   -10.640 -8.624  1.00 16.33 ? 97  ASP A CG  1 
ATOM   773  O  OD1 . ASP A 1 97  ? 4.208   -11.269 -7.568  1.00 20.73 ? 97  ASP A OD1 1 
ATOM   774  O  OD2 . ASP A 1 97  ? 2.917   -10.684 -9.244  1.00 20.60 ? 97  ASP A OD2 1 
ATOM   775  N  N   . ILE A 1 98  ? 7.176   -7.435  -9.004  1.00 15.33 ? 98  ILE A N   1 
ATOM   776  C  CA  . ILE A 1 98  ? 8.206   -6.672  -9.676  1.00 17.05 ? 98  ILE A CA  1 
ATOM   777  C  C   . ILE A 1 98  ? 9.322   -6.173  -8.748  1.00 19.28 ? 98  ILE A C   1 
ATOM   778  O  O   . ILE A 1 98  ? 10.491  -6.539  -8.914  1.00 22.34 ? 98  ILE A O   1 
ATOM   779  C  CB  . ILE A 1 98  ? 7.544   -5.490  -10.438 1.00 18.80 ? 98  ILE A CB  1 
ATOM   780  C  CG1 . ILE A 1 98  ? 6.652   -6.039  -11.562 1.00 18.56 ? 98  ILE A CG1 1 
ATOM   781  C  CG2 . ILE A 1 98  ? 8.594   -4.538  -10.975 1.00 19.96 ? 98  ILE A CG2 1 
ATOM   782  C  CD1 . ILE A 1 98  ? 5.906   -4.986  -12.333 1.00 14.28 ? 98  ILE A CD1 1 
ATOM   783  N  N   . LYS A 1 99  ? 8.940   -5.348  -7.776  1.00 20.87 ? 99  LYS A N   1 
ATOM   784  C  CA  . LYS A 1 99  ? 9.849   -4.738  -6.812  1.00 18.88 ? 99  LYS A CA  1 
ATOM   785  C  C   . LYS A 1 99  ? 9.998   -5.483  -5.494  1.00 18.77 ? 99  LYS A C   1 
ATOM   786  O  O   . LYS A 1 99  ? 11.029  -5.378  -4.818  1.00 22.05 ? 99  LYS A O   1 
ATOM   787  C  CB  . LYS A 1 99  ? 9.355   -3.331  -6.490  1.00 22.59 ? 99  LYS A CB  1 
ATOM   788  C  CG  . LYS A 1 99  ? 9.539   -2.337  -7.589  1.00 26.64 ? 99  LYS A CG  1 
ATOM   789  C  CD  . LYS A 1 99  ? 11.005  -2.130  -7.824  1.00 31.82 ? 99  LYS A CD  1 
ATOM   790  C  CE  . LYS A 1 99  ? 11.267  -1.063  -8.849  1.00 36.49 ? 99  LYS A CE  1 
ATOM   791  N  NZ  . LYS A 1 99  ? 12.741  -0.935  -9.066  1.00 39.61 ? 99  LYS A NZ  1 
ATOM   792  N  N   . GLY A 1 100 ? 8.953   -6.190  -5.089  1.00 14.60 ? 100 GLY A N   1 
ATOM   793  C  CA  . GLY A 1 100 ? 9.009   -6.871  -3.810  1.00 12.43 ? 100 GLY A CA  1 
ATOM   794  C  C   . GLY A 1 100 ? 8.618   -5.900  -2.700  1.00 14.01 ? 100 GLY A C   1 
ATOM   795  O  O   . GLY A 1 100 ? 8.344   -4.709  -2.940  1.00 10.06 ? 100 GLY A O   1 
ATOM   796  N  N   . ILE A 1 101 ? 8.591   -6.397  -1.467  1.00 22.19 ? 101 ILE A N   1 
ATOM   797  C  CA  . ILE A 1 101 ? 8.235   -5.567  -0.316  1.00 22.12 ? 101 ILE A CA  1 
ATOM   798  C  C   . ILE A 1 101 ? 9.208   -4.389  -0.189  1.00 20.72 ? 101 ILE A C   1 
ATOM   799  O  O   . ILE A 1 101 ? 8.916   -3.372  0.435   1.00 13.18 ? 101 ILE A O   1 
ATOM   800  C  CB  . ILE A 1 101 ? 8.253   -6.402  0.982   1.00 16.67 ? 101 ILE A CB  1 
ATOM   801  C  CG1 . ILE A 1 101 ? 7.590   -5.623  2.122   1.00 15.11 ? 101 ILE A CG1 1 
ATOM   802  C  CG2 . ILE A 1 101 ? 9.680   -6.824  1.320   1.00 15.84 ? 101 ILE A CG2 1 
ATOM   803  C  CD1 . ILE A 1 101 ? 6.168   -5.184  1.807   1.00 16.57 ? 101 ILE A CD1 1 
ATOM   804  N  N   . ASP A 1 102 ? 10.351  -4.520  -0.841  1.00 13.34 ? 102 ASP A N   1 
ATOM   805  C  CA  . ASP A 1 102 ? 11.373  -3.491  -0.843  1.00 14.53 ? 102 ASP A CA  1 
ATOM   806  C  C   . ASP A 1 102 ? 10.810  -2.137  -1.294  1.00 12.90 ? 102 ASP A C   1 
ATOM   807  O  O   . ASP A 1 102 ? 11.295  -1.098  -0.850  1.00 19.30 ? 102 ASP A O   1 
ATOM   808  C  CB  . ASP A 1 102 ? 12.520  -3.951  -1.723  1.00 30.35 ? 102 ASP A CB  1 
ATOM   809  C  CG  . ASP A 1 102 ? 13.055  -5.306  -1.294  1.00 37.22 ? 102 ASP A CG  1 
ATOM   810  O  OD1 . ASP A 1 102 ? 13.765  -5.351  -0.265  1.00 40.10 ? 102 ASP A OD1 1 
ATOM   811  O  OD2 . ASP A 1 102 ? 12.738  -6.325  -1.957  1.00 40.75 ? 102 ASP A OD2 1 
ATOM   812  N  N   . TYR A 1 103 ? 9.749   -2.159  -2.109  1.00 10.53 ? 103 TYR A N   1 
ATOM   813  C  CA  . TYR A 1 103 ? 9.092   -0.924  -2.563  1.00 10.66 ? 103 TYR A CA  1 
ATOM   814  C  C   . TYR A 1 103 ? 8.619   -0.085  -1.364  1.00 10.15 ? 103 TYR A C   1 
ATOM   815  O  O   . TYR A 1 103 ? 8.719   1.137   -1.363  1.00 11.40 ? 103 TYR A O   1 
ATOM   816  C  CB  . TYR A 1 103 ? 7.867   -1.244  -3.427  1.00 11.05 ? 103 TYR A CB  1 
ATOM   817  C  CG  . TYR A 1 103 ? 7.062   -0.013  -3.803  1.00 13.52 ? 103 TYR A CG  1 
ATOM   818  C  CD1 . TYR A 1 103 ? 7.437   0.782   -4.888  1.00 14.04 ? 103 TYR A CD1 1 
ATOM   819  C  CD2 . TYR A 1 103 ? 5.942   0.375   -3.058  1.00 12.48 ? 103 TYR A CD2 1 
ATOM   820  C  CE1 . TYR A 1 103 ? 6.717   1.932   -5.217  1.00 15.00 ? 103 TYR A CE1 1 
ATOM   821  C  CE2 . TYR A 1 103 ? 5.222   1.522   -3.379  1.00 12.89 ? 103 TYR A CE2 1 
ATOM   822  C  CZ  . TYR A 1 103 ? 5.617   2.297   -4.456  1.00 13.14 ? 103 TYR A CZ  1 
ATOM   823  O  OH  . TYR A 1 103 ? 4.960   3.464   -4.762  1.00 13.89 ? 103 TYR A OH  1 
ATOM   824  N  N   . TRP A 1 104 ? 8.081   -0.751  -0.353  1.00 12.39 ? 104 TRP A N   1 
ATOM   825  C  CA  . TRP A 1 104 ? 7.595   -0.061  0.826   1.00 12.62 ? 104 TRP A CA  1 
ATOM   826  C  C   . TRP A 1 104 ? 8.664   0.150   1.895   1.00 13.20 ? 104 TRP A C   1 
ATOM   827  O  O   . TRP A 1 104 ? 8.782   1.238   2.452   1.00 14.42 ? 104 TRP A O   1 
ATOM   828  C  CB  . TRP A 1 104 ? 6.405   -0.819  1.417   1.00 9.73  ? 104 TRP A CB  1 
ATOM   829  C  CG  . TRP A 1 104 ? 5.221   -0.803  0.536   1.00 10.23 ? 104 TRP A CG  1 
ATOM   830  C  CD1 . TRP A 1 104 ? 4.250   0.153   0.493   1.00 10.81 ? 104 TRP A CD1 1 
ATOM   831  C  CD2 . TRP A 1 104 ? 4.904   -1.738  -0.503  1.00 11.67 ? 104 TRP A CD2 1 
ATOM   832  N  NE1 . TRP A 1 104 ? 3.355   -0.120  -0.512  1.00 11.84 ? 104 TRP A NE1 1 
ATOM   833  C  CE2 . TRP A 1 104 ? 3.736   -1.275  -1.149  1.00 11.99 ? 104 TRP A CE2 1 
ATOM   834  C  CE3 . TRP A 1 104 ? 5.511   -2.921  -0.965  1.00 11.15 ? 104 TRP A CE3 1 
ATOM   835  C  CZ2 . TRP A 1 104 ? 3.148   -1.944  -2.231  1.00 12.82 ? 104 TRP A CZ2 1 
ATOM   836  C  CZ3 . TRP A 1 104 ? 4.929   -3.586  -2.045  1.00 11.92 ? 104 TRP A CZ3 1 
ATOM   837  C  CH2 . TRP A 1 104 ? 3.759   -3.093  -2.665  1.00 9.55  ? 104 TRP A CH2 1 
ATOM   838  N  N   . LEU A 1 105 ? 9.460   -0.875  2.165   1.00 14.18 ? 105 LEU A N   1 
ATOM   839  C  CA  . LEU A 1 105 ? 10.475  -0.762  3.200   1.00 14.00 ? 105 LEU A CA  1 
ATOM   840  C  C   . LEU A 1 105 ? 11.586  0.219   2.850   1.00 16.12 ? 105 LEU A C   1 
ATOM   841  O  O   . LEU A 1 105 ? 12.099  0.914   3.727   1.00 18.45 ? 105 LEU A O   1 
ATOM   842  C  CB  . LEU A 1 105 ? 11.033  -2.139  3.539   1.00 15.17 ? 105 LEU A CB  1 
ATOM   843  C  CG  . LEU A 1 105 ? 10.000  -3.138  4.068   1.00 15.05 ? 105 LEU A CG  1 
ATOM   844  C  CD1 . LEU A 1 105 ? 10.660  -4.481  4.304   1.00 19.02 ? 105 LEU A CD1 1 
ATOM   845  C  CD2 . LEU A 1 105 ? 9.360   -2.624  5.353   1.00 16.07 ? 105 LEU A CD2 1 
ATOM   846  N  N   . ALA A 1 106 ? 11.970  0.261   1.575   1.00 14.26 ? 106 ALA A N   1 
ATOM   847  C  CA  . ALA A 1 106 ? 13.008  1.164   1.103   1.00 13.97 ? 106 ALA A CA  1 
ATOM   848  C  C   . ALA A 1 106 ? 14.282  1.106   1.934   1.00 13.86 ? 106 ALA A C   1 
ATOM   849  O  O   . ALA A 1 106 ? 14.837  2.133   2.301   1.00 14.06 ? 106 ALA A O   1 
ATOM   850  C  CB  . ALA A 1 106 ? 12.479  2.604   1.040   1.00 13.31 ? 106 ALA A CB  1 
ATOM   851  N  N   . HIS A 1 107 ? 14.745  -0.108  2.230   1.00 12.83 ? 107 HIS A N   1 
ATOM   852  C  CA  . HIS A 1 107 ? 15.977  -0.322  2.993   1.00 12.66 ? 107 HIS A CA  1 
ATOM   853  C  C   . HIS A 1 107 ? 15.965  0.257   4.401   1.00 14.39 ? 107 HIS A C   1 
ATOM   854  O  O   . HIS A 1 107 ? 17.020  0.541   4.964   1.00 19.49 ? 107 HIS A O   1 
ATOM   855  C  CB  . HIS A 1 107 ? 17.194  0.219   2.229   1.00 15.29 ? 107 HIS A CB  1 
ATOM   856  C  CG  . HIS A 1 107 ? 17.226  -0.190  0.790   1.00 14.25 ? 107 HIS A CG  1 
ATOM   857  N  ND1 . HIS A 1 107 ? 17.495  -1.478  0.389   1.00 18.12 ? 107 HIS A ND1 1 
ATOM   858  C  CD2 . HIS A 1 107 ? 16.976  0.509   -0.344  1.00 15.63 ? 107 HIS A CD2 1 
ATOM   859  C  CE1 . HIS A 1 107 ? 17.410  -1.560  -0.927  1.00 17.57 ? 107 HIS A CE1 1 
ATOM   860  N  NE2 . HIS A 1 107 ? 17.095  -0.366  -1.396  1.00 17.41 ? 107 HIS A NE2 1 
ATOM   861  N  N   . LYS A 1 108 ? 14.781  0.438   4.972   1.00 16.67 ? 108 LYS A N   1 
ATOM   862  C  CA  . LYS A 1 108 ? 14.666  0.965   6.330   1.00 16.39 ? 108 LYS A CA  1 
ATOM   863  C  C   . LYS A 1 108 ? 14.352  -0.193  7.260   1.00 15.83 ? 108 LYS A C   1 
ATOM   864  O  O   . LYS A 1 108 ? 13.926  -1.252  6.808   1.00 19.05 ? 108 LYS A O   1 
ATOM   865  C  CB  . LYS A 1 108 ? 13.559  2.004   6.424   1.00 24.96 ? 108 LYS A CB  1 
ATOM   866  C  CG  . LYS A 1 108 ? 13.761  3.206   5.546   1.00 32.10 ? 108 LYS A CG  1 
ATOM   867  C  CD  . LYS A 1 108 ? 12.693  4.237   5.842   1.00 39.93 ? 108 LYS A CD  1 
ATOM   868  C  CE  . LYS A 1 108 ? 12.673  5.347   4.810   1.00 44.68 ? 108 LYS A CE  1 
ATOM   869  N  NZ  . LYS A 1 108 ? 11.673  6.393   5.188   1.00 51.26 ? 108 LYS A NZ  1 
ATOM   870  N  N   . PRO A 1 109 ? 14.534  0.009   8.575   1.00 16.27 ? 109 PRO A N   1 
ATOM   871  C  CA  . PRO A 1 109 ? 14.272  -1.038  9.568   1.00 17.74 ? 109 PRO A CA  1 
ATOM   872  C  C   . PRO A 1 109 ? 12.867  -1.097  10.161  1.00 16.62 ? 109 PRO A C   1 
ATOM   873  O  O   . PRO A 1 109 ? 12.620  -1.852  11.108  1.00 20.49 ? 109 PRO A O   1 
ATOM   874  C  CB  . PRO A 1 109 ? 15.305  -0.721  10.646  1.00 18.40 ? 109 PRO A CB  1 
ATOM   875  C  CG  . PRO A 1 109 ? 15.306  0.769   10.646  1.00 17.26 ? 109 PRO A CG  1 
ATOM   876  C  CD  . PRO A 1 109 ? 15.292  1.122   9.181   1.00 17.63 ? 109 PRO A CD  1 
ATOM   877  N  N   . LEU A 1 110 ? 11.945  -0.304  9.642   1.00 16.50 ? 110 LEU A N   1 
ATOM   878  C  CA  . LEU A 1 110 ? 10.597  -0.302  10.209  1.00 14.24 ? 110 LEU A CA  1 
ATOM   879  C  C   . LEU A 1 110 ? 9.897   -1.653  10.081  1.00 12.40 ? 110 LEU A C   1 
ATOM   880  O  O   . LEU A 1 110 ? 10.160  -2.420  9.162   1.00 10.69 ? 110 LEU A O   1 
ATOM   881  C  CB  . LEU A 1 110 ? 9.718   0.775   9.563   1.00 17.78 ? 110 LEU A CB  1 
ATOM   882  C  CG  . LEU A 1 110 ? 9.058   0.433   8.221   1.00 16.72 ? 110 LEU A CG  1 
ATOM   883  C  CD1 . LEU A 1 110 ? 7.901   1.354   7.980   1.00 19.44 ? 110 LEU A CD1 1 
ATOM   884  C  CD2 . LEU A 1 110 ? 10.067  0.491   7.085   1.00 19.76 ? 110 LEU A CD2 1 
ATOM   885  N  N   . CYS A 1 111 ? 9.034   -1.944  11.046  1.00 13.48 ? 111 CYS A N   1 
ATOM   886  C  CA  . CYS A 1 111 ? 8.247   -3.168  11.041  1.00 14.09 ? 111 CYS A CA  1 
ATOM   887  C  C   . CYS A 1 111 ? 9.054   -4.456  11.010  1.00 16.60 ? 111 CYS A C   1 
ATOM   888  O  O   . CYS A 1 111 ? 8.685   -5.402  10.317  1.00 15.98 ? 111 CYS A O   1 
ATOM   889  C  CB  . CYS A 1 111 ? 7.272   -3.122  9.862   1.00 11.53 ? 111 CYS A CB  1 
ATOM   890  S  SG  . CYS A 1 111 ? 6.233   -1.636  9.950   1.00 8.59  ? 111 CYS A SG  1 
ATOM   891  N  N   . SER A 1 112 ? 10.117  -4.514  11.808  1.00 19.99 ? 112 SER A N   1 
ATOM   892  C  CA  . SER A 1 112 ? 10.959  -5.705  11.858  1.00 23.53 ? 112 SER A CA  1 
ATOM   893  C  C   . SER A 1 112 ? 10.817  -6.454  13.177  1.00 23.77 ? 112 SER A C   1 
ATOM   894  O  O   . SER A 1 112 ? 11.014  -7.663  13.223  1.00 31.48 ? 112 SER A O   1 
ATOM   895  C  CB  . SER A 1 112 ? 12.425  -5.344  11.627  1.00 27.32 ? 112 SER A CB  1 
ATOM   896  O  OG  . SER A 1 112 ? 12.864  -4.414  12.596  1.00 31.70 ? 112 SER A OG  1 
ATOM   897  N  N   . ASP A 1 113 ? 10.429  -5.746  14.230  1.00 20.43 ? 113 ASP A N   1 
ATOM   898  C  CA  . ASP A 1 113 ? 10.288  -6.349  15.554  1.00 21.27 ? 113 ASP A CA  1 
ATOM   899  C  C   . ASP A 1 113 ? 8.895   -6.191  16.170  1.00 19.87 ? 113 ASP A C   1 
ATOM   900  O  O   . ASP A 1 113 ? 8.131   -5.291  15.810  1.00 28.02 ? 113 ASP A O   1 
ATOM   901  C  CB  . ASP A 1 113 ? 11.328  -5.763  16.523  1.00 36.64 ? 113 ASP A CB  1 
ATOM   902  C  CG  . ASP A 1 113 ? 12.762  -6.004  16.070  1.00 41.64 ? 113 ASP A CG  1 
ATOM   903  O  OD1 . ASP A 1 113 ? 13.184  -7.183  16.000  1.00 44.35 ? 113 ASP A OD1 1 
ATOM   904  O  OD2 . ASP A 1 113 ? 13.469  -5.007  15.787  1.00 46.13 ? 113 ASP A OD2 1 
ATOM   905  N  N   . LYS A 1 114 ? 8.593   -7.078  17.118  1.00 16.90 ? 114 LYS A N   1 
ATOM   906  C  CA  . LYS A 1 114 ? 7.327   -7.092  17.841  1.00 18.08 ? 114 LYS A CA  1 
ATOM   907  C  C   . LYS A 1 114 ? 6.085   -6.967  16.963  1.00 14.28 ? 114 LYS A C   1 
ATOM   908  O  O   . LYS A 1 114 ? 5.064   -6.404  17.363  1.00 17.80 ? 114 LYS A O   1 
ATOM   909  C  CB  . LYS A 1 114 ? 7.332   -6.032  18.944  1.00 27.61 ? 114 LYS A CB  1 
ATOM   910  C  CG  . LYS A 1 114 ? 8.415   -6.277  19.988  1.00 35.22 ? 114 LYS A CG  1 
ATOM   911  C  CD  . LYS A 1 114 ? 7.993   -5.781  21.353  1.00 42.79 ? 114 LYS A CD  1 
ATOM   912  C  CE  . LYS A 1 114 ? 6.810   -6.597  21.891  1.00 46.53 ? 114 LYS A CE  1 
ATOM   913  N  NZ  . LYS A 1 114 ? 6.116   -5.898  23.025  1.00 51.73 ? 114 LYS A NZ  1 
ATOM   914  N  N   . LEU A 1 115 ? 6.155   -7.578  15.789  1.00 12.90 ? 115 LEU A N   1 
ATOM   915  C  CA  . LEU A 1 115 ? 5.054   -7.544  14.851  1.00 11.68 ? 115 LEU A CA  1 
ATOM   916  C  C   . LEU A 1 115 ? 3.756   -8.101  15.388  1.00 10.82 ? 115 LEU A C   1 
ATOM   917  O  O   . LEU A 1 115 ? 2.701   -7.755  14.885  1.00 12.02 ? 115 LEU A O   1 
ATOM   918  C  CB  . LEU A 1 115 ? 5.437   -8.279  13.573  1.00 15.31 ? 115 LEU A CB  1 
ATOM   919  C  CG  . LEU A 1 115 ? 6.466   -7.535  12.730  1.00 16.16 ? 115 LEU A CG  1 
ATOM   920  C  CD1 . LEU A 1 115 ? 6.648   -8.240  11.410  1.00 17.81 ? 115 LEU A CD1 1 
ATOM   921  C  CD2 . LEU A 1 115 ? 5.986   -6.111  12.498  1.00 17.20 ? 115 LEU A CD2 1 
ATOM   922  N  N   . GLU A 1 116 ? 3.814   -8.945  16.421  1.00 9.76  ? 116 GLU A N   1 
ATOM   923  C  CA  . GLU A 1 116 ? 2.590   -9.509  16.972  1.00 11.64 ? 116 GLU A CA  1 
ATOM   924  C  C   . GLU A 1 116 ? 1.737   -8.426  17.639  1.00 12.53 ? 116 GLU A C   1 
ATOM   925  O  O   . GLU A 1 116 ? 0.537   -8.612  17.861  1.00 15.61 ? 116 GLU A O   1 
ATOM   926  C  CB  . GLU A 1 116 ? 2.864   -10.691 17.911  1.00 15.65 ? 116 GLU A CB  1 
ATOM   927  C  CG  . GLU A 1 116 ? 3.347   -10.339 19.307  1.00 17.94 ? 116 GLU A CG  1 
ATOM   928  C  CD  . GLU A 1 116 ? 4.800   -9.915  19.378  1.00 20.53 ? 116 GLU A CD  1 
ATOM   929  O  OE1 . GLU A 1 116 ? 5.519   -9.967  18.361  1.00 20.39 ? 116 GLU A OE1 1 
ATOM   930  O  OE2 . GLU A 1 116 ? 5.230   -9.536  20.484  1.00 27.06 ? 116 GLU A OE2 1 
ATOM   931  N  N   . GLN A 1 117 ? 2.350   -7.275  17.897  1.00 14.04 ? 117 GLN A N   1 
ATOM   932  C  CA  . GLN A 1 117 ? 1.630   -6.133  18.474  1.00 16.92 ? 117 GLN A CA  1 
ATOM   933  C  C   . GLN A 1 117 ? 0.567   -5.601  17.483  1.00 15.55 ? 117 GLN A C   1 
ATOM   934  O  O   . GLN A 1 117 ? -0.392  -4.935  17.879  1.00 22.92 ? 117 GLN A O   1 
ATOM   935  C  CB  . GLN A 1 117 ? 2.612   -4.986  18.770  1.00 26.80 ? 117 GLN A CB  1 
ATOM   936  C  CG  . GLN A 1 117 ? 3.321   -5.005  20.132  1.00 34.69 ? 117 GLN A CG  1 
ATOM   937  C  CD  . GLN A 1 117 ? 4.048   -3.669  20.433  1.00 39.47 ? 117 GLN A CD  1 
ATOM   938  O  OE1 . GLN A 1 117 ? 3.484   -2.572  20.265  1.00 41.74 ? 117 GLN A OE1 1 
ATOM   939  N  NE2 . GLN A 1 117 ? 5.295   -3.762  20.873  1.00 39.90 ? 117 GLN A NE2 1 
ATOM   940  N  N   . TRP A 1 118 ? 0.742   -5.909  16.198  1.00 8.68  ? 118 TRP A N   1 
ATOM   941  C  CA  . TRP A 1 118 ? -0.155  -5.417  15.167  1.00 9.76  ? 118 TRP A CA  1 
ATOM   942  C  C   . TRP A 1 118 ? -1.406  -6.211  14.850  1.00 11.01 ? 118 TRP A C   1 
ATOM   943  O  O   . TRP A 1 118 ? -2.197  -5.805  13.997  1.00 19.04 ? 118 TRP A O   1 
ATOM   944  C  CB  . TRP A 1 118 ? 0.628   -5.163  13.885  1.00 14.00 ? 118 TRP A CB  1 
ATOM   945  C  CG  . TRP A 1 118 ? 1.660   -4.114  14.050  1.00 12.50 ? 118 TRP A CG  1 
ATOM   946  C  CD1 . TRP A 1 118 ? 2.971   -4.299  14.385  1.00 8.59  ? 118 TRP A CD1 1 
ATOM   947  C  CD2 . TRP A 1 118 ? 1.470   -2.699  13.930  1.00 10.81 ? 118 TRP A CD2 1 
ATOM   948  N  NE1 . TRP A 1 118 ? 3.603   -3.085  14.491  1.00 9.53  ? 118 TRP A NE1 1 
ATOM   949  C  CE2 . TRP A 1 118 ? 2.711   -2.086  14.217  1.00 11.69 ? 118 TRP A CE2 1 
ATOM   950  C  CE3 . TRP A 1 118 ? 0.362   -1.893  13.608  1.00 11.32 ? 118 TRP A CE3 1 
ATOM   951  C  CZ2 . TRP A 1 118 ? 2.885   -0.696  14.195  1.00 11.56 ? 118 TRP A CZ2 1 
ATOM   952  C  CZ3 . TRP A 1 118 ? 0.535   -0.511  13.582  1.00 9.47  ? 118 TRP A CZ3 1 
ATOM   953  C  CH2 . TRP A 1 118 ? 1.792   0.073   13.873  1.00 11.86 ? 118 TRP A CH2 1 
ATOM   954  N  N   . TYR A 1 119 ? -1.585  -7.352  15.493  1.00 13.08 ? 119 TYR A N   1 
ATOM   955  C  CA  . TYR A 1 119 ? -2.791  -8.135  15.260  1.00 14.37 ? 119 TYR A CA  1 
ATOM   956  C  C   . TYR A 1 119 ? -4.015  -7.402  15.796  1.00 17.20 ? 119 TYR A C   1 
ATOM   957  O  O   . TYR A 1 119 ? -3.918  -6.661  16.774  1.00 18.21 ? 119 TYR A O   1 
ATOM   958  C  CB  . TYR A 1 119 ? -2.676  -9.487  15.943  1.00 13.68 ? 119 TYR A CB  1 
ATOM   959  C  CG  . TYR A 1 119 ? -1.842  -10.470 15.172  1.00 12.95 ? 119 TYR A CG  1 
ATOM   960  C  CD1 . TYR A 1 119 ? -2.218  -10.863 13.882  1.00 13.11 ? 119 TYR A CD1 1 
ATOM   961  C  CD2 . TYR A 1 119 ? -0.694  -11.038 15.737  1.00 11.44 ? 119 TYR A CD2 1 
ATOM   962  C  CE1 . TYR A 1 119 ? -1.476  -11.809 13.182  1.00 12.75 ? 119 TYR A CE1 1 
ATOM   963  C  CE2 . TYR A 1 119 ? 0.052   -11.986 15.041  1.00 10.75 ? 119 TYR A CE2 1 
ATOM   964  C  CZ  . TYR A 1 119 ? -0.348  -12.363 13.774  1.00 10.90 ? 119 TYR A CZ  1 
ATOM   965  O  OH  . TYR A 1 119 ? 0.332   -13.349 13.123  1.00 13.10 ? 119 TYR A OH  1 
ATOM   966  N  N   . CYS A 1 120 ? -5.170  -7.616  15.173  1.00 19.19 ? 120 CYS A N   1 
ATOM   967  C  CA  . CYS A 1 120 ? -6.392  -6.965  15.622  1.00 24.92 ? 120 CYS A CA  1 
ATOM   968  C  C   . CYS A 1 120 ? -6.811  -7.581  16.940  1.00 31.33 ? 120 CYS A C   1 
ATOM   969  O  O   . CYS A 1 120 ? -7.142  -6.873  17.898  1.00 40.58 ? 120 CYS A O   1 
ATOM   970  C  CB  . CYS A 1 120 ? -7.511  -7.097  14.589  1.00 26.57 ? 120 CYS A CB  1 
ATOM   971  S  SG  . CYS A 1 120 ? -9.148  -6.746  15.294  1.00 23.93 ? 120 CYS A SG  1 
ATOM   972  N  N   . GLU A 1 121 ? -6.799  -8.903  16.990  1.00 29.06 ? 121 GLU A N   1 
ATOM   973  C  CA  . GLU A 1 121 ? -7.144  -9.623  18.212  1.00 37.92 ? 121 GLU A CA  1 
ATOM   974  C  C   . GLU A 1 121 ? -6.580  -11.004 17.962  1.00 41.47 ? 121 GLU A C   1 
ATOM   975  O  O   . GLU A 1 121 ? -5.604  -11.425 18.589  1.00 87.43 ? 121 GLU A O   1 
ATOM   976  C  CB  . GLU A 1 121 ? -8.664  -9.694  18.415  1.00 83.40 ? 121 GLU A CB  1 
ATOM   977  C  CG  . GLU A 1 121 ? -9.139  -9.185  19.770  1.00 88.11 ? 121 GLU A CG  1 
ATOM   978  C  CD  . GLU A 1 121 ? -9.473  -7.703  19.752  1.00 90.43 ? 121 GLU A CD  1 
ATOM   979  O  OE1 . GLU A 1 121 ? -10.546 -7.356  19.220  1.00 92.57 ? 121 GLU A OE1 1 
ATOM   980  O  OE2 . GLU A 1 121 ? -8.675  -6.887  20.263  1.00 91.59 ? 121 GLU A OE2 1 
ATOM   981  N  N   . ALA A 1 122 ? -7.203  -11.694 17.012  1.00 89.42 ? 122 ALA A N   1 
ATOM   982  C  CA  . ALA A 1 122 ? -6.767  -13.014 16.600  1.00 90.70 ? 122 ALA A CA  1 
ATOM   983  C  C   . ALA A 1 122 ? -5.758  -12.679 15.518  1.00 91.08 ? 122 ALA A C   1 
ATOM   984  O  O   . ALA A 1 122 ? -4.547  -12.713 15.748  1.00 61.78 ? 122 ALA A O   1 
ATOM   985  C  CB  . ALA A 1 122 ? -7.942  -13.814 16.018  1.00 60.68 ? 122 ALA A CB  1 
ATOM   986  N  N   . GLN A 1 123 ? -6.268  -12.246 14.373  1.00 86.88 ? 123 GLN A N   1 
ATOM   987  C  CA  . GLN A 1 123 ? -5.434  -11.868 13.242  1.00 85.87 ? 123 GLN A CA  1 
ATOM   988  C  C   . GLN A 1 123 ? -6.018  -10.541 12.709  1.00 87.14 ? 123 GLN A C   1 
ATOM   989  O  O   . GLN A 1 123 ? -5.383  -9.480  12.910  1.00 52.55 ? 123 GLN A O   1 
ATOM   990  C  CB  . GLN A 1 123 ? -5.446  -12.993 12.179  1.00 50.00 ? 123 GLN A CB  1 
ATOM   991  C  CG  . GLN A 1 123 ? -4.071  -13.683 11.910  1.00 44.58 ? 123 GLN A CG  1 
ATOM   992  C  CD  . GLN A 1 123 ? -3.899  -15.132 12.458  1.00 40.55 ? 123 GLN A CD  1 
ATOM   993  O  OE1 . GLN A 1 123 ? -4.770  -15.706 13.129  1.00 35.44 ? 123 GLN A OE1 1 
ATOM   994  N  NE2 . GLN A 1 123 ? -2.742  -15.708 12.170  1.00 36.13 ? 123 GLN A NE2 1 
ATOM   995  O  OXT . GLN A 1 123 ? -7.159  -10.561 12.197  1.00 55.65 ? 123 GLN A OXT 1 
HETATM 996  CA CA  . CA  B 2 .   ? -9.532  1.414   -4.831  1.00 8.31  ? 124 CA  A CA  1 
HETATM 997  O  O   . HOH C 3 .   ? -2.842  0.685   15.292  1.00 45.47 ? 125 HOH A O   1 
HETATM 998  O  O   . HOH C 3 .   ? -6.853  1.058   15.079  1.00 28.43 ? 126 HOH A O   1 
HETATM 999  O  O   . HOH C 3 .   ? -8.532  -9.024  0.477   1.00 21.93 ? 127 HOH A O   1 
HETATM 1000 O  O   . HOH C 3 .   ? 9.393   -9.125  -1.460  1.00 35.64 ? 128 HOH A O   1 
HETATM 1001 O  O   . HOH C 3 .   ? -0.316  -13.322 7.843   1.00 21.62 ? 129 HOH A O   1 
HETATM 1002 O  O   . HOH C 3 .   ? -6.134  3.419   -0.758  1.00 11.78 ? 130 HOH A O   1 
HETATM 1003 O  O   . HOH C 3 .   ? -8.619  2.657   -3.083  1.00 8.64  ? 131 HOH A O   1 
HETATM 1004 O  O   . HOH C 3 .   ? 6.087   4.921   1.434   1.00 35.40 ? 132 HOH A O   1 
HETATM 1005 O  O   . HOH C 3 .   ? -3.064  2.475   -2.407  1.00 6.91  ? 133 HOH A O   1 
HETATM 1006 O  O   . HOH C 3 .   ? 8.029   6.669   -0.341  1.00 43.13 ? 134 HOH A O   1 
HETATM 1007 O  O   . HOH C 3 .   ? 1.089   9.805   -13.800 1.00 16.94 ? 135 HOH A O   1 
HETATM 1008 O  O   . HOH C 3 .   ? -12.661 1.087   9.441   1.00 33.75 ? 136 HOH A O   1 
HETATM 1009 O  O   . HOH C 3 .   ? -13.760 7.474   2.165   1.00 44.82 ? 137 HOH A O   1 
HETATM 1010 O  O   . HOH C 3 .   ? 3.132   8.812   6.970   1.00 47.31 ? 138 HOH A O   1 
HETATM 1011 O  O   . HOH C 3 .   ? -11.734 7.088   0.268   1.00 25.77 ? 139 HOH A O   1 
HETATM 1012 O  O   . HOH C 3 .   ? 7.804   5.962   -4.849  1.00 41.66 ? 140 HOH A O   1 
HETATM 1013 O  O   . HOH C 3 .   ? -6.439  9.852   -11.690 1.00 24.05 ? 141 HOH A O   1 
HETATM 1014 O  O   . HOH C 3 .   ? 3.485   1.763   -20.384 1.00 19.48 ? 142 HOH A O   1 
HETATM 1015 O  O   . HOH C 3 .   ? -11.956 7.131   -7.547  1.00 17.63 ? 143 HOH A O   1 
HETATM 1016 O  O   . HOH C 3 .   ? -11.439 1.205   -6.335  1.00 21.76 ? 144 HOH A O   1 
HETATM 1017 O  O   . HOH C 3 .   ? 1.592   -9.738  0.681   1.00 17.17 ? 145 HOH A O   1 
HETATM 1018 O  O   . HOH C 3 .   ? 1.743   13.835  -9.846  1.00 39.29 ? 146 HOH A O   1 
HETATM 1019 O  O   . HOH C 3 .   ? 8.191   -10.389 18.015  1.00 22.47 ? 147 HOH A O   1 
HETATM 1020 O  O   . HOH C 3 .   ? -5.989  -4.519  18.543  1.00 47.74 ? 148 HOH A O   1 
HETATM 1021 O  O   . HOH C 3 .   ? 4.838   8.291   4.035   1.00 40.35 ? 149 HOH A O   1 
HETATM 1022 O  O   . HOH C 3 .   ? 4.952   7.628   1.354   1.00 30.54 ? 150 HOH A O   1 
HETATM 1023 O  O   . HOH C 3 .   ? 2.864   20.957  -15.222 1.00 64.42 ? 151 HOH A O   1 
HETATM 1024 O  O   . HOH C 3 .   ? 17.606  3.389   7.081   1.00 52.06 ? 152 HOH A O   1 
HETATM 1025 O  O   . HOH C 3 .   ? 10.769  -8.791  17.884  1.00 30.81 ? 153 HOH A O   1 
HETATM 1026 O  O   . HOH C 3 .   ? -13.817 5.083   -7.591  1.00 44.69 ? 154 HOH A O   1 
HETATM 1027 O  O   . HOH C 3 .   ? -8.135  3.098   -14.437 1.00 18.65 ? 155 HOH A O   1 
HETATM 1028 O  O   . HOH C 3 .   ? -8.122  0.044   -14.446 1.00 21.77 ? 156 HOH A O   1 
HETATM 1029 O  O   . HOH C 3 .   ? 6.683   13.688  -16.245 1.00 39.20 ? 157 HOH A O   1 
HETATM 1030 O  O   . HOH C 3 .   ? -6.112  8.935   -15.396 1.00 27.11 ? 158 HOH A O   1 
HETATM 1031 O  O   . HOH C 3 .   ? -2.718  13.010  -18.418 1.00 41.21 ? 159 HOH A O   1 
HETATM 1032 O  O   . HOH C 3 .   ? -4.817  3.567   -17.014 1.00 26.28 ? 160 HOH A O   1 
HETATM 1033 O  O   . HOH C 3 .   ? 1.805   -7.078  -13.715 1.00 52.93 ? 161 HOH A O   1 
HETATM 1034 O  O   . HOH C 3 .   ? 9.468   -10.156 -5.847  1.00 50.61 ? 162 HOH A O   1 
HETATM 1035 O  O   . HOH C 3 .   ? 12.201  -7.966  -6.765  1.00 44.82 ? 163 HOH A O   1 
HETATM 1036 O  O   . HOH C 3 .   ? 13.366  -3.820  -9.246  1.00 38.97 ? 164 HOH A O   1 
HETATM 1037 O  O   . HOH C 3 .   ? 9.722   3.547   -2.863  1.00 53.13 ? 165 HOH A O   1 
HETATM 1038 O  O   . HOH C 3 .   ? 6.393   -3.345  14.968  1.00 27.68 ? 166 HOH A O   1 
HETATM 1039 O  O   . HOH C 3 .   ? 5.308   -2.632  17.819  1.00 44.14 ? 167 HOH A O   1 
HETATM 1040 O  O   . HOH C 3 .   ? -17.124 3.726   3.588   1.00 60.16 ? 168 HOH A O   1 
HETATM 1041 O  O   . HOH C 3 .   ? 3.034   15.860  0.411   1.00 36.98 ? 169 HOH A O   1 
HETATM 1042 O  O   . HOH C 3 .   ? 10.219  0.998   -12.524 1.00 48.33 ? 170 HOH A O   1 
HETATM 1043 O  O   . HOH C 3 .   ? -3.361  -13.190 -6.484  1.00 25.72 ? 171 HOH A O   1 
HETATM 1044 O  O   . HOH C 3 .   ? 1.535   -9.747  -11.461 1.00 46.63 ? 172 HOH A O   1 
HETATM 1045 O  O   . HOH C 3 .   ? 12.677  -0.284  13.824  1.00 44.69 ? 173 HOH A O   1 
HETATM 1046 O  O   . HOH C 3 .   ? 10.192  -2.443  13.813  1.00 46.61 ? 174 HOH A O   1 
HETATM 1047 O  O   . HOH C 3 .   ? -8.571  -1.690  15.442  1.00 21.52 ? 175 HOH A O   1 
HETATM 1048 O  O   . HOH C 3 .   ? -2.298  -14.090 -0.690  1.00 41.40 ? 176 HOH A O   1 
HETATM 1049 O  O   . HOH C 3 .   ? 0.873   9.982   4.359   1.00 54.91 ? 177 HOH A O   1 
HETATM 1050 O  O   . HOH C 3 .   ? -2.978  9.693   7.960   1.00 37.41 ? 178 HOH A O   1 
HETATM 1051 O  O   . HOH C 3 .   ? -15.308 8.614   4.766   1.00 35.16 ? 179 HOH A O   1 
HETATM 1052 O  O   . HOH C 3 .   ? 2.715   -15.818 -2.757  1.00 46.44 ? 180 HOH A O   1 
HETATM 1053 O  O   . HOH C 3 .   ? 11.200  13.607  -2.243  1.00 52.51 ? 181 HOH A O   1 
HETATM 1054 O  O   . HOH C 3 .   ? 3.863   -8.498  -11.973 1.00 52.85 ? 182 HOH A O   1 
HETATM 1055 O  O   . HOH C 3 .   ? 1.517   -9.713  -15.381 1.00 55.53 ? 183 HOH A O   1 
HETATM 1056 O  O   . HOH C 3 .   ? 16.270  -0.319  -4.457  1.00 52.74 ? 184 HOH A O   1 
HETATM 1057 O  O   . HOH C 3 .   ? 8.002   -9.624  15.136  1.00 22.09 ? 185 HOH A O   1 
HETATM 1058 O  O   . HOH C 3 .   ? -2.140  -8.508  -9.422  1.00 23.09 ? 186 HOH A O   1 
HETATM 1059 O  O   . HOH C 3 .   ? -4.312  -1.339  -21.221 1.00 35.14 ? 187 HOH A O   1 
HETATM 1060 O  O   . HOH C 3 .   ? 17.152  -0.964  -7.842  1.00 59.18 ? 188 HOH A O   1 
HETATM 1061 O  O   . HOH C 3 .   ? 3.239   -12.032 -16.228 1.00 67.01 ? 189 HOH A O   1 
HETATM 1062 O  O   . HOH C 3 .   ? 6.270   14.171  -10.801 1.00 38.59 ? 190 HOH A O   1 
HETATM 1063 O  O   . HOH C 3 .   ? -8.289  10.432  7.632   1.00 47.47 ? 191 HOH A O   1 
HETATM 1064 O  O   . HOH C 3 .   ? -13.497 -10.535 13.522  1.00 53.22 ? 192 HOH A O   1 
HETATM 1065 O  O   . HOH C 3 .   ? 7.559   10.405  -15.040 1.00 31.42 ? 193 HOH A O   1 
HETATM 1066 O  O   . HOH C 3 .   ? -13.815 0.195   -6.998  1.00 26.73 ? 194 HOH A O   1 
HETATM 1067 O  O   . HOH C 3 .   ? 13.092  -9.416  12.659  1.00 48.01 ? 195 HOH A O   1 
HETATM 1068 O  O   . HOH C 3 .   ? -1.049  -10.426 19.651  1.00 40.57 ? 196 HOH A O   1 
HETATM 1069 O  O   . HOH C 3 .   ? 9.220   4.729   -15.853 1.00 20.00 ? 197 HOH A O   1 
# 
